data_4Q0D
#
_entry.id   4Q0D
#
_cell.length_a   213.611
_cell.length_b   115.031
_cell.length_c   217.643
_cell.angle_alpha   90.00
_cell.angle_beta   93.92
_cell.angle_gamma   90.00
#
_symmetry.space_group_name_H-M   'C 1 2 1'
#
loop_
_entity.id
_entity.type
_entity.pdbx_description
1 polymer 'Bifunctional dihydrofolate reductase-thymidylate synthase'
2 non-polymer 'NADPH DIHYDRO-NICOTINAMIDE-ADENINE-DINUCLEOTIDE PHOSPHATE'
3 non-polymer "5-FLUORO-2'-DEOXYURIDINE-5'-MONOPHOSPHATE"
4 non-polymer 'N-{4-[(2-amino-4-hydroxy-7H-pyrrolo[2,3-d]pyrimidin-5-yl)methyl]benzoyl}-L-glutamic acid'
5 non-polymer METHOTREXATE
#
_entity_poly.entity_id   1
_entity_poly.type   'polypeptide(L)'
_entity_poly.pdbx_seq_one_letter_code
;MSEKNVSIVVAASVLSSGIGINGQLPWSISEDLKFFSKITNNKCDSNKKNALIMGRKTWDSIGRRPLKNRIIVVISSSLP
QDEADPNVVVFRNLEDSIENLMNDDSIENIFVCGGESIYRDALKDNFVDRIYLTRVALEDIEFDTYFPEIPETFLPVYMS
QTFCTKNISYDFMIFEKQEKKTLQNCDPARGQLKSIDDTVDLLGEIFGIRKMGNRHKFPKEEIYNTPSIRFGREHYEFQY
LDLLSRVLENGAYRENRTGISTYSIFGQMMRFDMRESFPLLTTKKVAIRSIFEELIWFIKGDTNGNHLIEKKVYIWSGNG
SKEYLERIGLGHREENDLGPIYGFQWRHYNGEYKTMHDDYTGVGVDQLAKLIETLKNNPKDRRHILTAWNPSALSQMALP
PCHVLSQYYVTNDNCLSCNLYQRSCDLGLGSPFNIASYAILTMMLAQVCGYEPGELAIFIGDAHIYENHLTQLKEQLSRT
PRPFPQLKFKRKVENIEDFKWEDIELIGYYPYPTIKMDMAV
;
_entity_poly.pdbx_strand_id   E,A,B,C,D
#
# COMPACT_ATOMS: atom_id res chain seq x y z
N GLU A 3 -21.51 33.39 -20.06
CA GLU A 3 -22.47 33.06 -19.02
C GLU A 3 -22.63 31.54 -18.88
N LYS A 4 -22.01 30.98 -17.86
CA LYS A 4 -22.09 29.54 -17.61
C LYS A 4 -22.62 29.26 -16.20
N ASN A 5 -22.77 27.99 -15.86
CA ASN A 5 -23.45 27.61 -14.64
C ASN A 5 -22.56 27.59 -13.40
N VAL A 6 -23.07 28.12 -12.28
CA VAL A 6 -22.34 28.16 -11.03
C VAL A 6 -23.11 27.42 -9.93
N SER A 7 -22.50 26.33 -9.42
CA SER A 7 -23.18 25.49 -8.45
C SER A 7 -22.44 25.39 -7.12
N ILE A 8 -23.18 25.40 -6.02
CA ILE A 8 -22.60 25.17 -4.70
C ILE A 8 -22.65 23.68 -4.37
N VAL A 9 -21.50 23.13 -4.01
CA VAL A 9 -21.42 21.75 -3.55
C VAL A 9 -21.01 21.71 -2.10
N VAL A 10 -21.88 21.19 -1.23
CA VAL A 10 -21.61 21.23 0.20
C VAL A 10 -22.24 20.04 0.93
N ALA A 11 -21.56 19.59 1.99
CA ALA A 11 -22.11 18.57 2.88
C ALA A 11 -22.23 19.14 4.29
N ALA A 12 -23.46 19.28 4.76
CA ALA A 12 -23.70 19.85 6.09
C ALA A 12 -24.56 18.94 6.96
N SER A 13 -24.49 19.14 8.27
CA SER A 13 -25.31 18.39 9.20
C SER A 13 -26.78 18.71 8.97
N VAL A 14 -27.65 17.75 9.29
CA VAL A 14 -29.07 17.84 8.96
C VAL A 14 -29.77 19.02 9.65
N LEU A 15 -29.39 19.31 10.89
CA LEU A 15 -30.07 20.33 11.68
C LEU A 15 -29.28 21.65 11.75
N SER A 16 -28.11 21.61 12.38
CA SER A 16 -27.33 22.82 12.62
C SER A 16 -26.51 23.23 11.40
N SER A 17 -26.54 22.39 10.36
CA SER A 17 -25.87 22.68 9.09
C SER A 17 -24.35 22.90 9.24
N GLY A 18 -23.76 22.31 10.27
CA GLY A 18 -22.32 22.39 10.46
C GLY A 18 -21.57 21.63 9.39
N ILE A 19 -20.66 22.31 8.69
CA ILE A 19 -19.86 21.67 7.65
C ILE A 19 -18.44 21.27 8.05
N GLY A 20 -18.00 21.63 9.25
CA GLY A 20 -16.62 21.35 9.63
C GLY A 20 -16.22 21.67 11.06
N ILE A 21 -15.14 21.03 11.51
CA ILE A 21 -14.60 21.27 12.84
C ILE A 21 -13.06 21.21 12.85
N ASN A 22 -12.43 22.21 13.46
CA ASN A 22 -10.98 22.26 13.65
C ASN A 22 -10.16 22.03 12.38
N GLY A 23 -10.53 22.71 11.30
CA GLY A 23 -9.77 22.65 10.06
C GLY A 23 -9.90 21.33 9.33
N GLN A 24 -10.99 20.61 9.61
CA GLN A 24 -11.26 19.35 8.93
C GLN A 24 -12.75 18.99 9.00
N LEU A 25 -13.09 17.82 8.47
CA LEU A 25 -14.48 17.38 8.44
C LEU A 25 -14.85 16.63 9.73
N PRO A 26 -16.05 16.90 10.24
CA PRO A 26 -16.59 16.24 11.44
C PRO A 26 -16.91 14.77 11.19
N TRP A 27 -16.95 14.38 9.92
CA TRP A 27 -17.24 13.01 9.54
C TRP A 27 -16.26 12.52 8.47
N SER A 28 -16.16 11.20 8.33
CA SER A 28 -15.47 10.63 7.17
C SER A 28 -16.43 9.72 6.42
N ILE A 29 -16.84 10.16 5.23
CA ILE A 29 -17.75 9.38 4.40
C ILE A 29 -17.18 9.22 3.00
N SER A 30 -16.81 7.99 2.66
CA SER A 30 -16.11 7.71 1.41
C SER A 30 -16.99 8.01 0.19
N GLU A 31 -18.25 7.58 0.27
CA GLU A 31 -19.17 7.74 -0.85
C GLU A 31 -19.42 9.21 -1.19
N ASP A 32 -19.41 10.07 -0.18
CA ASP A 32 -19.69 11.49 -0.38
C ASP A 32 -18.54 12.19 -1.09
N LEU A 33 -17.31 11.78 -0.79
CA LEU A 33 -16.14 12.34 -1.46
C LEU A 33 -16.16 11.93 -2.93
N LYS A 34 -16.59 10.69 -3.18
CA LYS A 34 -16.71 10.20 -4.55
C LYS A 34 -17.84 10.91 -5.27
N PHE A 35 -18.86 11.32 -4.51
CA PHE A 35 -19.95 12.11 -5.05
C PHE A 35 -19.44 13.49 -5.45
N PHE A 36 -18.66 14.09 -4.56
CA PHE A 36 -18.02 15.37 -4.85
C PHE A 36 -17.14 15.26 -6.09
N SER A 37 -16.43 14.14 -6.20
CA SER A 37 -15.52 13.92 -7.31
C SER A 37 -16.26 13.83 -8.64
N LYS A 38 -17.36 13.07 -8.66
CA LYS A 38 -18.08 12.84 -9.91
C LYS A 38 -18.94 14.03 -10.31
N ILE A 39 -19.45 14.75 -9.32
CA ILE A 39 -20.33 15.88 -9.61
C ILE A 39 -19.53 17.10 -10.09
N THR A 40 -18.28 17.20 -9.64
CA THR A 40 -17.42 18.31 -10.05
C THR A 40 -16.61 17.98 -11.29
N ASN A 41 -16.56 16.69 -11.65
CA ASN A 41 -15.86 16.26 -12.86
C ASN A 41 -16.82 16.12 -14.03
N ASN A 42 -18.08 16.48 -13.80
CA ASN A 42 -19.10 16.35 -14.82
C ASN A 42 -18.98 17.45 -15.86
N LYS A 43 -18.73 17.06 -17.10
CA LYS A 43 -18.51 18.03 -18.18
C LYS A 43 -19.03 17.51 -19.52
N CYS A 44 -19.61 18.40 -20.30
CA CYS A 44 -20.11 18.06 -21.63
C CYS A 44 -18.96 18.04 -22.64
N ASP A 45 -18.06 19.01 -22.53
CA ASP A 45 -16.93 19.13 -23.45
C ASP A 45 -15.69 18.48 -22.87
N SER A 46 -15.01 17.67 -23.69
CA SER A 46 -13.80 16.97 -23.25
C SER A 46 -12.59 17.89 -23.22
N ASN A 47 -12.66 18.98 -23.98
CA ASN A 47 -11.55 19.92 -24.08
C ASN A 47 -11.63 21.02 -23.03
N LYS A 48 -12.60 20.93 -22.14
CA LYS A 48 -12.78 21.92 -21.10
C LYS A 48 -12.60 21.33 -19.70
N LYS A 49 -12.28 22.18 -18.73
CA LYS A 49 -12.13 21.78 -17.34
C LYS A 49 -13.13 22.53 -16.47
N ASN A 50 -13.44 21.98 -15.31
CA ASN A 50 -14.33 22.65 -14.37
C ASN A 50 -13.58 23.36 -13.25
N ALA A 51 -13.90 24.63 -13.04
CA ALA A 51 -13.24 25.43 -12.01
C ALA A 51 -13.90 25.22 -10.65
N LEU A 52 -13.09 25.01 -9.63
CA LEU A 52 -13.58 24.82 -8.26
C LEU A 52 -13.09 25.93 -7.35
N ILE A 53 -14.02 26.77 -6.89
CA ILE A 53 -13.67 27.88 -6.01
C ILE A 53 -13.74 27.45 -4.54
N MET A 54 -12.71 27.75 -3.77
CA MET A 54 -12.67 27.39 -2.35
C MET A 54 -11.84 28.39 -1.56
N GLY A 55 -12.18 28.56 -0.29
CA GLY A 55 -11.43 29.44 0.59
C GLY A 55 -10.03 28.92 0.87
N ARG A 56 -9.19 29.76 1.45
CA ARG A 56 -7.81 29.38 1.74
C ARG A 56 -7.75 28.23 2.74
N LYS A 57 -8.55 28.34 3.80
CA LYS A 57 -8.54 27.33 4.85
C LYS A 57 -9.03 25.98 4.33
N THR A 58 -9.95 26.01 3.36
CA THR A 58 -10.42 24.80 2.70
C THR A 58 -9.30 24.24 1.81
N TRP A 59 -8.61 25.14 1.13
CA TRP A 59 -7.45 24.77 0.31
C TRP A 59 -6.37 24.14 1.17
N ASP A 60 -6.28 24.58 2.42
CA ASP A 60 -5.37 23.98 3.38
C ASP A 60 -5.84 22.58 3.78
N SER A 61 -7.16 22.44 3.94
CA SER A 61 -7.75 21.20 4.43
C SER A 61 -7.55 20.02 3.49
N ILE A 62 -7.40 20.29 2.20
CA ILE A 62 -7.20 19.23 1.22
C ILE A 62 -5.70 18.94 1.04
N GLY A 63 -4.87 19.62 1.83
CA GLY A 63 -3.45 19.36 1.83
C GLY A 63 -2.69 20.15 0.78
N ARG A 64 -3.34 21.19 0.26
CA ARG A 64 -2.76 22.05 -0.76
C ARG A 64 -2.23 21.27 -1.95
N ARG A 65 -3.06 20.39 -2.48
CA ARG A 65 -2.73 19.61 -3.67
C ARG A 65 -3.85 19.68 -4.69
N PRO A 66 -3.50 19.74 -5.98
CA PRO A 66 -4.49 19.92 -7.04
C PRO A 66 -5.43 18.73 -7.19
N LEU A 67 -6.65 18.98 -7.64
CA LEU A 67 -7.60 17.92 -7.94
C LEU A 67 -7.51 17.57 -9.42
N LYS A 68 -7.48 16.27 -9.71
CA LYS A 68 -7.26 15.78 -11.07
C LYS A 68 -8.35 16.24 -12.03
N ASN A 69 -7.93 16.67 -13.23
CA ASN A 69 -8.83 17.07 -14.30
C ASN A 69 -9.71 18.26 -13.93
N ARG A 70 -9.25 19.06 -12.97
CA ARG A 70 -9.99 20.23 -12.52
C ARG A 70 -9.05 21.36 -12.15
N ILE A 71 -9.51 22.60 -12.33
CA ILE A 71 -8.71 23.76 -11.96
C ILE A 71 -9.21 24.35 -10.66
N ILE A 72 -8.39 24.26 -9.61
CA ILE A 72 -8.76 24.78 -8.31
C ILE A 72 -8.52 26.28 -8.23
N VAL A 73 -9.55 27.02 -7.81
CA VAL A 73 -9.42 28.46 -7.60
C VAL A 73 -9.46 28.78 -6.12
N VAL A 74 -8.34 29.25 -5.59
CA VAL A 74 -8.23 29.55 -4.17
C VAL A 74 -8.43 31.05 -3.92
N ILE A 75 -9.30 31.36 -2.96
CA ILE A 75 -9.54 32.75 -2.60
C ILE A 75 -8.72 33.13 -1.36
N SER A 76 -7.75 34.01 -1.54
CA SER A 76 -6.93 34.47 -0.44
C SER A 76 -6.40 35.88 -0.67
N SER A 77 -6.27 36.65 0.41
CA SER A 77 -5.66 37.96 0.35
C SER A 77 -4.18 37.89 0.73
N SER A 78 -3.75 36.69 1.10
CA SER A 78 -2.38 36.46 1.55
C SER A 78 -1.56 35.70 0.50
N LEU A 79 -2.02 34.49 0.18
CA LEU A 79 -1.33 33.61 -0.75
C LEU A 79 -0.94 34.29 -2.06
N PRO A 80 0.32 34.11 -2.47
CA PRO A 80 0.84 34.66 -3.72
C PRO A 80 0.09 34.08 -4.91
N GLN A 81 0.03 34.81 -6.01
CA GLN A 81 -0.61 34.30 -7.20
C GLN A 81 0.43 33.59 -8.03
N ASP A 82 0.31 32.27 -8.08
CA ASP A 82 1.39 31.44 -8.60
C ASP A 82 1.10 30.95 -10.01
N GLU A 83 2.01 31.26 -10.92
CA GLU A 83 1.91 30.84 -12.31
C GLU A 83 2.62 29.51 -12.51
N ALA A 84 3.10 28.92 -11.42
CA ALA A 84 3.82 27.65 -11.48
C ALA A 84 2.86 26.49 -11.75
N ASP A 85 1.96 26.23 -10.81
CA ASP A 85 0.97 25.17 -10.98
C ASP A 85 -0.17 25.66 -11.85
N PRO A 86 -0.32 25.07 -13.05
CA PRO A 86 -1.35 25.47 -14.01
C PRO A 86 -2.76 25.07 -13.58
N ASN A 87 -2.87 24.12 -12.66
CA ASN A 87 -4.18 23.64 -12.21
C ASN A 87 -4.67 24.35 -10.96
N VAL A 88 -3.87 25.29 -10.46
CA VAL A 88 -4.25 26.08 -9.29
C VAL A 88 -4.01 27.56 -9.54
N VAL A 89 -4.99 28.39 -9.19
CA VAL A 89 -4.86 29.83 -9.37
C VAL A 89 -5.46 30.56 -8.17
N VAL A 90 -4.88 31.70 -7.81
CA VAL A 90 -5.33 32.45 -6.64
C VAL A 90 -5.87 33.83 -7.03
N PHE A 91 -7.05 34.16 -6.50
CA PHE A 91 -7.65 35.47 -6.71
C PHE A 91 -7.81 36.22 -5.40
N ARG A 92 -7.81 37.55 -5.46
CA ARG A 92 -7.85 38.38 -4.25
C ARG A 92 -9.24 38.48 -3.66
N ASN A 93 -10.26 38.38 -4.50
CA ASN A 93 -11.64 38.43 -4.04
C ASN A 93 -12.53 37.47 -4.82
N LEU A 94 -13.71 37.20 -4.28
CA LEU A 94 -14.62 36.23 -4.89
C LEU A 94 -15.16 36.69 -6.24
N GLU A 95 -15.57 37.95 -6.33
CA GLU A 95 -16.19 38.45 -7.55
C GLU A 95 -15.23 38.48 -8.74
N ASP A 96 -13.97 38.81 -8.47
CA ASP A 96 -12.96 38.82 -9.52
C ASP A 96 -12.68 37.41 -10.02
N SER A 97 -12.95 36.41 -9.17
CA SER A 97 -12.76 35.02 -9.54
C SER A 97 -13.92 34.51 -10.40
N ILE A 98 -14.93 35.34 -10.56
CA ILE A 98 -16.08 35.01 -11.40
C ILE A 98 -15.79 35.48 -12.83
N GLU A 99 -14.56 35.93 -13.05
CA GLU A 99 -14.07 36.23 -14.38
C GLU A 99 -14.21 35.03 -15.33
N ASN A 100 -14.29 33.83 -14.75
CA ASN A 100 -14.50 32.60 -15.52
C ASN A 100 -15.73 32.66 -16.43
N LEU A 101 -16.67 33.54 -16.09
CA LEU A 101 -17.84 33.78 -16.94
C LEU A 101 -17.45 34.58 -18.16
N MET A 102 -17.02 35.82 -17.94
CA MET A 102 -16.75 36.79 -19.00
C MET A 102 -15.73 36.30 -20.03
N ASN A 103 -14.73 35.56 -19.56
CA ASN A 103 -13.70 35.04 -20.45
C ASN A 103 -13.32 33.62 -20.07
N ASP A 104 -12.22 33.12 -20.67
CA ASP A 104 -11.73 31.78 -20.38
C ASP A 104 -12.78 30.73 -20.73
N ASP A 105 -12.97 30.52 -22.03
CA ASP A 105 -13.99 29.60 -22.52
C ASP A 105 -13.52 28.17 -22.42
N SER A 106 -12.30 27.98 -21.92
CA SER A 106 -11.78 26.65 -21.64
C SER A 106 -12.40 26.10 -20.36
N ILE A 107 -13.13 26.95 -19.65
CA ILE A 107 -13.87 26.53 -18.46
C ILE A 107 -15.35 26.38 -18.81
N GLU A 108 -15.89 25.19 -18.60
CA GLU A 108 -17.28 24.90 -18.92
C GLU A 108 -18.21 25.27 -17.77
N ASN A 109 -18.05 24.57 -16.65
CA ASN A 109 -18.89 24.82 -15.48
C ASN A 109 -18.09 25.30 -14.28
N ILE A 110 -18.76 25.99 -13.36
CA ILE A 110 -18.11 26.49 -12.16
C ILE A 110 -18.79 25.92 -10.91
N PHE A 111 -17.98 25.45 -9.97
CA PHE A 111 -18.50 24.97 -8.70
C PHE A 111 -17.90 25.74 -7.53
N VAL A 112 -18.72 26.03 -6.52
CA VAL A 112 -18.20 26.64 -5.31
C VAL A 112 -18.08 25.58 -4.22
N CYS A 113 -16.85 25.18 -3.92
CA CYS A 113 -16.58 24.19 -2.89
C CYS A 113 -16.55 24.86 -1.52
N GLY A 114 -16.35 26.18 -1.55
CA GLY A 114 -16.65 27.03 -0.42
C GLY A 114 -15.86 26.94 0.87
N GLY A 115 -16.60 26.66 1.94
CA GLY A 115 -16.20 27.00 3.29
C GLY A 115 -17.15 28.12 3.69
N GLU A 116 -17.39 28.29 4.98
CA GLU A 116 -18.45 29.20 5.44
C GLU A 116 -18.30 30.62 4.91
N SER A 117 -17.08 31.15 4.98
CA SER A 117 -16.82 32.52 4.54
C SER A 117 -17.13 32.70 3.06
N ILE A 118 -16.83 31.68 2.27
CA ILE A 118 -17.07 31.74 0.84
C ILE A 118 -18.55 31.52 0.51
N TYR A 119 -19.13 30.49 1.11
CA TYR A 119 -20.55 30.18 0.90
C TYR A 119 -21.46 31.35 1.19
N ARG A 120 -21.22 32.01 2.31
CA ARG A 120 -22.11 33.05 2.81
C ARG A 120 -22.24 34.24 1.85
N ASP A 121 -21.11 34.75 1.36
CA ASP A 121 -21.15 35.90 0.46
C ASP A 121 -21.16 35.49 -1.01
N ALA A 122 -21.18 34.18 -1.27
CA ALA A 122 -21.44 33.69 -2.62
C ALA A 122 -22.94 33.71 -2.86
N LEU A 123 -23.70 33.42 -1.81
CA LEU A 123 -25.15 33.50 -1.83
C LEU A 123 -25.61 34.94 -1.65
N LYS A 124 -24.93 35.66 -0.76
CA LYS A 124 -25.26 37.05 -0.45
C LYS A 124 -25.12 37.96 -1.67
N ASP A 125 -24.07 37.74 -2.46
CA ASP A 125 -23.87 38.51 -3.68
C ASP A 125 -24.55 37.84 -4.86
N ASN A 126 -25.22 36.72 -4.57
CA ASN A 126 -26.04 35.99 -5.53
C ASN A 126 -25.31 35.59 -6.82
N PHE A 127 -24.27 34.79 -6.68
CA PHE A 127 -23.58 34.21 -7.83
C PHE A 127 -24.02 32.78 -8.10
N VAL A 128 -24.89 32.26 -7.23
CA VAL A 128 -25.15 30.82 -7.19
C VAL A 128 -26.46 30.42 -7.87
N ASP A 129 -26.33 29.65 -8.95
CA ASP A 129 -27.49 29.13 -9.66
C ASP A 129 -28.07 27.87 -9.01
N ARG A 130 -27.19 26.98 -8.58
CA ARG A 130 -27.61 25.68 -8.08
C ARG A 130 -26.89 25.30 -6.78
N ILE A 131 -27.53 24.47 -5.97
CA ILE A 131 -26.93 24.01 -4.72
C ILE A 131 -27.01 22.49 -4.59
N TYR A 132 -25.86 21.85 -4.46
CA TYR A 132 -25.81 20.42 -4.17
C TYR A 132 -25.53 20.22 -2.69
N LEU A 133 -26.55 19.75 -1.98
CA LEU A 133 -26.44 19.59 -0.53
C LEU A 133 -26.47 18.14 -0.11
N THR A 134 -25.44 17.72 0.63
CA THR A 134 -25.45 16.40 1.23
C THR A 134 -25.76 16.53 2.71
N ARG A 135 -26.96 16.11 3.09
CA ARG A 135 -27.37 16.21 4.49
C ARG A 135 -26.85 15.02 5.28
N VAL A 136 -26.17 15.28 6.39
CA VAL A 136 -25.62 14.22 7.22
C VAL A 136 -26.35 14.15 8.56
N ALA A 137 -26.46 12.96 9.12
CA ALA A 137 -27.27 12.72 10.30
C ALA A 137 -26.52 12.93 11.62
N LEU A 138 -25.28 13.43 11.54
CA LEU A 138 -24.53 13.73 12.75
C LEU A 138 -24.89 15.12 13.31
N GLU A 139 -25.27 15.17 14.58
CA GLU A 139 -25.68 16.43 15.19
C GLU A 139 -24.97 16.74 16.51
N ASP A 140 -25.15 15.86 17.49
CA ASP A 140 -24.71 16.13 18.86
C ASP A 140 -23.22 16.41 19.00
N ILE A 141 -22.46 16.18 17.93
CA ILE A 141 -21.05 16.52 17.91
C ILE A 141 -20.82 18.03 17.80
N GLU A 142 -19.55 18.43 17.69
CA GLU A 142 -19.19 19.85 17.75
C GLU A 142 -18.77 20.42 16.40
N PHE A 143 -19.27 21.62 16.08
CA PHE A 143 -18.94 22.30 14.83
C PHE A 143 -18.44 23.71 15.06
N ASP A 144 -17.30 24.05 14.46
CA ASP A 144 -16.84 25.44 14.46
C ASP A 144 -17.16 26.16 13.15
N THR A 145 -17.75 25.44 12.20
CA THR A 145 -18.02 26.01 10.88
C THR A 145 -19.34 25.51 10.32
N TYR A 146 -20.14 26.41 9.75
CA TYR A 146 -21.49 26.07 9.32
C TYR A 146 -21.79 26.50 7.88
N PHE A 147 -22.86 25.95 7.31
CA PHE A 147 -23.34 26.34 5.99
C PHE A 147 -24.49 27.33 6.14
N PRO A 148 -24.37 28.50 5.51
CA PRO A 148 -25.36 29.58 5.63
C PRO A 148 -26.75 29.12 5.23
N GLU A 149 -27.77 29.64 5.90
CA GLU A 149 -29.15 29.26 5.61
C GLU A 149 -29.51 29.60 4.16
N ILE A 150 -30.02 28.61 3.44
CA ILE A 150 -30.35 28.78 2.03
C ILE A 150 -31.45 29.82 1.83
N PRO A 151 -31.15 30.86 1.03
CA PRO A 151 -32.12 31.92 0.73
C PRO A 151 -33.39 31.38 0.09
N GLU A 152 -34.50 32.10 0.27
CA GLU A 152 -35.80 31.63 -0.19
C GLU A 152 -35.91 31.59 -1.72
N THR A 153 -34.93 32.17 -2.39
CA THR A 153 -34.91 32.18 -3.86
C THR A 153 -34.71 30.77 -4.40
N PHE A 154 -34.20 29.88 -3.55
CA PHE A 154 -33.96 28.49 -3.93
C PHE A 154 -35.13 27.57 -3.54
N LEU A 155 -35.41 26.60 -4.38
CA LEU A 155 -36.36 25.54 -4.06
C LEU A 155 -35.74 24.18 -4.39
N PRO A 156 -35.97 23.18 -3.52
CA PRO A 156 -35.44 21.85 -3.81
C PRO A 156 -36.13 21.21 -5.01
N VAL A 157 -35.36 20.73 -5.98
CA VAL A 157 -35.94 19.93 -7.05
C VAL A 157 -35.70 18.43 -6.87
N TYR A 158 -34.89 18.07 -5.87
CA TYR A 158 -34.55 16.65 -5.68
C TYR A 158 -34.18 16.31 -4.23
N MET A 159 -34.61 15.14 -3.78
CA MET A 159 -34.15 14.57 -2.52
C MET A 159 -33.91 13.07 -2.68
N SER A 160 -32.68 12.62 -2.48
CA SER A 160 -32.35 11.22 -2.71
C SER A 160 -32.84 10.31 -1.57
N GLN A 161 -32.61 9.01 -1.74
CA GLN A 161 -32.92 8.04 -0.69
C GLN A 161 -31.88 8.15 0.41
N THR A 162 -32.20 7.65 1.59
CA THR A 162 -31.25 7.66 2.70
C THR A 162 -30.18 6.58 2.51
N PHE A 163 -28.92 6.96 2.65
CA PHE A 163 -27.80 6.02 2.52
C PHE A 163 -27.08 5.85 3.86
N CYS A 164 -26.42 4.71 4.04
CA CYS A 164 -25.72 4.42 5.29
C CYS A 164 -24.25 4.12 5.09
N THR A 165 -23.39 4.90 5.76
CA THR A 165 -21.96 4.63 5.77
C THR A 165 -21.44 4.72 7.21
N LYS A 166 -20.91 3.60 7.70
CA LYS A 166 -20.44 3.50 9.08
C LYS A 166 -21.56 3.88 10.05
N ASN A 167 -22.76 3.36 9.79
CA ASN A 167 -23.95 3.63 10.59
C ASN A 167 -24.35 5.11 10.60
N ILE A 168 -23.95 5.85 9.57
CA ILE A 168 -24.33 7.25 9.44
C ILE A 168 -25.26 7.45 8.25
N SER A 169 -26.41 8.05 8.51
CA SER A 169 -27.40 8.29 7.46
C SER A 169 -27.14 9.60 6.73
N TYR A 170 -27.33 9.59 5.41
CA TYR A 170 -27.22 10.83 4.65
C TYR A 170 -28.04 10.83 3.36
N ASP A 171 -28.44 12.03 2.94
CA ASP A 171 -29.20 12.23 1.70
C ASP A 171 -28.42 13.03 0.67
N PHE A 172 -29.03 13.22 -0.49
CA PHE A 172 -28.49 14.11 -1.51
C PHE A 172 -29.61 14.99 -2.06
N MET A 173 -29.48 16.30 -1.87
CA MET A 173 -30.52 17.21 -2.33
C MET A 173 -29.98 18.20 -3.37
N ILE A 174 -30.87 18.62 -4.27
CA ILE A 174 -30.52 19.64 -5.26
C ILE A 174 -31.47 20.82 -5.16
N PHE A 175 -30.91 22.00 -4.87
CA PHE A 175 -31.70 23.22 -4.85
C PHE A 175 -31.41 24.04 -6.09
N GLU A 176 -32.45 24.65 -6.65
CA GLU A 176 -32.28 25.53 -7.81
C GLU A 176 -32.90 26.89 -7.57
N LYS A 177 -32.37 27.89 -8.25
CA LYS A 177 -32.86 29.25 -8.10
C LYS A 177 -33.95 29.50 -9.13
N GLN A 178 -35.19 29.66 -8.66
CA GLN A 178 -36.34 29.68 -9.55
C GLN A 178 -37.16 30.95 -9.41
N GLU A 179 -37.41 31.61 -10.53
CA GLU A 179 -38.14 32.87 -10.56
C GLU A 179 -39.31 32.84 -11.54
N LYS A 180 -39.00 32.63 -12.81
CA LYS A 180 -39.96 32.78 -13.90
C LYS A 180 -41.02 31.68 -13.86
N LYS A 181 -41.99 31.76 -14.78
CA LYS A 181 -43.16 30.87 -14.81
C LYS A 181 -43.90 30.89 -13.49
N LEU A 193 -44.92 17.25 -23.86
CA LEU A 193 -45.59 17.85 -25.01
C LEU A 193 -47.01 18.28 -24.64
N LYS A 194 -47.40 19.45 -25.10
CA LYS A 194 -48.66 20.07 -24.71
C LYS A 194 -49.88 19.31 -25.24
N SER A 195 -49.67 18.50 -26.28
CA SER A 195 -50.77 17.79 -26.92
C SER A 195 -51.39 16.74 -26.01
N ILE A 196 -50.54 15.96 -25.34
CA ILE A 196 -51.02 14.90 -24.45
C ILE A 196 -51.73 15.48 -23.23
N ASP A 197 -51.15 16.52 -22.65
CA ASP A 197 -51.73 17.16 -21.48
C ASP A 197 -53.14 17.68 -21.74
N ASP A 198 -53.36 18.20 -22.94
CA ASP A 198 -54.67 18.73 -23.31
C ASP A 198 -55.69 17.62 -23.56
N THR A 199 -55.29 16.62 -24.34
CA THR A 199 -56.18 15.53 -24.72
C THR A 199 -56.74 14.78 -23.51
N VAL A 200 -55.87 14.50 -22.54
CA VAL A 200 -56.27 13.82 -21.31
C VAL A 200 -57.24 14.70 -20.51
N ASP A 201 -56.96 15.99 -20.45
CA ASP A 201 -57.83 16.94 -19.76
C ASP A 201 -59.22 16.98 -20.40
N LEU A 202 -59.26 16.96 -21.73
CA LEU A 202 -60.51 17.02 -22.46
C LEU A 202 -61.34 15.77 -22.23
N LEU A 203 -60.69 14.61 -22.27
CA LEU A 203 -61.36 13.35 -21.96
C LEU A 203 -61.90 13.38 -20.53
N GLY A 204 -61.16 14.03 -19.64
CA GLY A 204 -61.58 14.18 -18.26
C GLY A 204 -62.80 15.07 -18.12
N GLU A 205 -62.98 15.99 -19.08
CA GLU A 205 -64.16 16.85 -19.09
C GLU A 205 -65.36 16.09 -19.62
N ILE A 206 -65.17 15.41 -20.75
CA ILE A 206 -66.22 14.62 -21.37
C ILE A 206 -66.73 13.54 -20.43
N PHE A 207 -65.87 12.57 -20.14
CA PHE A 207 -66.21 11.52 -19.19
C PHE A 207 -66.11 12.05 -17.77
N GLY A 208 -67.01 11.57 -16.92
CA GLY A 208 -67.05 11.95 -15.53
C GLY A 208 -66.11 11.04 -14.77
N ILE A 209 -66.52 10.68 -13.55
CA ILE A 209 -65.80 9.69 -12.77
C ILE A 209 -65.67 8.36 -13.53
N ARG A 210 -66.39 8.24 -14.64
CA ARG A 210 -66.21 7.13 -15.58
C ARG A 210 -64.73 6.93 -15.92
N LYS A 211 -64.06 8.01 -16.29
CA LYS A 211 -62.63 7.95 -16.55
C LYS A 211 -61.90 7.74 -15.23
N MET A 212 -61.13 6.66 -15.14
CA MET A 212 -60.47 6.28 -13.89
C MET A 212 -59.42 7.30 -13.48
N GLY A 213 -58.87 8.01 -14.45
CA GLY A 213 -57.92 9.07 -14.19
C GLY A 213 -58.51 10.16 -13.32
N ASN A 214 -59.83 10.33 -13.38
CA ASN A 214 -60.52 11.30 -12.53
C ASN A 214 -60.80 10.77 -11.13
N ARG A 215 -60.82 9.46 -10.99
CA ARG A 215 -61.08 8.84 -9.69
C ARG A 215 -59.84 8.93 -8.80
N HIS A 216 -58.67 8.85 -9.44
CA HIS A 216 -57.42 9.14 -8.76
C HIS A 216 -56.87 10.45 -9.29
N LYS A 217 -56.98 11.52 -8.51
CA LYS A 217 -56.54 12.83 -8.96
C LYS A 217 -55.22 13.20 -8.30
N PHE A 218 -54.36 13.85 -9.07
CA PHE A 218 -53.08 14.32 -8.53
C PHE A 218 -53.36 15.40 -7.49
N PRO A 219 -52.80 15.22 -6.29
CA PRO A 219 -53.02 16.13 -5.15
C PRO A 219 -52.70 17.58 -5.48
N LYS A 220 -53.54 18.49 -4.99
CA LYS A 220 -53.31 19.92 -5.17
C LYS A 220 -52.05 20.33 -4.44
N GLU A 221 -51.40 21.38 -4.92
CA GLU A 221 -50.13 21.86 -4.36
C GLU A 221 -50.23 22.14 -2.86
N GLU A 222 -51.40 22.57 -2.42
CA GLU A 222 -51.61 22.91 -1.01
C GLU A 222 -51.39 21.71 -0.09
N ILE A 223 -51.90 20.55 -0.48
CA ILE A 223 -51.77 19.35 0.34
C ILE A 223 -50.61 18.46 -0.08
N TYR A 224 -49.82 18.91 -1.06
CA TYR A 224 -48.68 18.14 -1.54
C TYR A 224 -47.41 18.54 -0.79
N ASN A 225 -46.78 17.58 -0.11
CA ASN A 225 -45.60 17.85 0.70
C ASN A 225 -44.38 18.20 -0.13
N THR A 226 -43.77 19.34 0.18
CA THR A 226 -42.62 19.87 -0.55
C THR A 226 -42.89 19.86 -2.06
N PRO A 227 -43.81 20.73 -2.51
CA PRO A 227 -44.31 20.72 -3.89
C PRO A 227 -43.22 20.97 -4.92
N SER A 228 -42.18 21.69 -4.52
CA SER A 228 -41.10 22.07 -5.44
C SER A 228 -40.37 20.84 -5.97
N ILE A 229 -40.42 19.74 -5.23
CA ILE A 229 -39.79 18.50 -5.67
C ILE A 229 -40.81 17.67 -6.43
N ARG A 230 -40.61 17.55 -7.74
CA ARG A 230 -41.60 16.92 -8.60
C ARG A 230 -41.12 15.57 -9.10
N PHE A 231 -40.16 15.61 -10.02
CA PHE A 231 -39.59 14.40 -10.59
C PHE A 231 -38.48 13.86 -9.70
N GLY A 232 -38.16 14.63 -8.66
CA GLY A 232 -37.03 14.33 -7.82
C GLY A 232 -37.31 13.70 -6.48
N ARG A 233 -38.45 13.05 -6.31
CA ARG A 233 -38.69 12.43 -5.02
C ARG A 233 -38.20 10.99 -5.03
N GLU A 234 -37.00 10.80 -4.50
CA GLU A 234 -36.45 9.47 -4.26
C GLU A 234 -36.82 8.95 -2.88
N HIS A 235 -36.72 9.85 -1.90
CA HIS A 235 -36.88 9.51 -0.49
C HIS A 235 -38.18 8.76 -0.23
N TYR A 236 -38.07 7.65 0.50
CA TYR A 236 -39.19 6.74 0.64
C TYR A 236 -40.15 7.15 1.74
N GLU A 237 -39.87 8.26 2.42
CA GLU A 237 -40.85 8.82 3.34
C GLU A 237 -41.95 9.48 2.52
N PHE A 238 -41.58 9.87 1.30
CA PHE A 238 -42.55 10.43 0.36
C PHE A 238 -43.60 9.39 -0.03
N GLN A 239 -43.22 8.11 0.04
CA GLN A 239 -44.15 7.03 -0.24
C GLN A 239 -45.34 7.08 0.72
N TYR A 240 -45.07 7.47 1.97
CA TYR A 240 -46.12 7.67 2.95
C TYR A 240 -46.79 9.03 2.80
N LEU A 241 -45.98 10.07 2.57
CA LEU A 241 -46.48 11.44 2.56
C LEU A 241 -47.33 11.73 1.31
N ASP A 242 -47.03 11.05 0.21
CA ASP A 242 -47.81 11.23 -1.00
C ASP A 242 -49.12 10.45 -0.92
N LEU A 243 -49.09 9.31 -0.23
CA LEU A 243 -50.31 8.57 0.05
C LEU A 243 -51.21 9.39 0.96
N LEU A 244 -50.58 10.09 1.90
CA LEU A 244 -51.29 11.01 2.78
C LEU A 244 -52.02 12.06 1.95
N SER A 245 -51.34 12.56 0.92
CA SER A 245 -51.89 13.61 0.06
C SER A 245 -53.01 13.07 -0.84
N ARG A 246 -52.84 11.86 -1.35
CA ARG A 246 -53.83 11.27 -2.24
C ARG A 246 -55.16 11.05 -1.51
N VAL A 247 -55.08 10.73 -0.23
CA VAL A 247 -56.28 10.53 0.58
C VAL A 247 -56.95 11.87 0.86
N LEU A 248 -56.15 12.90 1.09
CA LEU A 248 -56.70 14.24 1.32
C LEU A 248 -57.37 14.79 0.07
N GLU A 249 -56.98 14.24 -1.08
CA GLU A 249 -57.53 14.68 -2.36
C GLU A 249 -58.77 13.86 -2.76
N ASN A 250 -58.57 12.57 -2.98
CA ASN A 250 -59.62 11.71 -3.51
C ASN A 250 -60.46 11.01 -2.44
N GLY A 251 -60.16 11.27 -1.18
CA GLY A 251 -60.80 10.56 -0.09
C GLY A 251 -62.30 10.78 0.00
N ALA A 252 -63.06 9.68 -0.03
CA ALA A 252 -64.50 9.76 0.09
C ALA A 252 -64.90 9.77 1.56
N TYR A 253 -65.75 10.73 1.94
CA TYR A 253 -66.21 10.82 3.32
C TYR A 253 -67.12 9.64 3.62
N ARG A 254 -66.74 8.85 4.62
CA ARG A 254 -67.44 7.59 4.90
C ARG A 254 -67.59 7.32 6.39
N GLU A 255 -68.76 6.84 6.77
CA GLU A 255 -69.01 6.43 8.15
C GLU A 255 -68.39 5.06 8.38
N ASN A 256 -68.10 4.76 9.65
CA ASN A 256 -67.59 3.44 10.02
C ASN A 256 -68.09 3.02 11.39
N ARG A 257 -67.57 1.92 11.92
CA ARG A 257 -68.01 1.40 13.21
C ARG A 257 -67.81 2.40 14.34
N THR A 258 -66.75 3.21 14.23
CA THR A 258 -66.51 4.28 15.19
C THR A 258 -67.38 5.49 14.84
N GLY A 259 -67.65 6.33 15.85
CA GLY A 259 -68.41 7.54 15.64
C GLY A 259 -67.68 8.56 14.79
N ILE A 260 -66.38 8.35 14.62
CA ILE A 260 -65.55 9.26 13.82
C ILE A 260 -65.45 8.78 12.38
N SER A 261 -66.01 9.57 11.46
CA SER A 261 -65.98 9.25 10.04
C SER A 261 -64.58 9.48 9.46
N THR A 262 -64.29 8.83 8.34
CA THR A 262 -62.99 8.95 7.71
C THR A 262 -63.08 9.45 6.27
N TYR A 263 -61.93 9.62 5.64
CA TYR A 263 -61.86 9.87 4.20
C TYR A 263 -61.08 8.72 3.58
N SER A 264 -61.76 7.89 2.78
CA SER A 264 -61.19 6.61 2.39
C SER A 264 -60.98 6.44 0.88
N ILE A 265 -59.85 5.85 0.52
CA ILE A 265 -59.60 5.40 -0.84
C ILE A 265 -59.16 3.94 -0.81
N PHE A 266 -59.23 3.27 -1.96
CA PHE A 266 -58.98 1.84 -2.03
C PHE A 266 -57.77 1.51 -2.90
N GLY A 267 -57.09 0.42 -2.58
CA GLY A 267 -56.00 -0.08 -3.41
C GLY A 267 -54.74 0.77 -3.50
N GLN A 268 -54.09 1.01 -2.36
CA GLN A 268 -52.84 1.79 -2.35
C GLN A 268 -51.66 0.98 -1.84
N MET A 269 -50.45 1.42 -2.17
CA MET A 269 -49.25 0.72 -1.73
C MET A 269 -48.09 1.67 -1.41
N MET A 270 -47.10 1.16 -0.67
CA MET A 270 -45.92 1.92 -0.29
C MET A 270 -44.66 1.04 -0.34
N ARG A 271 -43.58 1.57 -0.91
CA ARG A 271 -42.32 0.84 -0.97
C ARG A 271 -41.30 1.43 0.00
N PHE A 272 -40.44 0.58 0.55
CA PHE A 272 -39.43 1.03 1.50
C PHE A 272 -38.12 0.28 1.37
N ASP A 273 -37.01 0.99 1.52
CA ASP A 273 -35.68 0.41 1.50
C ASP A 273 -35.15 0.20 2.91
N MET A 274 -34.96 -1.05 3.30
CA MET A 274 -34.39 -1.36 4.60
C MET A 274 -32.89 -1.66 4.54
N ARG A 275 -32.33 -1.66 3.33
CA ARG A 275 -30.91 -1.98 3.17
C ARG A 275 -30.00 -0.87 3.70
N GLU A 276 -30.22 0.35 3.21
CA GLU A 276 -29.36 1.48 3.57
C GLU A 276 -29.96 2.36 4.67
N SER A 277 -31.15 2.02 5.15
CA SER A 277 -31.80 2.83 6.18
C SER A 277 -32.93 2.10 6.90
N PHE A 278 -33.54 2.78 7.87
CA PHE A 278 -34.70 2.26 8.58
C PHE A 278 -35.91 3.16 8.36
N PRO A 279 -36.97 2.62 7.74
CA PRO A 279 -38.16 3.40 7.40
C PRO A 279 -38.95 3.88 8.61
N LEU A 280 -38.38 4.83 9.35
CA LEU A 280 -39.08 5.46 10.47
C LEU A 280 -39.34 6.93 10.14
N LEU A 281 -40.60 7.33 10.21
CA LEU A 281 -41.01 8.68 9.80
C LEU A 281 -40.30 9.79 10.58
N THR A 282 -39.68 10.71 9.85
CA THR A 282 -38.99 11.84 10.47
C THR A 282 -39.81 13.12 10.48
N THR A 283 -41.00 13.09 9.88
CA THR A 283 -41.86 14.28 9.85
C THR A 283 -42.67 14.35 11.13
N LYS A 284 -42.65 13.26 11.89
CA LYS A 284 -43.32 13.19 13.18
C LYS A 284 -42.47 12.33 14.09
N LYS A 285 -42.38 12.67 15.37
CA LYS A 285 -41.63 11.84 16.28
C LYS A 285 -42.48 10.62 16.62
N VAL A 286 -41.98 9.45 16.24
CA VAL A 286 -42.71 8.21 16.43
C VAL A 286 -42.18 7.53 17.68
N ALA A 287 -43.06 6.86 18.41
CA ALA A 287 -42.61 6.17 19.61
C ALA A 287 -42.19 4.78 19.18
N ILE A 288 -40.88 4.56 19.17
CA ILE A 288 -40.30 3.33 18.66
C ILE A 288 -40.39 2.23 19.71
N ARG A 289 -40.28 2.62 20.98
CA ARG A 289 -40.35 1.66 22.08
C ARG A 289 -41.73 1.05 22.12
N SER A 290 -42.75 1.87 21.89
CA SER A 290 -44.13 1.40 21.87
C SER A 290 -44.33 0.41 20.72
N ILE A 291 -43.67 0.68 19.60
CA ILE A 291 -43.76 -0.19 18.42
C ILE A 291 -43.09 -1.54 18.67
N PHE A 292 -41.85 -1.49 19.13
CA PHE A 292 -41.09 -2.71 19.40
C PHE A 292 -41.79 -3.60 20.42
N GLU A 293 -42.15 -3.00 21.55
CA GLU A 293 -42.75 -3.75 22.65
C GLU A 293 -44.05 -4.42 22.22
N GLU A 294 -44.69 -3.87 21.18
CA GLU A 294 -45.88 -4.47 20.60
C GLU A 294 -45.51 -5.63 19.69
N LEU A 295 -44.37 -5.50 18.99
CA LEU A 295 -43.93 -6.54 18.06
C LEU A 295 -43.43 -7.76 18.80
N ILE A 296 -42.60 -7.55 19.82
CA ILE A 296 -42.08 -8.66 20.62
C ILE A 296 -43.24 -9.31 21.39
N TRP A 297 -44.29 -8.52 21.60
CA TRP A 297 -45.52 -8.99 22.21
C TRP A 297 -46.21 -9.98 21.28
N PHE A 298 -46.22 -9.66 19.99
CA PHE A 298 -46.76 -10.54 18.97
C PHE A 298 -45.92 -11.80 18.88
N ILE A 299 -44.61 -11.64 18.79
CA ILE A 299 -43.69 -12.75 18.61
C ILE A 299 -43.81 -13.77 19.74
N LYS A 300 -43.95 -13.29 20.97
CA LYS A 300 -44.10 -14.17 22.13
C LYS A 300 -45.46 -14.87 22.13
N GLY A 301 -46.39 -14.38 21.30
CA GLY A 301 -47.70 -14.98 21.21
C GLY A 301 -48.65 -14.49 22.28
N ASP A 302 -48.25 -13.42 22.97
CA ASP A 302 -48.99 -12.90 24.10
C ASP A 302 -50.24 -12.16 23.67
N THR A 303 -51.40 -12.59 24.18
CA THR A 303 -52.66 -11.91 23.93
C THR A 303 -53.06 -11.00 25.09
N ASN A 304 -52.24 -10.95 26.14
CA ASN A 304 -52.57 -10.17 27.32
C ASN A 304 -52.28 -8.69 27.10
N GLY A 305 -53.33 -7.87 27.22
CA GLY A 305 -53.22 -6.45 26.99
C GLY A 305 -52.54 -5.71 28.13
N ASN A 306 -52.58 -6.30 29.32
CA ASN A 306 -51.99 -5.67 30.50
C ASN A 306 -50.47 -5.68 30.43
N HIS A 307 -49.91 -6.71 29.80
CA HIS A 307 -48.46 -6.83 29.68
C HIS A 307 -47.85 -5.67 28.90
N LEU A 308 -48.65 -5.08 28.01
CA LEU A 308 -48.23 -3.89 27.28
C LEU A 308 -48.35 -2.65 28.15
N ILE A 309 -49.42 -2.60 28.95
CA ILE A 309 -49.67 -1.46 29.82
C ILE A 309 -48.64 -1.38 30.94
N GLU A 310 -48.23 -2.53 31.45
CA GLU A 310 -47.21 -2.59 32.50
C GLU A 310 -45.90 -2.01 32.00
N LYS A 311 -45.66 -2.14 30.70
CA LYS A 311 -44.47 -1.60 30.05
C LYS A 311 -44.74 -0.18 29.55
N LYS A 312 -45.91 0.34 29.92
CA LYS A 312 -46.33 1.70 29.58
C LYS A 312 -46.51 1.89 28.08
N VAL A 313 -47.14 0.91 27.44
CA VAL A 313 -47.59 1.06 26.06
C VAL A 313 -49.11 0.92 26.02
N TYR A 314 -49.78 2.03 25.76
CA TYR A 314 -51.22 2.12 25.92
C TYR A 314 -52.03 1.98 24.62
N ILE A 315 -51.35 1.69 23.52
CA ILE A 315 -52.00 1.69 22.20
C ILE A 315 -53.19 0.74 22.12
N TRP A 316 -53.15 -0.36 22.85
CA TRP A 316 -54.24 -1.34 22.83
C TRP A 316 -55.24 -1.15 23.96
N SER A 317 -55.06 -0.11 24.76
CA SER A 317 -55.95 0.15 25.90
C SER A 317 -57.37 0.45 25.42
N GLY A 318 -57.48 1.18 24.32
CA GLY A 318 -58.77 1.57 23.78
C GLY A 318 -59.65 0.39 23.42
N ASN A 319 -59.06 -0.58 22.72
CA ASN A 319 -59.77 -1.80 22.36
C ASN A 319 -59.67 -2.84 23.48
N GLY A 320 -58.92 -2.49 24.52
CA GLY A 320 -58.71 -3.38 25.65
C GLY A 320 -59.46 -2.97 26.92
N SER A 321 -60.48 -2.13 26.76
CA SER A 321 -61.23 -1.67 27.93
C SER A 321 -62.38 -2.61 28.25
N LYS A 322 -63.07 -2.33 29.35
CA LYS A 322 -64.22 -3.12 29.74
C LYS A 322 -65.46 -2.70 28.96
N GLU A 323 -65.59 -1.41 28.76
CA GLU A 323 -66.77 -0.83 28.10
C GLU A 323 -66.82 -1.21 26.63
N TYR A 324 -65.66 -1.28 25.99
CA TYR A 324 -65.56 -1.64 24.59
C TYR A 324 -65.89 -3.11 24.36
N LEU A 325 -65.41 -3.96 25.26
CA LEU A 325 -65.64 -5.40 25.16
C LEU A 325 -67.11 -5.76 25.34
N GLU A 326 -67.76 -5.11 26.30
CA GLU A 326 -69.18 -5.35 26.54
C GLU A 326 -70.03 -4.86 25.37
N ARG A 327 -69.50 -3.86 24.66
CA ARG A 327 -70.20 -3.27 23.54
C ARG A 327 -70.22 -4.19 22.32
N ILE A 328 -69.13 -4.93 22.12
CA ILE A 328 -69.03 -5.85 20.99
C ILE A 328 -69.47 -7.27 21.35
N GLY A 329 -69.97 -7.45 22.57
CA GLY A 329 -70.51 -8.74 22.99
C GLY A 329 -69.48 -9.64 23.66
N LEU A 330 -68.31 -9.07 23.93
CA LEU A 330 -67.23 -9.79 24.58
C LEU A 330 -67.22 -9.58 26.09
N GLY A 331 -68.27 -8.95 26.61
CA GLY A 331 -68.34 -8.56 28.02
C GLY A 331 -67.98 -9.62 29.04
N HIS A 332 -68.20 -10.87 28.68
CA HIS A 332 -67.77 -12.00 29.52
C HIS A 332 -66.28 -11.99 29.78
N ARG A 333 -65.52 -11.43 28.85
CA ARG A 333 -64.07 -11.46 28.89
C ARG A 333 -63.49 -10.56 29.98
N GLU A 334 -62.28 -10.87 30.41
CA GLU A 334 -61.55 -10.03 31.36
C GLU A 334 -61.20 -8.70 30.69
N GLU A 335 -60.90 -7.69 31.49
CA GLU A 335 -60.71 -6.33 31.01
C GLU A 335 -59.86 -6.21 29.76
N ASN A 336 -58.57 -6.54 29.86
CA ASN A 336 -57.66 -6.36 28.74
C ASN A 336 -57.42 -7.60 27.88
N ASP A 337 -58.16 -8.68 28.13
CA ASP A 337 -57.98 -9.88 27.33
C ASP A 337 -58.59 -9.67 25.95
N LEU A 338 -57.75 -9.75 24.92
CA LEU A 338 -58.13 -9.35 23.57
C LEU A 338 -58.54 -10.51 22.67
N GLY A 339 -58.42 -11.74 23.16
CA GLY A 339 -58.76 -12.90 22.36
C GLY A 339 -57.68 -13.29 21.38
N PRO A 340 -57.98 -14.24 20.48
CA PRO A 340 -57.03 -14.78 19.50
C PRO A 340 -56.60 -13.76 18.44
N ILE A 341 -55.92 -12.71 18.88
CA ILE A 341 -55.43 -11.66 17.99
C ILE A 341 -54.02 -11.95 17.50
N TYR A 342 -53.38 -10.92 16.93
CA TYR A 342 -52.03 -11.05 16.39
C TYR A 342 -51.11 -11.73 17.38
N GLY A 343 -50.31 -12.68 16.89
CA GLY A 343 -49.34 -13.38 17.69
C GLY A 343 -49.91 -14.63 18.31
N PHE A 344 -51.22 -14.64 18.52
CA PHE A 344 -51.87 -15.90 18.87
C PHE A 344 -51.90 -16.72 17.60
N GLN A 345 -52.43 -16.12 16.54
CA GLN A 345 -52.53 -16.78 15.24
C GLN A 345 -51.15 -17.03 14.63
N TRP A 346 -50.16 -16.24 15.05
CA TRP A 346 -48.79 -16.47 14.61
C TRP A 346 -48.23 -17.74 15.23
N ARG A 347 -48.29 -17.80 16.55
CA ARG A 347 -47.73 -18.91 17.30
C ARG A 347 -48.67 -20.12 17.39
N HIS A 348 -49.97 -19.87 17.52
CA HIS A 348 -50.93 -20.95 17.54
C HIS A 348 -52.09 -20.71 16.57
N TYR A 349 -52.15 -21.46 15.49
CA TYR A 349 -53.21 -21.24 14.51
C TYR A 349 -54.32 -22.26 14.69
N ASN A 350 -55.56 -21.78 14.64
CA ASN A 350 -56.75 -22.60 14.88
C ASN A 350 -56.74 -23.22 16.27
N GLY A 351 -55.99 -22.62 17.19
CA GLY A 351 -56.01 -23.05 18.57
C GLY A 351 -57.27 -22.59 19.24
N GLU A 352 -57.91 -23.47 20.01
CA GLU A 352 -59.11 -23.08 20.73
C GLU A 352 -58.75 -22.11 21.85
N TYR A 353 -59.37 -20.93 21.83
CA TYR A 353 -59.02 -19.89 22.77
C TYR A 353 -59.91 -19.92 24.01
N LYS A 354 -59.29 -19.99 25.17
CA LYS A 354 -60.02 -19.97 26.44
C LYS A 354 -59.92 -18.59 27.07
N THR A 355 -58.76 -18.30 27.64
CA THR A 355 -58.45 -16.98 28.18
C THR A 355 -57.01 -16.62 27.86
N MET A 356 -56.56 -15.47 28.33
CA MET A 356 -55.18 -15.04 28.09
C MET A 356 -54.22 -15.71 29.08
N HIS A 357 -54.76 -16.21 30.18
CA HIS A 357 -53.96 -16.81 31.24
C HIS A 357 -53.57 -18.26 30.96
N ASP A 358 -54.32 -18.93 30.10
CA ASP A 358 -54.09 -20.35 29.83
C ASP A 358 -52.78 -20.58 29.10
N ASP A 359 -52.25 -21.80 29.22
CA ASP A 359 -50.99 -22.15 28.57
C ASP A 359 -51.28 -22.82 27.23
N TYR A 360 -50.95 -22.11 26.15
CA TYR A 360 -51.27 -22.56 24.80
C TYR A 360 -50.11 -23.26 24.11
N THR A 361 -49.02 -23.47 24.83
CA THR A 361 -47.87 -24.17 24.26
C THR A 361 -48.27 -25.58 23.81
N GLY A 362 -47.99 -25.88 22.55
CA GLY A 362 -48.30 -27.19 22.00
C GLY A 362 -49.55 -27.24 21.15
N VAL A 363 -50.45 -26.28 21.36
CA VAL A 363 -51.71 -26.27 20.62
C VAL A 363 -51.62 -25.30 19.42
N GLY A 364 -52.30 -25.66 18.34
CA GLY A 364 -52.35 -24.82 17.16
C GLY A 364 -51.11 -24.91 16.30
N VAL A 365 -51.22 -24.39 15.08
CA VAL A 365 -50.10 -24.36 14.15
C VAL A 365 -49.20 -23.16 14.42
N ASP A 366 -47.89 -23.40 14.54
CA ASP A 366 -46.96 -22.30 14.72
C ASP A 366 -46.43 -21.86 13.38
N GLN A 367 -46.87 -20.68 12.93
CA GLN A 367 -46.46 -20.16 11.64
C GLN A 367 -45.07 -19.54 11.71
N LEU A 368 -44.85 -18.73 12.74
CA LEU A 368 -43.58 -18.03 12.93
C LEU A 368 -42.42 -19.01 13.00
N ALA A 369 -42.64 -20.13 13.67
CA ALA A 369 -41.62 -21.18 13.76
C ALA A 369 -41.36 -21.80 12.40
N LYS A 370 -42.44 -22.22 11.73
CA LYS A 370 -42.31 -22.83 10.42
C LYS A 370 -41.82 -21.82 9.39
N LEU A 371 -42.10 -20.55 9.63
CA LEU A 371 -41.62 -19.48 8.75
C LEU A 371 -40.11 -19.40 8.78
N ILE A 372 -39.55 -19.28 9.99
CA ILE A 372 -38.11 -19.20 10.18
C ILE A 372 -37.44 -20.48 9.69
N GLU A 373 -38.05 -21.62 9.98
CA GLU A 373 -37.52 -22.91 9.58
C GLU A 373 -37.47 -23.03 8.06
N THR A 374 -38.48 -22.46 7.39
CA THR A 374 -38.57 -22.52 5.94
C THR A 374 -37.57 -21.57 5.27
N LEU A 375 -37.35 -20.41 5.90
CA LEU A 375 -36.50 -19.37 5.33
C LEU A 375 -35.06 -19.82 5.12
N LYS A 376 -34.45 -20.41 6.15
CA LYS A 376 -33.07 -20.85 6.05
C LYS A 376 -32.92 -22.21 5.36
N ASN A 377 -33.92 -23.08 5.49
CA ASN A 377 -33.85 -24.40 4.86
C ASN A 377 -34.20 -24.38 3.38
N ASN A 378 -35.23 -23.63 3.01
CA ASN A 378 -35.62 -23.50 1.62
C ASN A 378 -35.89 -22.04 1.27
N PRO A 379 -34.81 -21.28 1.02
CA PRO A 379 -34.89 -19.82 0.81
C PRO A 379 -35.67 -19.41 -0.45
N LYS A 380 -35.50 -20.16 -1.53
CA LYS A 380 -36.09 -19.78 -2.81
C LYS A 380 -37.54 -20.23 -2.90
N ASP A 381 -38.03 -20.86 -1.84
CA ASP A 381 -39.45 -21.20 -1.73
C ASP A 381 -40.29 -19.92 -1.81
N ARG A 382 -41.42 -20.02 -2.51
CA ARG A 382 -42.29 -18.86 -2.68
C ARG A 382 -43.41 -18.86 -1.65
N ARG A 383 -43.38 -19.84 -0.76
CA ARG A 383 -44.47 -20.07 0.19
C ARG A 383 -44.29 -19.47 1.58
N HIS A 384 -43.26 -18.65 1.79
CA HIS A 384 -43.08 -18.11 3.14
C HIS A 384 -44.17 -17.10 3.38
N ILE A 385 -45.03 -17.38 4.36
CA ILE A 385 -46.23 -16.57 4.58
C ILE A 385 -46.66 -16.58 6.04
N LEU A 386 -47.10 -15.42 6.53
CA LEU A 386 -47.63 -15.31 7.87
C LEU A 386 -49.00 -14.63 7.83
N THR A 387 -50.04 -15.37 8.19
CA THR A 387 -51.39 -14.83 8.13
C THR A 387 -52.05 -14.75 9.51
N ALA A 388 -52.65 -13.61 9.80
CA ALA A 388 -53.37 -13.42 11.06
C ALA A 388 -54.88 -13.60 10.92
N TRP A 389 -55.35 -13.82 9.70
CA TRP A 389 -56.79 -13.81 9.45
C TRP A 389 -57.40 -15.20 9.52
N ASN A 390 -58.14 -15.45 10.60
CA ASN A 390 -58.85 -16.70 10.79
C ASN A 390 -60.35 -16.47 10.93
N PRO A 391 -61.12 -16.87 9.90
CA PRO A 391 -62.58 -16.72 9.89
C PRO A 391 -63.26 -17.32 11.12
N SER A 392 -62.72 -18.41 11.63
CA SER A 392 -63.29 -19.10 12.79
C SER A 392 -63.11 -18.30 14.08
N ALA A 393 -61.95 -17.68 14.23
CA ALA A 393 -61.60 -16.99 15.46
C ALA A 393 -61.92 -15.50 15.41
N LEU A 394 -62.44 -15.03 14.28
CA LEU A 394 -62.72 -13.62 14.09
C LEU A 394 -63.67 -13.06 15.14
N SER A 395 -64.73 -13.81 15.43
CA SER A 395 -65.76 -13.35 16.37
C SER A 395 -65.22 -13.24 17.80
N GLN A 396 -64.17 -14.01 18.11
CA GLN A 396 -63.61 -14.02 19.46
C GLN A 396 -62.65 -12.86 19.69
N MET A 397 -62.17 -12.26 18.61
CA MET A 397 -61.13 -11.23 18.70
C MET A 397 -61.69 -9.89 19.16
N ALA A 398 -60.86 -9.11 19.85
CA ALA A 398 -61.23 -7.77 20.29
C ALA A 398 -61.29 -6.83 19.09
N LEU A 399 -60.69 -7.28 18.00
CA LEU A 399 -60.65 -6.55 16.74
C LEU A 399 -59.96 -7.43 15.71
N PRO A 400 -60.54 -7.53 14.51
CA PRO A 400 -59.98 -8.37 13.45
C PRO A 400 -58.66 -7.80 12.93
N PRO A 401 -57.80 -8.67 12.37
CA PRO A 401 -56.47 -8.26 11.92
C PRO A 401 -56.50 -7.13 10.91
N CYS A 402 -55.70 -6.10 11.17
CA CYS A 402 -55.54 -4.98 10.25
C CYS A 402 -54.45 -5.34 9.25
N HIS A 403 -53.25 -5.64 9.76
CA HIS A 403 -52.25 -6.18 8.86
C HIS A 403 -52.51 -7.67 8.83
N VAL A 404 -53.08 -8.11 7.71
CA VAL A 404 -53.67 -9.44 7.59
C VAL A 404 -52.67 -10.54 7.29
N LEU A 405 -51.84 -10.30 6.30
CA LEU A 405 -50.97 -11.34 5.77
C LEU A 405 -49.64 -10.76 5.27
N SER A 406 -48.56 -11.49 5.50
CA SER A 406 -47.25 -11.05 5.06
C SER A 406 -46.48 -12.19 4.39
N GLN A 407 -45.81 -11.86 3.29
CA GLN A 407 -44.99 -12.83 2.57
C GLN A 407 -43.54 -12.40 2.58
N TYR A 408 -42.62 -13.36 2.68
CA TYR A 408 -41.20 -13.05 2.80
C TYR A 408 -40.38 -13.70 1.69
N TYR A 409 -39.32 -13.02 1.28
CA TYR A 409 -38.61 -13.33 0.06
C TYR A 409 -37.09 -13.30 0.26
N VAL A 410 -36.42 -14.38 -0.12
CA VAL A 410 -34.96 -14.42 -0.02
C VAL A 410 -34.34 -14.11 -1.37
N THR A 411 -33.66 -12.97 -1.45
CA THR A 411 -32.99 -12.56 -2.68
C THR A 411 -31.71 -13.35 -2.88
N ASN A 412 -31.23 -13.39 -4.13
CA ASN A 412 -30.04 -14.16 -4.47
C ASN A 412 -28.77 -13.67 -3.78
N ASP A 413 -28.78 -12.41 -3.35
CA ASP A 413 -27.65 -11.82 -2.63
C ASP A 413 -27.85 -11.99 -1.12
N ASN A 414 -28.85 -12.80 -0.76
CA ASN A 414 -29.18 -13.12 0.63
C ASN A 414 -29.67 -11.94 1.45
N CYS A 415 -30.63 -11.21 0.88
CA CYS A 415 -31.38 -10.22 1.63
C CYS A 415 -32.80 -10.71 1.83
N LEU A 416 -33.44 -10.28 2.91
CA LEU A 416 -34.80 -10.72 3.22
C LEU A 416 -35.81 -9.59 3.01
N SER A 417 -36.67 -9.74 2.00
CA SER A 417 -37.65 -8.72 1.68
C SER A 417 -39.05 -9.11 2.15
N CYS A 418 -39.84 -8.11 2.52
CA CYS A 418 -41.15 -8.36 3.12
C CYS A 418 -42.29 -7.65 2.40
N ASN A 419 -43.34 -8.40 2.07
CA ASN A 419 -44.58 -7.84 1.58
C ASN A 419 -45.67 -7.93 2.64
N LEU A 420 -46.43 -6.87 2.81
CA LEU A 420 -47.52 -6.88 3.79
C LEU A 420 -48.82 -6.33 3.21
N TYR A 421 -49.88 -7.12 3.26
CA TYR A 421 -51.19 -6.62 2.90
C TYR A 421 -51.95 -6.17 4.14
N GLN A 422 -52.52 -4.98 4.08
CA GLN A 422 -53.23 -4.40 5.20
C GLN A 422 -54.64 -4.00 4.80
N ARG A 423 -55.63 -4.66 5.38
CA ARG A 423 -57.02 -4.45 4.97
C ARG A 423 -57.53 -3.06 5.33
N SER A 424 -57.14 -2.57 6.50
CA SER A 424 -57.57 -1.27 6.98
C SER A 424 -56.40 -0.53 7.59
N CYS A 425 -56.21 0.72 7.20
CA CYS A 425 -55.03 1.46 7.60
C CYS A 425 -55.34 2.87 8.09
N ASP A 426 -54.93 3.15 9.32
CA ASP A 426 -55.03 4.50 9.87
C ASP A 426 -53.72 5.22 9.58
N LEU A 427 -53.77 6.21 8.71
CA LEU A 427 -52.57 6.90 8.24
C LEU A 427 -51.96 7.78 9.33
N GLY A 428 -52.78 8.21 10.26
CA GLY A 428 -52.31 9.04 11.36
C GLY A 428 -51.58 8.26 12.44
N LEU A 429 -52.11 7.09 12.78
CA LEU A 429 -51.60 6.32 13.92
C LEU A 429 -51.06 4.95 13.52
N GLY A 430 -51.95 4.09 13.03
CA GLY A 430 -51.59 2.73 12.70
C GLY A 430 -50.47 2.57 11.68
N SER A 431 -50.54 3.36 10.60
CA SER A 431 -49.58 3.23 9.50
C SER A 431 -48.13 3.55 9.90
N PRO A 432 -47.90 4.66 10.63
CA PRO A 432 -46.51 4.88 11.08
C PRO A 432 -45.97 3.71 11.91
N PHE A 433 -46.86 3.08 12.67
CA PHE A 433 -46.48 1.92 13.46
C PHE A 433 -46.24 0.70 12.57
N ASN A 434 -47.18 0.42 11.68
CA ASN A 434 -47.09 -0.74 10.81
C ASN A 434 -45.87 -0.74 9.90
N ILE A 435 -45.49 0.44 9.43
CA ILE A 435 -44.31 0.58 8.57
C ILE A 435 -43.05 0.17 9.32
N ALA A 436 -42.91 0.68 10.54
CA ALA A 436 -41.72 0.41 11.35
C ALA A 436 -41.76 -0.99 11.97
N SER A 437 -42.94 -1.44 12.35
CA SER A 437 -43.09 -2.72 13.04
C SER A 437 -42.69 -3.89 12.17
N TYR A 438 -43.17 -3.91 10.92
CA TYR A 438 -42.82 -4.98 10.01
C TYR A 438 -41.42 -4.79 9.44
N ALA A 439 -40.89 -3.59 9.60
CA ALA A 439 -39.50 -3.32 9.22
C ALA A 439 -38.57 -3.96 10.25
N ILE A 440 -38.98 -3.88 11.52
CA ILE A 440 -38.21 -4.49 12.60
C ILE A 440 -38.29 -6.02 12.53
N LEU A 441 -39.50 -6.52 12.30
CA LEU A 441 -39.74 -7.95 12.22
C LEU A 441 -38.92 -8.59 11.11
N THR A 442 -38.81 -7.91 9.98
CA THR A 442 -38.01 -8.41 8.87
C THR A 442 -36.54 -8.45 9.24
N MET A 443 -36.07 -7.43 9.93
CA MET A 443 -34.69 -7.37 10.40
C MET A 443 -34.41 -8.45 11.43
N MET A 444 -35.41 -8.76 12.25
CA MET A 444 -35.29 -9.83 13.24
C MET A 444 -35.24 -11.19 12.55
N LEU A 445 -36.18 -11.41 11.63
CA LEU A 445 -36.23 -12.65 10.87
C LEU A 445 -34.96 -12.82 10.02
N ALA A 446 -34.33 -11.71 9.68
CA ALA A 446 -33.12 -11.74 8.87
C ALA A 446 -31.92 -12.24 9.68
N GLN A 447 -31.80 -11.75 10.91
CA GLN A 447 -30.68 -12.11 11.77
C GLN A 447 -30.74 -13.58 12.21
N VAL A 448 -31.94 -14.03 12.54
CA VAL A 448 -32.15 -15.40 12.98
C VAL A 448 -31.83 -16.38 11.85
N CYS A 449 -32.15 -15.99 10.62
CA CYS A 449 -31.91 -16.83 9.46
C CYS A 449 -30.59 -16.49 8.76
N GLY A 450 -29.88 -15.51 9.29
CA GLY A 450 -28.58 -15.12 8.77
C GLY A 450 -28.65 -14.39 7.44
N TYR A 451 -29.56 -13.42 7.36
CA TYR A 451 -29.71 -12.62 6.15
C TYR A 451 -29.58 -11.14 6.44
N GLU A 452 -29.35 -10.35 5.39
CA GLU A 452 -29.39 -8.90 5.47
C GLU A 452 -30.81 -8.42 5.18
N PRO A 453 -31.16 -7.21 5.65
CA PRO A 453 -32.51 -6.70 5.38
C PRO A 453 -32.73 -6.40 3.90
N GLY A 454 -33.93 -6.70 3.41
CA GLY A 454 -34.30 -6.44 2.02
C GLY A 454 -35.16 -5.21 1.88
N GLU A 455 -36.10 -5.25 0.92
CA GLU A 455 -37.05 -4.18 0.72
C GLU A 455 -38.38 -4.46 1.41
N LEU A 456 -39.02 -3.42 1.92
CA LEU A 456 -40.35 -3.56 2.53
C LEU A 456 -41.44 -2.93 1.67
N ALA A 457 -42.42 -3.73 1.29
CA ALA A 457 -43.56 -3.24 0.51
C ALA A 457 -44.87 -3.48 1.24
N ILE A 458 -45.66 -2.43 1.38
CA ILE A 458 -46.93 -2.51 2.10
C ILE A 458 -48.10 -2.23 1.17
N PHE A 459 -49.07 -3.15 1.14
CA PHE A 459 -50.26 -3.02 0.31
C PHE A 459 -51.50 -2.75 1.16
N ILE A 460 -52.18 -1.65 0.88
CA ILE A 460 -53.28 -1.19 1.73
C ILE A 460 -54.63 -1.24 1.03
N GLY A 461 -55.55 -2.04 1.56
CA GLY A 461 -56.89 -2.08 1.02
C GLY A 461 -57.63 -0.78 1.26
N ASP A 462 -57.85 -0.43 2.54
CA ASP A 462 -58.59 0.79 2.87
C ASP A 462 -57.66 1.80 3.51
N ALA A 463 -57.33 2.85 2.76
CA ALA A 463 -56.45 3.90 3.25
C ALA A 463 -57.28 5.10 3.63
N HIS A 464 -57.36 5.39 4.92
CA HIS A 464 -58.24 6.43 5.40
C HIS A 464 -57.61 7.36 6.42
N ILE A 465 -58.20 8.55 6.55
CA ILE A 465 -57.80 9.54 7.54
C ILE A 465 -59.00 9.96 8.36
N TYR A 466 -58.98 9.69 9.66
CA TYR A 466 -60.06 10.10 10.53
C TYR A 466 -60.15 11.63 10.56
N GLU A 467 -61.37 12.15 10.62
CA GLU A 467 -61.59 13.58 10.45
C GLU A 467 -61.00 14.42 11.58
N ASN A 468 -60.67 13.79 12.71
CA ASN A 468 -60.06 14.51 13.82
C ASN A 468 -58.55 14.63 13.66
N HIS A 469 -57.99 13.93 12.69
CA HIS A 469 -56.55 13.96 12.42
C HIS A 469 -56.21 14.95 11.31
N LEU A 470 -57.21 15.64 10.78
CA LEU A 470 -57.02 16.51 9.62
C LEU A 470 -56.08 17.67 9.91
N THR A 471 -56.30 18.36 11.02
CA THR A 471 -55.45 19.48 11.40
C THR A 471 -54.03 19.03 11.67
N GLN A 472 -53.88 17.85 12.25
CA GLN A 472 -52.58 17.29 12.59
C GLN A 472 -51.81 16.82 11.36
N LEU A 473 -52.49 16.09 10.47
CA LEU A 473 -51.82 15.52 9.30
C LEU A 473 -51.49 16.58 8.26
N LYS A 474 -52.22 17.68 8.27
CA LYS A 474 -51.88 18.80 7.38
C LYS A 474 -50.65 19.52 7.92
N GLU A 475 -50.50 19.50 9.24
CA GLU A 475 -49.30 20.04 9.88
C GLU A 475 -48.09 19.18 9.53
N GLN A 476 -48.26 17.87 9.59
CA GLN A 476 -47.17 16.93 9.30
C GLN A 476 -46.72 17.07 7.85
N LEU A 477 -47.65 17.43 6.97
CA LEU A 477 -47.35 17.58 5.55
C LEU A 477 -46.55 18.84 5.25
N SER A 478 -46.51 19.76 6.21
CA SER A 478 -45.80 21.02 6.02
C SER A 478 -44.31 20.88 6.31
N ARG A 479 -43.89 19.69 6.70
CA ARG A 479 -42.52 19.45 7.13
C ARG A 479 -41.70 18.69 6.09
N THR A 480 -40.64 19.31 5.60
CA THR A 480 -39.75 18.67 4.64
C THR A 480 -38.97 17.55 5.32
N PRO A 481 -39.05 16.34 4.75
CA PRO A 481 -38.47 15.12 5.32
C PRO A 481 -36.96 15.19 5.58
N ARG A 482 -36.53 14.48 6.62
CA ARG A 482 -35.12 14.34 6.94
C ARG A 482 -34.74 12.89 6.74
N PRO A 483 -33.45 12.61 6.46
CA PRO A 483 -32.99 11.24 6.17
C PRO A 483 -33.37 10.23 7.26
N PHE A 484 -33.76 9.03 6.82
CA PHE A 484 -34.13 7.94 7.71
C PHE A 484 -32.99 7.59 8.67
N PRO A 485 -33.34 7.20 9.91
CA PRO A 485 -32.33 6.78 10.88
C PRO A 485 -31.74 5.41 10.56
N GLN A 486 -30.94 4.87 11.48
CA GLN A 486 -30.41 3.52 11.33
C GLN A 486 -30.80 2.69 12.55
N LEU A 487 -31.03 1.41 12.33
CA LEU A 487 -31.37 0.50 13.43
C LEU A 487 -30.46 -0.71 13.42
N LYS A 488 -29.70 -0.87 14.50
CA LYS A 488 -28.78 -2.00 14.64
C LYS A 488 -29.06 -2.77 15.92
N PHE A 489 -28.85 -4.09 15.86
CA PHE A 489 -29.00 -4.94 17.04
C PHE A 489 -27.68 -5.05 17.80
N LYS A 490 -27.75 -4.96 19.12
CA LYS A 490 -26.54 -4.97 19.94
C LYS A 490 -26.03 -6.38 20.19
N ARG A 491 -26.87 -7.38 19.95
CA ARG A 491 -26.47 -8.77 20.13
C ARG A 491 -27.26 -9.70 19.22
N LYS A 492 -26.70 -10.86 18.92
CA LYS A 492 -27.40 -11.85 18.12
C LYS A 492 -28.06 -12.89 19.02
N VAL A 493 -29.39 -12.91 19.01
CA VAL A 493 -30.14 -13.85 19.83
C VAL A 493 -30.17 -15.24 19.20
N GLU A 494 -30.32 -16.27 20.03
CA GLU A 494 -30.45 -17.63 19.54
C GLU A 494 -31.87 -17.90 19.06
N ASN A 495 -32.84 -17.38 19.81
CA ASN A 495 -34.23 -17.49 19.41
C ASN A 495 -34.86 -16.11 19.27
N ILE A 496 -35.79 -15.97 18.34
CA ILE A 496 -36.37 -14.68 18.00
C ILE A 496 -37.17 -14.07 19.16
N GLU A 497 -37.54 -14.89 20.13
CA GLU A 497 -38.32 -14.43 21.28
C GLU A 497 -37.45 -13.75 22.32
N ASP A 498 -36.13 -13.87 22.16
CA ASP A 498 -35.17 -13.40 23.16
C ASP A 498 -34.81 -11.93 23.01
N PHE A 499 -35.39 -11.26 22.02
CA PHE A 499 -35.10 -9.85 21.78
C PHE A 499 -35.63 -8.97 22.91
N LYS A 500 -34.80 -8.02 23.34
CA LYS A 500 -35.17 -7.06 24.38
C LYS A 500 -34.99 -5.63 23.86
N TRP A 501 -35.64 -4.67 24.50
CA TRP A 501 -35.59 -3.28 24.05
C TRP A 501 -34.19 -2.70 24.13
N GLU A 502 -33.41 -3.16 25.10
CA GLU A 502 -32.06 -2.67 25.31
C GLU A 502 -31.14 -3.09 24.17
N ASP A 503 -31.54 -4.13 23.44
CA ASP A 503 -30.74 -4.66 22.35
C ASP A 503 -30.79 -3.77 21.13
N ILE A 504 -31.76 -2.85 21.09
CA ILE A 504 -31.96 -2.01 19.92
C ILE A 504 -31.25 -0.66 20.03
N GLU A 505 -30.44 -0.36 19.02
CA GLU A 505 -29.74 0.92 18.96
C GLU A 505 -30.24 1.73 17.76
N LEU A 506 -30.93 2.83 18.05
CA LEU A 506 -31.46 3.70 17.00
C LEU A 506 -30.49 4.84 16.71
N ILE A 507 -29.90 4.83 15.53
CA ILE A 507 -28.80 5.74 15.20
C ILE A 507 -29.18 6.85 14.23
N GLY A 508 -29.06 8.09 14.68
CA GLY A 508 -29.27 9.24 13.82
C GLY A 508 -30.72 9.57 13.52
N TYR A 509 -31.57 9.42 14.54
CA TYR A 509 -32.98 9.78 14.41
C TYR A 509 -33.22 11.19 14.91
N TYR A 510 -33.54 12.10 13.98
CA TYR A 510 -33.77 13.49 14.33
C TYR A 510 -35.06 14.01 13.72
N PRO A 511 -36.20 13.59 14.27
CA PRO A 511 -37.49 13.92 13.68
C PRO A 511 -37.99 15.30 14.04
N TYR A 512 -39.14 15.67 13.47
CA TYR A 512 -39.85 16.87 13.87
C TYR A 512 -40.59 16.56 15.17
N PRO A 513 -41.05 17.60 15.89
CA PRO A 513 -41.77 17.38 17.15
C PRO A 513 -42.97 16.45 17.00
N THR A 514 -43.21 15.62 18.03
CA THR A 514 -44.28 14.65 18.00
C THR A 514 -45.65 15.32 17.84
N ILE A 515 -46.53 14.67 17.08
CA ILE A 515 -47.86 15.18 16.83
C ILE A 515 -48.93 14.30 17.47
N LYS A 516 -49.72 14.89 18.36
CA LYS A 516 -50.72 14.14 19.11
C LYS A 516 -51.99 13.91 18.29
N MET A 517 -52.40 12.65 18.19
CA MET A 517 -53.61 12.29 17.48
C MET A 517 -54.41 11.23 18.26
N ASP A 518 -55.70 11.52 18.47
CA ASP A 518 -56.56 10.66 19.27
C ASP A 518 -57.07 9.46 18.48
N MET A 519 -56.90 8.26 19.05
CA MET A 519 -57.35 7.02 18.40
C MET A 519 -58.85 6.85 18.47
N ALA A 520 -59.45 6.51 17.32
CA ALA A 520 -60.87 6.20 17.26
C ALA A 520 -61.13 4.78 17.74
N VAL A 521 -61.94 4.64 18.78
CA VAL A 521 -62.18 3.34 19.39
C VAL A 521 -63.42 2.67 18.82
N GLU B 3 -46.38 29.18 -40.40
CA GLU B 3 -46.23 27.76 -40.11
C GLU B 3 -46.92 27.38 -38.81
N LYS B 4 -48.09 26.76 -38.93
CA LYS B 4 -48.85 26.33 -37.76
C LYS B 4 -49.13 24.83 -37.82
N ASN B 5 -49.81 24.31 -36.79
CA ASN B 5 -49.95 22.86 -36.63
C ASN B 5 -51.13 22.27 -37.40
N VAL B 6 -50.89 21.14 -38.05
CA VAL B 6 -51.93 20.43 -38.81
C VAL B 6 -52.14 19.02 -38.27
N SER B 7 -53.34 18.76 -37.76
CA SER B 7 -53.63 17.48 -37.13
C SER B 7 -54.77 16.72 -37.80
N ILE B 8 -54.62 15.41 -37.91
CA ILE B 8 -55.70 14.56 -38.41
C ILE B 8 -56.54 14.07 -37.24
N VAL B 9 -57.85 14.28 -37.33
CA VAL B 9 -58.78 13.76 -36.34
C VAL B 9 -59.69 12.73 -37.00
N VAL B 10 -59.62 11.49 -36.53
CA VAL B 10 -60.36 10.40 -37.16
C VAL B 10 -60.78 9.33 -36.16
N ALA B 11 -61.94 8.72 -36.42
CA ALA B 11 -62.38 7.56 -35.65
C ALA B 11 -62.54 6.36 -36.59
N ALA B 12 -61.72 5.35 -36.40
CA ALA B 12 -61.75 4.16 -37.26
C ALA B 12 -61.89 2.87 -36.46
N SER B 13 -62.35 1.82 -37.13
CA SER B 13 -62.46 0.52 -36.49
C SER B 13 -61.08 0.00 -36.11
N VAL B 14 -61.02 -0.84 -35.09
CA VAL B 14 -59.75 -1.26 -34.50
C VAL B 14 -58.89 -2.07 -35.48
N LEU B 15 -59.52 -2.89 -36.31
CA LEU B 15 -58.78 -3.79 -37.19
C LEU B 15 -58.73 -3.30 -38.64
N SER B 16 -59.90 -3.24 -39.28
CA SER B 16 -59.97 -2.90 -40.70
C SER B 16 -59.91 -1.38 -40.94
N SER B 17 -59.93 -0.61 -39.85
CA SER B 17 -59.80 0.84 -39.91
C SER B 17 -60.91 1.52 -40.72
N GLY B 18 -62.07 0.87 -40.81
CA GLY B 18 -63.21 1.45 -41.50
C GLY B 18 -63.76 2.66 -40.77
N ILE B 19 -63.84 3.79 -41.46
CA ILE B 19 -64.37 5.01 -40.85
C ILE B 19 -65.82 5.35 -41.20
N GLY B 20 -66.45 4.59 -42.10
CA GLY B 20 -67.79 4.94 -42.53
C GLY B 20 -68.49 3.98 -43.47
N ILE B 21 -69.82 4.05 -43.49
CA ILE B 21 -70.63 3.24 -44.39
C ILE B 21 -71.85 4.01 -44.92
N ASN B 22 -72.05 3.92 -46.24
CA ASN B 22 -73.21 4.52 -46.91
C ASN B 22 -73.47 5.98 -46.59
N GLY B 23 -72.41 6.80 -46.64
CA GLY B 23 -72.56 8.23 -46.44
C GLY B 23 -72.85 8.62 -45.00
N GLN B 24 -72.47 7.76 -44.06
CA GLN B 24 -72.65 8.04 -42.64
C GLN B 24 -71.73 7.17 -41.80
N LEU B 25 -71.84 7.30 -40.48
CA LEU B 25 -71.00 6.56 -39.55
C LEU B 25 -71.60 5.19 -39.24
N PRO B 26 -70.73 4.17 -39.18
CA PRO B 26 -71.12 2.79 -38.83
C PRO B 26 -71.53 2.67 -37.36
N TRP B 27 -71.20 3.68 -36.57
CA TRP B 27 -71.53 3.69 -35.15
C TRP B 27 -72.11 5.03 -34.74
N SER B 28 -72.81 5.06 -33.61
CA SER B 28 -73.18 6.31 -32.97
C SER B 28 -72.62 6.36 -31.57
N ILE B 29 -71.63 7.21 -31.36
CA ILE B 29 -71.00 7.36 -30.05
C ILE B 29 -70.98 8.83 -29.64
N SER B 30 -71.76 9.17 -28.61
CA SER B 30 -71.95 10.55 -28.20
C SER B 30 -70.66 11.17 -27.68
N GLU B 31 -69.92 10.41 -26.88
CA GLU B 31 -68.70 10.89 -26.26
C GLU B 31 -67.63 11.25 -27.29
N ASP B 32 -67.60 10.49 -28.37
CA ASP B 32 -66.58 10.70 -29.41
C ASP B 32 -66.83 11.98 -30.20
N LEU B 33 -68.11 12.30 -30.43
CA LEU B 33 -68.45 13.53 -31.12
C LEU B 33 -68.08 14.73 -30.24
N LYS B 34 -68.28 14.58 -28.94
CA LYS B 34 -67.91 15.61 -27.99
C LYS B 34 -66.39 15.73 -27.90
N PHE B 35 -65.70 14.61 -28.13
CA PHE B 35 -64.24 14.62 -28.19
C PHE B 35 -63.78 15.39 -29.41
N PHE B 36 -64.42 15.10 -30.55
CA PHE B 36 -64.15 15.83 -31.78
C PHE B 36 -64.39 17.32 -31.59
N SER B 37 -65.47 17.64 -30.86
CA SER B 37 -65.85 19.03 -30.64
C SER B 37 -64.81 19.76 -29.80
N LYS B 38 -64.35 19.14 -28.73
CA LYS B 38 -63.43 19.79 -27.81
C LYS B 38 -62.02 19.84 -28.34
N ILE B 39 -61.62 18.83 -29.11
CA ILE B 39 -60.26 18.76 -29.64
C ILE B 39 -60.08 19.72 -30.80
N THR B 40 -61.15 19.99 -31.54
CA THR B 40 -61.08 20.92 -32.67
C THR B 40 -61.41 22.35 -32.27
N ASN B 41 -61.96 22.52 -31.06
CA ASN B 41 -62.26 23.85 -30.53
C ASN B 41 -61.12 24.35 -29.63
N ASN B 42 -60.06 23.56 -29.53
CA ASN B 42 -58.95 23.88 -28.66
C ASN B 42 -58.09 24.96 -29.28
N LYS B 43 -57.98 26.10 -28.60
CA LYS B 43 -57.25 27.24 -29.13
C LYS B 43 -56.60 28.05 -28.02
N CYS B 44 -55.39 28.53 -28.28
CA CYS B 44 -54.67 29.37 -27.33
C CYS B 44 -55.17 30.81 -27.39
N ASP B 45 -55.41 31.30 -28.60
CA ASP B 45 -55.85 32.67 -28.82
C ASP B 45 -57.37 32.74 -28.96
N SER B 46 -57.98 33.68 -28.24
CA SER B 46 -59.44 33.84 -28.26
C SER B 46 -59.91 34.55 -29.53
N ASN B 47 -59.00 35.30 -30.16
CA ASN B 47 -59.34 36.05 -31.36
C ASN B 47 -59.13 35.25 -32.64
N LYS B 48 -58.78 33.99 -32.49
CA LYS B 48 -58.53 33.13 -33.64
C LYS B 48 -59.51 31.96 -33.69
N LYS B 49 -59.70 31.41 -34.88
CA LYS B 49 -60.57 30.25 -35.09
C LYS B 49 -59.75 29.09 -35.66
N ASN B 50 -60.25 27.87 -35.48
CA ASN B 50 -59.58 26.69 -36.04
C ASN B 50 -60.23 26.22 -37.33
N ALA B 51 -59.42 26.03 -38.36
CA ALA B 51 -59.92 25.59 -39.65
C ALA B 51 -60.04 24.07 -39.70
N LEU B 52 -61.18 23.59 -40.21
CA LEU B 52 -61.41 22.15 -40.34
C LEU B 52 -61.58 21.76 -41.81
N ILE B 53 -60.63 20.99 -42.31
CA ILE B 53 -60.67 20.54 -43.70
C ILE B 53 -61.40 19.22 -43.82
N MET B 54 -62.34 19.13 -44.75
CA MET B 54 -63.10 17.90 -44.97
C MET B 54 -63.54 17.77 -46.42
N GLY B 55 -63.68 16.53 -46.88
CA GLY B 55 -64.16 16.26 -48.23
C GLY B 55 -65.60 16.69 -48.43
N ARG B 56 -66.04 16.72 -49.68
CA ARG B 56 -67.41 17.14 -49.99
C ARG B 56 -68.43 16.18 -49.39
N LYS B 57 -68.18 14.89 -49.54
CA LYS B 57 -69.10 13.86 -49.06
C LYS B 57 -69.20 13.90 -47.53
N THR B 58 -68.11 14.25 -46.87
CA THR B 58 -68.12 14.43 -45.43
C THR B 58 -68.91 15.67 -45.07
N TRP B 59 -68.72 16.74 -45.85
CA TRP B 59 -69.48 17.98 -45.69
C TRP B 59 -70.97 17.73 -45.89
N ASP B 60 -71.29 16.75 -46.73
CA ASP B 60 -72.69 16.33 -46.91
C ASP B 60 -73.17 15.58 -45.68
N SER B 61 -72.30 14.76 -45.11
CA SER B 61 -72.67 13.88 -43.99
C SER B 61 -73.06 14.64 -42.74
N ILE B 62 -72.53 15.85 -42.57
CA ILE B 62 -72.85 16.66 -41.40
C ILE B 62 -74.08 17.54 -41.66
N GLY B 63 -74.68 17.38 -42.83
CA GLY B 63 -75.90 18.07 -43.16
C GLY B 63 -75.68 19.44 -43.76
N ARG B 64 -74.44 19.68 -44.21
CA ARG B 64 -74.05 20.95 -44.82
C ARG B 64 -74.39 22.15 -43.93
N ARG B 65 -74.00 22.06 -42.66
CA ARG B 65 -74.19 23.16 -41.72
C ARG B 65 -72.90 23.45 -40.98
N PRO B 66 -72.63 24.74 -40.71
CA PRO B 66 -71.37 25.16 -40.11
C PRO B 66 -71.21 24.65 -38.68
N LEU B 67 -69.97 24.44 -38.26
CA LEU B 67 -69.66 24.08 -36.88
C LEU B 67 -69.34 25.34 -36.09
N LYS B 68 -69.92 25.46 -34.90
CA LYS B 68 -69.80 26.67 -34.09
C LYS B 68 -68.35 26.98 -33.72
N ASN B 69 -68.00 28.26 -33.81
CA ASN B 69 -66.67 28.77 -33.44
C ASN B 69 -65.54 28.14 -34.23
N ARG B 70 -65.86 27.66 -35.44
CA ARG B 70 -64.87 27.04 -36.30
C ARG B 70 -65.16 27.35 -37.77
N ILE B 71 -64.11 27.42 -38.57
CA ILE B 71 -64.26 27.65 -40.00
C ILE B 71 -64.08 26.36 -40.78
N ILE B 72 -65.16 25.87 -41.38
CA ILE B 72 -65.12 24.64 -42.15
C ILE B 72 -64.57 24.88 -43.54
N VAL B 73 -63.57 24.09 -43.93
CA VAL B 73 -63.01 24.14 -45.26
C VAL B 73 -63.40 22.91 -46.06
N VAL B 74 -64.23 23.09 -47.08
CA VAL B 74 -64.70 21.96 -47.88
C VAL B 74 -63.89 21.84 -49.17
N ILE B 75 -63.42 20.62 -49.44
CA ILE B 75 -62.68 20.36 -50.66
C ILE B 75 -63.60 19.77 -51.72
N SER B 76 -63.82 20.53 -52.80
CA SER B 76 -64.65 20.06 -53.89
C SER B 76 -64.25 20.70 -55.21
N SER B 77 -64.39 19.94 -56.30
CA SER B 77 -64.15 20.46 -57.64
C SER B 77 -65.47 20.89 -58.28
N SER B 78 -66.56 20.64 -57.56
CA SER B 78 -67.90 20.94 -58.05
C SER B 78 -68.50 22.14 -57.34
N LEU B 79 -68.64 22.04 -56.02
CA LEU B 79 -69.27 23.07 -55.21
C LEU B 79 -68.71 24.47 -55.49
N PRO B 80 -69.61 25.44 -55.67
CA PRO B 80 -69.24 26.83 -55.90
C PRO B 80 -68.50 27.40 -54.68
N GLN B 81 -67.66 28.40 -54.91
CA GLN B 81 -66.95 29.01 -53.80
C GLN B 81 -67.81 30.17 -53.31
N ASP B 82 -68.37 30.00 -52.11
CA ASP B 82 -69.41 30.88 -51.64
C ASP B 82 -68.90 31.88 -50.61
N GLU B 83 -69.09 33.16 -50.91
CA GLU B 83 -68.69 34.23 -50.02
C GLU B 83 -69.83 34.61 -49.08
N ALA B 84 -70.92 33.85 -49.16
CA ALA B 84 -72.09 34.11 -48.33
C ALA B 84 -71.83 33.71 -46.88
N ASP B 85 -71.65 32.42 -46.64
CA ASP B 85 -71.37 31.93 -45.30
C ASP B 85 -69.90 32.15 -44.97
N PRO B 86 -69.63 33.03 -43.98
CA PRO B 86 -68.26 33.36 -43.58
C PRO B 86 -67.55 32.23 -42.85
N ASN B 87 -68.31 31.28 -42.32
CA ASN B 87 -67.72 30.18 -41.57
C ASN B 87 -67.46 28.94 -42.43
N VAL B 88 -67.79 29.03 -43.72
CA VAL B 88 -67.56 27.94 -44.65
C VAL B 88 -66.89 28.46 -45.92
N VAL B 89 -65.83 27.77 -46.36
CA VAL B 89 -65.13 28.15 -47.58
C VAL B 89 -64.76 26.90 -48.40
N VAL B 90 -64.77 27.04 -49.72
CA VAL B 90 -64.49 25.92 -50.60
C VAL B 90 -63.22 26.13 -51.42
N PHE B 91 -62.36 25.12 -51.44
CA PHE B 91 -61.14 25.15 -52.25
C PHE B 91 -61.14 24.04 -53.29
N ARG B 92 -60.45 24.26 -54.40
CA ARG B 92 -60.47 23.32 -55.51
C ARG B 92 -59.58 22.11 -55.28
N ASN B 93 -58.52 22.29 -54.50
CA ASN B 93 -57.61 21.20 -54.18
C ASN B 93 -57.11 21.29 -52.74
N LEU B 94 -56.55 20.20 -52.24
CA LEU B 94 -56.12 20.14 -50.85
C LEU B 94 -54.95 21.06 -50.55
N GLU B 95 -53.95 21.09 -51.43
CA GLU B 95 -52.75 21.87 -51.19
C GLU B 95 -53.02 23.37 -51.17
N ASP B 96 -53.91 23.84 -52.03
CA ASP B 96 -54.28 25.24 -52.06
C ASP B 96 -55.02 25.64 -50.79
N SER B 97 -55.63 24.66 -50.13
CA SER B 97 -56.36 24.90 -48.88
C SER B 97 -55.40 24.98 -47.71
N ILE B 98 -54.13 24.69 -47.96
CA ILE B 98 -53.09 24.78 -46.94
C ILE B 98 -52.52 26.21 -46.95
N GLU B 99 -53.16 27.08 -47.73
CA GLU B 99 -52.85 28.50 -47.70
C GLU B 99 -52.99 29.08 -46.30
N ASN B 100 -53.76 28.40 -45.44
CA ASN B 100 -53.93 28.79 -44.05
C ASN B 100 -52.61 28.96 -43.29
N LEU B 101 -51.56 28.29 -43.80
CA LEU B 101 -50.22 28.44 -43.25
C LEU B 101 -49.63 29.79 -43.65
N MET B 102 -49.42 29.96 -44.96
CA MET B 102 -48.72 31.13 -45.51
C MET B 102 -49.36 32.46 -45.13
N ASN B 103 -50.69 32.49 -45.04
CA ASN B 103 -51.40 33.71 -44.69
C ASN B 103 -52.56 33.41 -43.75
N ASP B 104 -53.42 34.40 -43.54
CA ASP B 104 -54.60 34.26 -42.70
C ASP B 104 -54.19 33.89 -41.27
N ASP B 105 -53.64 34.87 -40.56
CA ASP B 105 -53.13 34.66 -39.22
C ASP B 105 -54.27 34.63 -38.20
N SER B 106 -55.49 34.82 -38.69
CA SER B 106 -56.68 34.68 -37.86
C SER B 106 -56.98 33.20 -37.60
N ILE B 107 -56.25 32.33 -38.29
CA ILE B 107 -56.37 30.89 -38.08
C ILE B 107 -55.16 30.42 -37.25
N GLU B 108 -55.45 29.82 -36.10
CA GLU B 108 -54.40 29.35 -35.20
C GLU B 108 -53.95 27.93 -35.56
N ASN B 109 -54.86 26.97 -35.43
CA ASN B 109 -54.54 25.58 -35.73
C ASN B 109 -55.39 25.02 -36.87
N ILE B 110 -54.87 23.99 -37.52
CA ILE B 110 -55.57 23.35 -38.62
C ILE B 110 -55.83 21.88 -38.32
N PHE B 111 -57.06 21.44 -38.57
CA PHE B 111 -57.40 20.02 -38.41
C PHE B 111 -57.91 19.44 -39.71
N VAL B 112 -57.54 18.20 -39.99
CA VAL B 112 -58.09 17.50 -41.15
C VAL B 112 -59.14 16.50 -40.68
N CYS B 113 -60.41 16.83 -40.92
CA CYS B 113 -61.52 15.97 -40.54
C CYS B 113 -61.72 14.90 -41.61
N GLY B 114 -61.20 15.19 -42.79
CA GLY B 114 -60.98 14.18 -43.81
C GLY B 114 -62.14 13.46 -44.49
N GLY B 115 -62.12 12.14 -44.35
CA GLY B 115 -62.78 11.24 -45.27
C GLY B 115 -61.63 10.56 -45.99
N GLU B 116 -61.86 9.35 -46.51
CA GLU B 116 -60.76 8.54 -47.02
C GLU B 116 -59.95 9.23 -48.11
N SER B 117 -60.63 9.86 -49.07
CA SER B 117 -59.97 10.53 -50.17
C SER B 117 -59.07 11.66 -49.68
N ILE B 118 -59.51 12.36 -48.65
CA ILE B 118 -58.75 13.47 -48.10
C ILE B 118 -57.59 12.96 -47.22
N TYR B 119 -57.90 12.03 -46.33
CA TYR B 119 -56.90 11.44 -45.44
C TYR B 119 -55.71 10.87 -46.19
N ARG B 120 -55.99 10.12 -47.25
CA ARG B 120 -54.96 9.37 -47.96
C ARG B 120 -53.90 10.27 -48.59
N ASP B 121 -54.31 11.33 -49.29
CA ASP B 121 -53.35 12.21 -49.93
C ASP B 121 -52.98 13.40 -49.05
N ALA B 122 -53.53 13.46 -47.84
CA ALA B 122 -53.06 14.41 -46.85
C ALA B 122 -51.80 13.85 -46.20
N LEU B 123 -51.77 12.53 -46.02
CA LEU B 123 -50.60 11.83 -45.53
C LEU B 123 -49.59 11.61 -46.65
N LYS B 124 -50.09 11.30 -47.84
CA LYS B 124 -49.26 11.03 -49.00
C LYS B 124 -48.42 12.24 -49.40
N ASP B 125 -49.03 13.43 -49.33
CA ASP B 125 -48.32 14.66 -49.64
C ASP B 125 -47.67 15.24 -48.38
N ASN B 126 -47.84 14.51 -47.28
CA ASN B 126 -47.21 14.83 -45.99
C ASN B 126 -47.48 16.24 -45.49
N PHE B 127 -48.75 16.56 -45.25
CA PHE B 127 -49.12 17.82 -44.62
C PHE B 127 -49.41 17.65 -43.14
N VAL B 128 -49.35 16.40 -42.67
CA VAL B 128 -49.89 16.06 -41.35
C VAL B 128 -48.83 15.93 -40.27
N ASP B 129 -48.89 16.81 -39.28
CA ASP B 129 -47.99 16.76 -38.13
C ASP B 129 -48.44 15.76 -37.08
N ARG B 130 -49.74 15.73 -36.80
CA ARG B 130 -50.28 14.93 -35.70
C ARG B 130 -51.54 14.16 -36.12
N ILE B 131 -51.77 13.03 -35.46
CA ILE B 131 -52.95 12.22 -35.74
C ILE B 131 -53.72 11.89 -34.45
N TYR B 132 -54.99 12.29 -34.40
CA TYR B 132 -55.85 11.90 -33.30
C TYR B 132 -56.74 10.75 -33.75
N LEU B 133 -56.47 9.55 -33.23
CA LEU B 133 -57.20 8.36 -33.65
C LEU B 133 -58.09 7.81 -32.54
N THR B 134 -59.37 7.67 -32.85
CA THR B 134 -60.29 6.99 -31.94
C THR B 134 -60.54 5.58 -32.45
N ARG B 135 -59.99 4.59 -31.77
CA ARG B 135 -60.17 3.20 -32.18
C ARG B 135 -61.48 2.65 -31.65
N VAL B 136 -62.29 2.09 -32.52
CA VAL B 136 -63.59 1.54 -32.13
C VAL B 136 -63.57 0.01 -32.26
N ALA B 137 -64.32 -0.66 -31.40
CA ALA B 137 -64.28 -2.12 -31.30
C ALA B 137 -65.25 -2.82 -32.24
N LEU B 138 -65.92 -2.07 -33.11
CA LEU B 138 -66.81 -2.69 -34.09
C LEU B 138 -66.04 -3.16 -35.33
N GLU B 139 -66.22 -4.43 -35.68
CA GLU B 139 -65.50 -5.00 -36.82
C GLU B 139 -66.39 -5.74 -37.81
N ASP B 140 -67.08 -6.78 -37.34
CA ASP B 140 -67.82 -7.69 -38.21
C ASP B 140 -68.88 -7.01 -39.09
N ILE B 141 -69.16 -5.74 -38.81
CA ILE B 141 -70.08 -4.96 -39.64
C ILE B 141 -69.43 -4.56 -40.97
N GLU B 142 -70.15 -3.77 -41.76
CA GLU B 142 -69.73 -3.46 -43.12
C GLU B 142 -69.23 -2.03 -43.30
N PHE B 143 -68.12 -1.87 -44.01
CA PHE B 143 -67.54 -0.55 -44.27
C PHE B 143 -67.29 -0.32 -45.76
N ASP B 144 -67.76 0.81 -46.28
CA ASP B 144 -67.41 1.21 -47.64
C ASP B 144 -66.29 2.25 -47.67
N THR B 145 -65.84 2.68 -46.50
CA THR B 145 -64.83 3.74 -46.40
C THR B 145 -63.85 3.47 -45.26
N TYR B 146 -62.56 3.66 -45.52
CA TYR B 146 -61.51 3.30 -44.56
C TYR B 146 -60.51 4.43 -44.30
N PHE B 147 -59.76 4.29 -43.22
CA PHE B 147 -58.68 5.22 -42.91
C PHE B 147 -57.35 4.63 -43.35
N PRO B 148 -56.60 5.38 -44.18
CA PRO B 148 -55.33 4.89 -44.75
C PRO B 148 -54.34 4.47 -43.67
N GLU B 149 -53.55 3.44 -43.96
CA GLU B 149 -52.58 2.94 -43.00
C GLU B 149 -51.57 4.02 -42.66
N ILE B 150 -51.40 4.26 -41.36
CA ILE B 150 -50.52 5.31 -40.86
C ILE B 150 -49.06 5.05 -41.26
N PRO B 151 -48.45 6.00 -41.97
CA PRO B 151 -47.05 5.90 -42.40
C PRO B 151 -46.10 5.72 -41.23
N GLU B 152 -44.95 5.10 -41.47
CA GLU B 152 -44.00 4.77 -40.41
C GLU B 152 -43.35 6.00 -39.79
N THR B 153 -43.54 7.15 -40.43
CA THR B 153 -42.99 8.41 -39.92
C THR B 153 -43.66 8.80 -38.60
N PHE B 154 -44.82 8.23 -38.34
CA PHE B 154 -45.57 8.50 -37.11
C PHE B 154 -45.30 7.46 -36.03
N LEU B 155 -45.25 7.92 -34.78
CA LEU B 155 -45.19 7.03 -33.63
C LEU B 155 -46.22 7.45 -32.60
N PRO B 156 -46.90 6.47 -31.97
CA PRO B 156 -47.87 6.84 -30.94
C PRO B 156 -47.21 7.43 -29.70
N VAL B 157 -47.67 8.59 -29.25
CA VAL B 157 -47.22 9.11 -27.96
C VAL B 157 -48.23 8.89 -26.84
N TYR B 158 -49.42 8.41 -27.19
CA TYR B 158 -50.48 8.25 -26.19
C TYR B 158 -51.49 7.16 -26.55
N MET B 159 -51.94 6.41 -25.55
CA MET B 159 -53.07 5.51 -25.69
C MET B 159 -53.95 5.58 -24.44
N SER B 160 -55.20 5.98 -24.60
CA SER B 160 -56.09 6.18 -23.45
C SER B 160 -56.61 4.86 -22.90
N GLN B 161 -57.38 4.95 -21.81
CA GLN B 161 -58.04 3.79 -21.25
C GLN B 161 -59.22 3.40 -22.13
N THR B 162 -59.69 2.16 -22.00
CA THR B 162 -60.85 1.71 -22.77
C THR B 162 -62.13 2.28 -22.19
N PHE B 163 -62.97 2.85 -23.05
CA PHE B 163 -64.26 3.42 -22.65
C PHE B 163 -65.42 2.63 -23.25
N CYS B 164 -66.58 2.67 -22.60
CA CYS B 164 -67.75 1.93 -23.06
C CYS B 164 -68.96 2.81 -23.31
N THR B 165 -69.47 2.78 -24.53
CA THR B 165 -70.71 3.46 -24.87
C THR B 165 -71.63 2.52 -25.64
N LYS B 166 -72.79 2.24 -25.07
CA LYS B 166 -73.74 1.29 -25.65
C LYS B 166 -73.05 -0.06 -25.90
N ASN B 167 -72.31 -0.52 -24.90
CA ASN B 167 -71.56 -1.77 -24.95
C ASN B 167 -70.52 -1.80 -26.06
N ILE B 168 -70.05 -0.63 -26.47
CA ILE B 168 -68.99 -0.54 -27.47
C ILE B 168 -67.71 0.02 -26.86
N SER B 169 -66.61 -0.72 -27.01
CA SER B 169 -65.33 -0.31 -26.47
C SER B 169 -64.57 0.61 -27.43
N TYR B 170 -63.92 1.64 -26.89
CA TYR B 170 -63.08 2.49 -27.71
C TYR B 170 -61.94 3.16 -26.94
N ASP B 171 -60.86 3.47 -27.66
CA ASP B 171 -59.70 4.15 -27.10
C ASP B 171 -59.49 5.53 -27.72
N PHE B 172 -58.48 6.23 -27.23
CA PHE B 172 -58.04 7.49 -27.83
C PHE B 172 -56.52 7.50 -27.96
N MET B 173 -56.02 7.55 -29.18
CA MET B 173 -54.58 7.54 -29.41
C MET B 173 -54.09 8.81 -30.09
N ILE B 174 -52.85 9.17 -29.80
CA ILE B 174 -52.22 10.32 -30.44
C ILE B 174 -50.92 9.88 -31.12
N PHE B 175 -50.86 10.07 -32.43
CA PHE B 175 -49.64 9.79 -33.18
C PHE B 175 -48.95 11.10 -33.55
N GLU B 176 -47.62 11.12 -33.47
CA GLU B 176 -46.88 12.30 -33.86
C GLU B 176 -45.79 11.95 -34.88
N LYS B 177 -45.42 12.92 -35.69
CA LYS B 177 -44.41 12.71 -36.71
C LYS B 177 -43.05 13.06 -36.14
N GLN B 178 -42.21 12.05 -35.96
CA GLN B 178 -40.96 12.22 -35.22
C GLN B 178 -39.74 11.83 -36.05
N GLU B 179 -38.77 12.74 -36.10
CA GLU B 179 -37.56 12.55 -36.89
C GLU B 179 -36.30 12.79 -36.07
N LYS B 180 -36.15 14.01 -35.56
CA LYS B 180 -34.92 14.45 -34.92
C LYS B 180 -34.67 13.74 -33.59
N LYS B 181 -33.53 14.04 -32.96
CA LYS B 181 -33.09 13.37 -31.75
C LYS B 181 -33.01 11.85 -31.94
N LEU B 193 -35.16 18.52 -16.26
CA LEU B 193 -33.88 19.22 -16.10
C LEU B 193 -32.73 18.23 -16.05
N LYS B 194 -31.64 18.57 -16.74
CA LYS B 194 -30.51 17.66 -16.91
C LYS B 194 -29.77 17.40 -15.61
N SER B 195 -29.93 18.30 -14.64
CA SER B 195 -29.20 18.19 -13.38
C SER B 195 -29.62 16.98 -12.56
N ILE B 196 -30.92 16.74 -12.47
CA ILE B 196 -31.43 15.61 -11.69
C ILE B 196 -31.08 14.27 -12.35
N ASP B 197 -31.21 14.21 -13.66
CA ASP B 197 -30.90 12.99 -14.40
C ASP B 197 -29.45 12.55 -14.19
N ASP B 198 -28.55 13.53 -14.13
CA ASP B 198 -27.13 13.25 -13.94
C ASP B 198 -26.82 12.80 -12.52
N THR B 199 -27.33 13.55 -11.54
CA THR B 199 -27.05 13.28 -10.13
C THR B 199 -27.48 11.87 -9.72
N VAL B 200 -28.66 11.46 -10.16
CA VAL B 200 -29.16 10.13 -9.86
C VAL B 200 -28.29 9.06 -10.50
N ASP B 201 -27.87 9.31 -11.74
CA ASP B 201 -26.98 8.39 -12.45
C ASP B 201 -25.65 8.23 -11.73
N LEU B 202 -25.12 9.35 -11.23
CA LEU B 202 -23.83 9.33 -10.53
C LEU B 202 -23.93 8.56 -9.22
N LEU B 203 -25.01 8.78 -8.49
CA LEU B 203 -25.26 8.03 -7.26
C LEU B 203 -25.38 6.54 -7.58
N GLY B 204 -25.95 6.24 -8.74
CA GLY B 204 -26.09 4.86 -9.19
C GLY B 204 -24.76 4.23 -9.53
N GLU B 205 -23.79 5.06 -9.90
CA GLU B 205 -22.44 4.57 -10.17
C GLU B 205 -21.69 4.32 -8.87
N ILE B 206 -21.75 5.30 -7.97
CA ILE B 206 -21.10 5.20 -6.66
C ILE B 206 -21.62 4.01 -5.88
N PHE B 207 -22.90 4.08 -5.49
CA PHE B 207 -23.54 2.98 -4.80
C PHE B 207 -23.89 1.88 -5.80
N GLY B 208 -23.78 0.64 -5.34
CA GLY B 208 -24.09 -0.53 -6.14
C GLY B 208 -25.57 -0.80 -6.00
N ILE B 209 -25.91 -2.09 -5.96
CA ILE B 209 -27.28 -2.51 -5.67
C ILE B 209 -27.76 -1.96 -4.32
N ARG B 210 -26.84 -1.40 -3.54
CA ARG B 210 -27.17 -0.64 -2.34
C ARG B 210 -28.27 0.38 -2.61
N LYS B 211 -28.10 1.17 -3.67
CA LYS B 211 -29.14 2.11 -4.08
C LYS B 211 -30.30 1.33 -4.65
N MET B 212 -31.48 1.52 -4.07
CA MET B 212 -32.67 0.76 -4.43
C MET B 212 -33.11 1.05 -5.86
N GLY B 213 -32.80 2.25 -6.32
CA GLY B 213 -33.08 2.65 -7.69
C GLY B 213 -32.41 1.74 -8.70
N ASN B 214 -31.29 1.13 -8.30
CA ASN B 214 -30.60 0.18 -9.17
C ASN B 214 -31.20 -1.22 -9.11
N ARG B 215 -31.91 -1.52 -8.03
CA ARG B 215 -32.52 -2.84 -7.87
C ARG B 215 -33.77 -2.94 -8.73
N HIS B 216 -34.47 -1.81 -8.88
CA HIS B 216 -35.55 -1.72 -9.86
C HIS B 216 -35.08 -0.82 -11.00
N LYS B 217 -34.76 -1.42 -12.14
CA LYS B 217 -34.27 -0.66 -13.28
C LYS B 217 -35.35 -0.49 -14.33
N PHE B 218 -35.37 0.68 -14.96
CA PHE B 218 -36.32 0.93 -16.03
C PHE B 218 -35.97 0.04 -17.21
N PRO B 219 -36.96 -0.72 -17.70
CA PRO B 219 -36.76 -1.69 -18.78
C PRO B 219 -36.14 -1.08 -20.03
N LYS B 220 -35.22 -1.81 -20.65
CA LYS B 220 -34.60 -1.36 -21.89
C LYS B 220 -35.65 -1.28 -22.99
N GLU B 221 -35.42 -0.42 -23.97
CA GLU B 221 -36.36 -0.19 -25.06
C GLU B 221 -36.73 -1.48 -25.79
N GLU B 222 -35.78 -2.41 -25.86
CA GLU B 222 -36.00 -3.67 -26.57
C GLU B 222 -37.13 -4.49 -25.97
N ILE B 223 -37.18 -4.56 -24.64
CA ILE B 223 -38.21 -5.34 -23.96
C ILE B 223 -39.40 -4.49 -23.49
N TYR B 224 -39.39 -3.21 -23.84
CA TYR B 224 -40.48 -2.31 -23.45
C TYR B 224 -41.54 -2.25 -24.55
N ASN B 225 -42.77 -2.62 -24.21
CA ASN B 225 -43.85 -2.67 -25.19
C ASN B 225 -44.30 -1.29 -25.67
N THR B 226 -44.30 -1.11 -26.99
CA THR B 226 -44.62 0.16 -27.63
C THR B 226 -43.84 1.30 -26.97
N PRO B 227 -42.52 1.32 -27.20
CA PRO B 227 -41.60 2.23 -26.51
C PRO B 227 -41.92 3.70 -26.78
N SER B 228 -42.49 3.99 -27.94
CA SER B 228 -42.77 5.36 -28.35
C SER B 228 -43.76 6.04 -27.41
N ILE B 229 -44.57 5.25 -26.71
CA ILE B 229 -45.50 5.79 -25.74
C ILE B 229 -44.85 5.82 -24.37
N ARG B 230 -44.55 7.01 -23.88
CA ARG B 230 -43.78 7.17 -22.65
C ARG B 230 -44.65 7.69 -21.51
N PHE B 231 -45.02 8.96 -21.60
CA PHE B 231 -45.84 9.59 -20.58
C PHE B 231 -47.32 9.32 -20.87
N GLY B 232 -47.57 8.70 -22.01
CA GLY B 232 -48.92 8.53 -22.50
C GLY B 232 -49.55 7.16 -22.34
N ARG B 233 -49.08 6.35 -21.39
CA ARG B 233 -49.71 5.06 -21.23
C ARG B 233 -50.81 5.15 -20.19
N GLU B 234 -52.04 5.28 -20.67
CA GLU B 234 -53.23 5.21 -19.84
C GLU B 234 -53.74 3.77 -19.74
N HIS B 235 -53.73 3.09 -20.89
CA HIS B 235 -54.33 1.78 -21.04
C HIS B 235 -53.82 0.80 -19.99
N TYR B 236 -54.75 0.11 -19.35
CA TYR B 236 -54.41 -0.70 -18.17
C TYR B 236 -53.90 -2.08 -18.55
N GLU B 237 -53.81 -2.38 -19.84
CA GLU B 237 -53.14 -3.59 -20.27
C GLU B 237 -51.64 -3.37 -20.13
N PHE B 238 -51.23 -2.10 -20.16
CA PHE B 238 -49.84 -1.73 -19.93
C PHE B 238 -49.42 -2.07 -18.49
N GLN B 239 -50.38 -2.09 -17.58
CA GLN B 239 -50.13 -2.46 -16.20
C GLN B 239 -49.55 -3.87 -16.13
N TYR B 240 -50.04 -4.73 -17.01
CA TYR B 240 -49.52 -6.09 -17.13
C TYR B 240 -48.25 -6.14 -17.96
N LEU B 241 -48.25 -5.41 -19.07
CA LEU B 241 -47.16 -5.48 -20.04
C LEU B 241 -45.89 -4.83 -19.53
N ASP B 242 -46.03 -3.82 -18.68
CA ASP B 242 -44.87 -3.16 -18.09
C ASP B 242 -44.29 -4.00 -16.96
N LEU B 243 -45.17 -4.71 -16.24
CA LEU B 243 -44.72 -5.66 -15.23
C LEU B 243 -43.96 -6.79 -15.91
N LEU B 244 -44.44 -7.18 -17.08
CA LEU B 244 -43.77 -8.18 -17.90
C LEU B 244 -42.35 -7.72 -18.22
N SER B 245 -42.22 -6.43 -18.55
CA SER B 245 -40.94 -5.85 -18.91
C SER B 245 -40.00 -5.73 -17.71
N ARG B 246 -40.55 -5.34 -16.57
CA ARG B 246 -39.74 -5.18 -15.36
C ARG B 246 -39.13 -6.50 -14.92
N VAL B 247 -39.85 -7.59 -15.12
CA VAL B 247 -39.33 -8.91 -14.78
C VAL B 247 -38.25 -9.33 -15.76
N LEU B 248 -38.42 -9.00 -17.03
CA LEU B 248 -37.41 -9.31 -18.04
C LEU B 248 -36.13 -8.51 -17.81
N GLU B 249 -36.26 -7.40 -17.09
CA GLU B 249 -35.12 -6.55 -16.79
C GLU B 249 -34.44 -6.93 -15.49
N ASN B 250 -35.16 -6.80 -14.38
CA ASN B 250 -34.58 -6.99 -13.05
C ASN B 250 -34.71 -8.41 -12.50
N GLY B 251 -35.30 -9.31 -13.28
CA GLY B 251 -35.59 -10.65 -12.83
C GLY B 251 -34.36 -11.46 -12.47
N ALA B 252 -34.33 -11.95 -11.23
CA ALA B 252 -33.23 -12.78 -10.78
C ALA B 252 -33.47 -14.24 -11.15
N TYR B 253 -32.48 -14.88 -11.78
CA TYR B 253 -32.61 -16.28 -12.16
C TYR B 253 -32.63 -17.15 -10.91
N ARG B 254 -33.71 -17.90 -10.74
CA ARG B 254 -33.93 -18.64 -9.50
C ARG B 254 -34.54 -20.02 -9.73
N GLU B 255 -34.02 -21.00 -9.01
CA GLU B 255 -34.58 -22.36 -9.04
C GLU B 255 -35.85 -22.41 -8.20
N ASN B 256 -36.71 -23.37 -8.50
CA ASN B 256 -37.92 -23.58 -7.71
C ASN B 256 -38.28 -25.06 -7.65
N ARG B 257 -39.45 -25.37 -7.11
CA ARG B 257 -39.87 -26.76 -6.93
C ARG B 257 -39.96 -27.50 -8.27
N THR B 258 -40.31 -26.77 -9.32
CA THR B 258 -40.32 -27.33 -10.67
C THR B 258 -38.91 -27.33 -11.25
N GLY B 259 -38.68 -28.22 -12.21
CA GLY B 259 -37.38 -28.29 -12.88
C GLY B 259 -37.09 -27.07 -13.72
N ILE B 260 -38.13 -26.28 -13.99
CA ILE B 260 -38.01 -25.08 -14.80
C ILE B 260 -37.76 -23.84 -13.93
N SER B 261 -36.58 -23.26 -14.06
CA SER B 261 -36.21 -22.07 -13.29
C SER B 261 -36.94 -20.84 -13.83
N THR B 262 -37.05 -19.82 -12.98
CA THR B 262 -37.76 -18.60 -13.36
C THR B 262 -36.86 -17.36 -13.25
N TYR B 263 -37.42 -16.22 -13.61
CA TYR B 263 -36.79 -14.93 -13.34
C TYR B 263 -37.73 -14.14 -12.45
N SER B 264 -37.33 -13.91 -11.20
CA SER B 264 -38.26 -13.43 -10.19
C SER B 264 -37.92 -12.06 -9.60
N ILE B 265 -38.95 -11.25 -9.39
CA ILE B 265 -38.84 -10.02 -8.63
C ILE B 265 -39.94 -9.99 -7.57
N PHE B 266 -39.77 -9.13 -6.57
CA PHE B 266 -40.68 -9.13 -5.41
C PHE B 266 -41.43 -7.81 -5.30
N GLY B 267 -42.65 -7.87 -4.75
CA GLY B 267 -43.41 -6.67 -4.44
C GLY B 267 -43.91 -5.84 -5.62
N GLN B 268 -44.73 -6.45 -6.49
CA GLN B 268 -45.29 -5.74 -7.63
C GLN B 268 -46.81 -5.67 -7.58
N MET B 269 -47.39 -4.70 -8.30
CA MET B 269 -48.84 -4.55 -8.34
C MET B 269 -49.37 -4.12 -9.71
N MET B 270 -50.67 -4.30 -9.91
CA MET B 270 -51.35 -3.92 -11.15
C MET B 270 -52.74 -3.35 -10.87
N ARG B 271 -53.08 -2.26 -11.53
CA ARG B 271 -54.40 -1.65 -11.38
C ARG B 271 -55.25 -1.89 -12.62
N PHE B 272 -56.55 -2.02 -12.42
CA PHE B 272 -57.47 -2.26 -13.53
C PHE B 272 -58.82 -1.57 -13.35
N ASP B 273 -59.35 -1.04 -14.44
CA ASP B 273 -60.67 -0.41 -14.44
C ASP B 273 -61.73 -1.37 -14.98
N MET B 274 -62.66 -1.76 -14.12
CA MET B 274 -63.77 -2.61 -14.54
C MET B 274 -65.05 -1.83 -14.84
N ARG B 275 -65.01 -0.51 -14.63
CA ARG B 275 -66.20 0.31 -14.85
C ARG B 275 -66.53 0.46 -16.34
N GLU B 276 -65.56 0.92 -17.12
CA GLU B 276 -65.78 1.17 -18.54
C GLU B 276 -65.30 0.04 -19.45
N SER B 277 -64.74 -1.01 -18.85
CA SER B 277 -64.23 -2.12 -19.67
C SER B 277 -64.01 -3.40 -18.86
N PHE B 278 -63.57 -4.45 -19.54
CA PHE B 278 -63.22 -5.71 -18.91
C PHE B 278 -61.75 -6.04 -19.13
N PRO B 279 -60.98 -6.12 -18.04
CA PRO B 279 -59.52 -6.33 -18.12
C PRO B 279 -59.15 -7.71 -18.67
N LEU B 280 -59.39 -7.95 -19.95
CA LEU B 280 -58.97 -9.17 -20.61
C LEU B 280 -57.89 -8.85 -21.65
N LEU B 281 -56.74 -9.50 -21.53
CA LEU B 281 -55.58 -9.19 -22.36
C LEU B 281 -55.86 -9.36 -23.86
N THR B 282 -55.59 -8.31 -24.63
CA THR B 282 -55.79 -8.35 -26.07
C THR B 282 -54.51 -8.63 -26.86
N THR B 283 -53.38 -8.72 -26.16
CA THR B 283 -52.11 -8.99 -26.82
C THR B 283 -51.93 -10.49 -27.03
N LYS B 284 -52.80 -11.26 -26.38
CA LYS B 284 -52.82 -12.70 -26.52
C LYS B 284 -54.27 -13.15 -26.43
N LYS B 285 -54.65 -14.16 -27.21
CA LYS B 285 -56.01 -14.64 -27.12
C LYS B 285 -56.11 -15.51 -25.87
N VAL B 286 -56.94 -15.07 -24.93
CA VAL B 286 -57.10 -15.75 -23.67
C VAL B 286 -58.33 -16.64 -23.73
N ALA B 287 -58.28 -17.79 -23.07
CA ALA B 287 -59.45 -18.66 -23.08
C ALA B 287 -60.30 -18.25 -21.91
N ILE B 288 -61.42 -17.61 -22.22
CA ILE B 288 -62.29 -17.03 -21.21
C ILE B 288 -63.19 -18.09 -20.62
N ARG B 289 -63.56 -19.08 -21.43
CA ARG B 289 -64.42 -20.16 -20.99
C ARG B 289 -63.69 -20.98 -19.93
N SER B 290 -62.40 -21.22 -20.16
CA SER B 290 -61.57 -21.94 -19.22
C SER B 290 -61.47 -21.20 -17.90
N ILE B 291 -61.41 -19.87 -17.98
CA ILE B 291 -61.33 -19.02 -16.81
C ILE B 291 -62.62 -19.05 -16.00
N PHE B 292 -63.74 -18.82 -16.68
CA PHE B 292 -65.05 -18.79 -16.04
C PHE B 292 -65.35 -20.12 -15.36
N GLU B 293 -65.22 -21.20 -16.12
CA GLU B 293 -65.56 -22.53 -15.64
C GLU B 293 -64.73 -22.92 -14.42
N GLU B 294 -63.56 -22.29 -14.28
CA GLU B 294 -62.73 -22.48 -13.10
C GLU B 294 -63.26 -21.64 -11.93
N LEU B 295 -63.79 -20.46 -12.24
CA LEU B 295 -64.29 -19.57 -11.20
C LEU B 295 -65.59 -20.08 -10.61
N ILE B 296 -66.52 -20.51 -11.46
CA ILE B 296 -67.78 -21.06 -11.00
C ILE B 296 -67.52 -22.38 -10.29
N TRP B 297 -66.39 -23.00 -10.62
CA TRP B 297 -65.93 -24.21 -9.96
C TRP B 297 -65.55 -23.89 -8.52
N PHE B 298 -64.87 -22.76 -8.33
CA PHE B 298 -64.52 -22.27 -7.01
C PHE B 298 -65.77 -21.91 -6.22
N ILE B 299 -66.66 -21.16 -6.86
CA ILE B 299 -67.87 -20.66 -6.20
C ILE B 299 -68.73 -21.81 -5.67
N LYS B 300 -68.85 -22.87 -6.46
CA LYS B 300 -69.63 -24.04 -6.06
C LYS B 300 -68.94 -24.82 -4.94
N GLY B 301 -67.66 -24.54 -4.71
CA GLY B 301 -66.92 -25.21 -3.66
C GLY B 301 -66.36 -26.55 -4.09
N ASP B 302 -66.39 -26.78 -5.40
CA ASP B 302 -66.00 -28.07 -5.95
C ASP B 302 -64.47 -28.26 -5.96
N THR B 303 -64.02 -29.32 -5.32
CA THR B 303 -62.61 -29.67 -5.32
C THR B 303 -62.28 -30.76 -6.35
N ASN B 304 -63.29 -31.23 -7.07
CA ASN B 304 -63.10 -32.30 -8.04
C ASN B 304 -62.48 -31.79 -9.33
N GLY B 305 -61.30 -32.32 -9.66
CA GLY B 305 -60.58 -31.89 -10.84
C GLY B 305 -61.16 -32.43 -12.13
N ASN B 306 -61.90 -33.54 -12.03
CA ASN B 306 -62.49 -34.16 -13.21
C ASN B 306 -63.64 -33.33 -13.77
N HIS B 307 -64.34 -32.62 -12.90
CA HIS B 307 -65.48 -31.80 -13.30
C HIS B 307 -65.04 -30.68 -14.26
N LEU B 308 -63.79 -30.28 -14.14
CA LEU B 308 -63.22 -29.29 -15.05
C LEU B 308 -62.83 -29.94 -16.37
N ILE B 309 -62.31 -31.16 -16.28
CA ILE B 309 -61.86 -31.89 -17.47
C ILE B 309 -63.04 -32.32 -18.33
N GLU B 310 -64.15 -32.68 -17.68
CA GLU B 310 -65.37 -33.05 -18.40
C GLU B 310 -65.89 -31.88 -19.23
N LYS B 311 -65.63 -30.67 -18.74
CA LYS B 311 -66.01 -29.45 -19.44
C LYS B 311 -64.89 -28.99 -20.35
N LYS B 312 -63.87 -29.84 -20.49
CA LYS B 312 -62.72 -29.60 -21.35
C LYS B 312 -61.90 -28.38 -20.91
N VAL B 313 -61.68 -28.28 -19.61
CA VAL B 313 -60.72 -27.32 -19.07
C VAL B 313 -59.61 -28.08 -18.36
N TYR B 314 -58.43 -28.07 -18.96
CA TYR B 314 -57.33 -28.93 -18.53
C TYR B 314 -56.28 -28.26 -17.64
N ILE B 315 -56.52 -27.00 -17.27
CA ILE B 315 -55.52 -26.21 -16.55
C ILE B 315 -55.05 -26.86 -15.24
N TRP B 316 -55.92 -27.60 -14.58
CA TRP B 316 -55.57 -28.24 -13.32
C TRP B 316 -55.16 -29.71 -13.49
N SER B 317 -55.08 -30.18 -14.73
CA SER B 317 -54.69 -31.56 -15.01
C SER B 317 -53.26 -31.85 -14.57
N GLY B 318 -52.38 -30.87 -14.74
CA GLY B 318 -50.98 -31.02 -14.39
C GLY B 318 -50.77 -31.32 -12.92
N ASN B 319 -51.45 -30.53 -12.07
CA ASN B 319 -51.38 -30.75 -10.63
C ASN B 319 -52.43 -31.76 -10.18
N GLY B 320 -53.22 -32.23 -11.14
CA GLY B 320 -54.27 -33.19 -10.86
C GLY B 320 -53.99 -34.59 -11.37
N SER B 321 -52.72 -34.89 -11.64
CA SER B 321 -52.36 -36.21 -12.15
C SER B 321 -52.07 -37.18 -11.01
N LYS B 322 -51.83 -38.43 -11.37
CA LYS B 322 -51.50 -39.45 -10.38
C LYS B 322 -50.03 -39.37 -9.99
N GLU B 323 -49.18 -39.11 -10.98
CA GLU B 323 -47.74 -39.08 -10.78
C GLU B 323 -47.33 -37.90 -9.91
N TYR B 324 -48.01 -36.78 -10.08
CA TYR B 324 -47.71 -35.57 -9.32
C TYR B 324 -48.12 -35.72 -7.86
N LEU B 325 -49.28 -36.35 -7.64
CA LEU B 325 -49.80 -36.54 -6.29
C LEU B 325 -48.92 -37.50 -5.47
N GLU B 326 -48.46 -38.57 -6.11
CA GLU B 326 -47.58 -39.53 -5.45
C GLU B 326 -46.24 -38.90 -5.12
N ARG B 327 -45.85 -37.91 -5.92
CA ARG B 327 -44.57 -37.24 -5.77
C ARG B 327 -44.56 -36.33 -4.53
N ILE B 328 -45.69 -35.69 -4.25
CA ILE B 328 -45.80 -34.79 -3.12
C ILE B 328 -46.33 -35.50 -1.86
N GLY B 329 -46.50 -36.81 -1.94
CA GLY B 329 -46.92 -37.60 -0.79
C GLY B 329 -48.42 -37.75 -0.66
N LEU B 330 -49.13 -37.31 -1.69
CA LEU B 330 -50.59 -37.40 -1.72
C LEU B 330 -51.07 -38.66 -2.44
N GLY B 331 -50.15 -39.55 -2.76
CA GLY B 331 -50.43 -40.74 -3.55
C GLY B 331 -51.65 -41.56 -3.15
N HIS B 332 -51.99 -41.52 -1.87
CA HIS B 332 -53.21 -42.16 -1.37
C HIS B 332 -54.47 -41.62 -2.05
N ARG B 333 -54.40 -40.36 -2.49
CA ARG B 333 -55.55 -39.66 -3.04
C ARG B 333 -55.95 -40.20 -4.42
N GLU B 334 -57.21 -39.98 -4.78
CA GLU B 334 -57.71 -40.31 -6.11
C GLU B 334 -57.03 -39.39 -7.13
N GLU B 335 -57.06 -39.80 -8.40
CA GLU B 335 -56.33 -39.13 -9.47
C GLU B 335 -56.43 -37.61 -9.45
N ASN B 336 -57.62 -37.08 -9.70
CA ASN B 336 -57.80 -35.65 -9.83
C ASN B 336 -58.28 -34.94 -8.55
N ASP B 337 -58.36 -35.66 -7.44
CA ASP B 337 -58.81 -35.04 -6.20
C ASP B 337 -57.69 -34.14 -5.65
N LEU B 338 -57.98 -32.85 -5.55
CA LEU B 338 -56.96 -31.85 -5.26
C LEU B 338 -56.89 -31.43 -3.79
N GLY B 339 -57.80 -31.94 -2.97
CA GLY B 339 -57.82 -31.57 -1.57
C GLY B 339 -58.48 -30.23 -1.30
N PRO B 340 -58.36 -29.73 -0.06
CA PRO B 340 -58.99 -28.47 0.37
C PRO B 340 -58.38 -27.23 -0.29
N ILE B 341 -58.55 -27.13 -1.60
CA ILE B 341 -58.03 -26.00 -2.37
C ILE B 341 -59.07 -24.89 -2.48
N TYR B 342 -58.83 -23.96 -3.40
CA TYR B 342 -59.72 -22.82 -3.62
C TYR B 342 -61.17 -23.29 -3.76
N GLY B 343 -62.06 -22.57 -3.08
CA GLY B 343 -63.48 -22.84 -3.15
C GLY B 343 -63.92 -23.81 -2.08
N PHE B 344 -63.00 -24.66 -1.63
CA PHE B 344 -63.28 -25.45 -0.44
C PHE B 344 -63.19 -24.49 0.72
N GLN B 345 -62.07 -23.78 0.79
CA GLN B 345 -61.81 -22.80 1.84
C GLN B 345 -62.76 -21.61 1.75
N TRP B 346 -63.29 -21.36 0.54
CA TRP B 346 -64.29 -20.31 0.36
C TRP B 346 -65.60 -20.71 1.01
N ARG B 347 -66.10 -21.87 0.62
CA ARG B 347 -67.40 -22.36 1.08
C ARG B 347 -67.32 -23.06 2.44
N HIS B 348 -66.25 -23.80 2.69
CA HIS B 348 -66.07 -24.45 3.98
C HIS B 348 -64.67 -24.19 4.54
N TYR B 349 -64.58 -23.40 5.60
CA TYR B 349 -63.29 -23.07 6.17
C TYR B 349 -63.02 -23.90 7.41
N ASN B 350 -61.80 -24.44 7.49
CA ASN B 350 -61.40 -25.36 8.56
C ASN B 350 -62.26 -26.61 8.60
N GLY B 351 -62.88 -26.93 7.48
CA GLY B 351 -63.64 -28.16 7.36
C GLY B 351 -62.68 -29.35 7.21
N GLU B 352 -62.95 -30.43 7.93
CA GLU B 352 -62.10 -31.61 7.82
C GLU B 352 -62.31 -32.25 6.46
N TYR B 353 -61.24 -32.41 5.70
CA TYR B 353 -61.33 -32.91 4.34
C TYR B 353 -61.15 -34.41 4.29
N LYS B 354 -62.11 -35.10 3.69
CA LYS B 354 -62.02 -36.55 3.52
C LYS B 354 -61.65 -36.86 2.07
N THR B 355 -62.62 -36.72 1.17
CA THR B 355 -62.39 -36.87 -0.26
C THR B 355 -63.19 -35.81 -1.02
N MET B 356 -63.13 -35.83 -2.34
CA MET B 356 -63.88 -34.88 -3.15
C MET B 356 -65.34 -35.31 -3.30
N HIS B 357 -65.61 -36.59 -3.05
CA HIS B 357 -66.95 -37.15 -3.23
C HIS B 357 -67.87 -36.90 -2.04
N ASP B 358 -67.29 -36.62 -0.88
CA ASP B 358 -68.09 -36.45 0.34
C ASP B 358 -68.94 -35.19 0.29
N ASP B 359 -70.01 -35.17 1.07
CA ASP B 359 -70.90 -34.01 1.13
C ASP B 359 -70.50 -33.10 2.27
N TYR B 360 -69.97 -31.93 1.92
CA TYR B 360 -69.44 -31.00 2.91
C TYR B 360 -70.42 -29.90 3.31
N THR B 361 -71.65 -29.98 2.81
CA THR B 361 -72.66 -29.00 3.16
C THR B 361 -72.90 -28.99 4.66
N GLY B 362 -72.78 -27.81 5.27
CA GLY B 362 -73.00 -27.65 6.69
C GLY B 362 -71.73 -27.59 7.52
N VAL B 363 -70.63 -28.10 6.98
CA VAL B 363 -69.36 -28.11 7.71
C VAL B 363 -68.48 -26.95 7.28
N GLY B 364 -67.72 -26.40 8.24
CA GLY B 364 -66.79 -25.33 7.95
C GLY B 364 -67.45 -23.97 7.85
N VAL B 365 -66.64 -22.92 7.87
CA VAL B 365 -67.12 -21.56 7.74
C VAL B 365 -67.30 -21.18 6.29
N ASP B 366 -68.47 -20.64 5.94
CA ASP B 366 -68.71 -20.19 4.58
C ASP B 366 -68.36 -18.72 4.48
N GLN B 367 -67.26 -18.42 3.80
CA GLN B 367 -66.80 -17.04 3.65
C GLN B 367 -67.58 -16.33 2.57
N LEU B 368 -67.74 -16.98 1.42
CA LEU B 368 -68.43 -16.41 0.28
C LEU B 368 -69.86 -16.00 0.62
N ALA B 369 -70.52 -16.82 1.44
CA ALA B 369 -71.86 -16.51 1.89
C ALA B 369 -71.84 -15.29 2.81
N LYS B 370 -70.98 -15.32 3.81
CA LYS B 370 -70.87 -14.22 4.76
C LYS B 370 -70.33 -12.97 4.08
N LEU B 371 -69.56 -13.16 3.01
CA LEU B 371 -69.05 -12.03 2.22
C LEU B 371 -70.19 -11.28 1.56
N ILE B 372 -71.02 -12.01 0.82
CA ILE B 372 -72.16 -11.43 0.13
C ILE B 372 -73.14 -10.82 1.14
N GLU B 373 -73.35 -11.52 2.24
CA GLU B 373 -74.27 -11.06 3.27
C GLU B 373 -73.78 -9.76 3.88
N THR B 374 -72.46 -9.64 4.03
CA THR B 374 -71.86 -8.45 4.63
C THR B 374 -71.88 -7.27 3.66
N LEU B 375 -71.71 -7.55 2.37
CA LEU B 375 -71.60 -6.50 1.37
C LEU B 375 -72.86 -5.64 1.27
N LYS B 376 -74.02 -6.28 1.17
CA LYS B 376 -75.27 -5.53 1.05
C LYS B 376 -75.82 -5.03 2.39
N ASN B 377 -75.53 -5.76 3.47
CA ASN B 377 -76.02 -5.36 4.79
C ASN B 377 -75.17 -4.26 5.43
N ASN B 378 -73.85 -4.39 5.32
CA ASN B 378 -72.94 -3.38 5.85
C ASN B 378 -71.86 -3.05 4.84
N PRO B 379 -72.19 -2.20 3.87
CA PRO B 379 -71.32 -1.88 2.72
C PRO B 379 -70.03 -1.17 3.12
N LYS B 380 -70.12 -0.24 4.07
CA LYS B 380 -68.96 0.59 4.43
C LYS B 380 -68.05 -0.13 5.41
N ASP B 381 -68.40 -1.36 5.75
CA ASP B 381 -67.53 -2.22 6.55
C ASP B 381 -66.21 -2.42 5.82
N ARG B 382 -65.12 -2.41 6.58
CA ARG B 382 -63.79 -2.56 6.00
C ARG B 382 -63.32 -4.02 6.06
N ARG B 383 -64.20 -4.87 6.57
CA ARG B 383 -63.84 -6.26 6.85
C ARG B 383 -64.21 -7.28 5.78
N HIS B 384 -64.67 -6.85 4.61
CA HIS B 384 -65.05 -7.83 3.60
C HIS B 384 -63.79 -8.48 3.07
N ILE B 385 -63.66 -9.79 3.30
CA ILE B 385 -62.41 -10.48 2.99
C ILE B 385 -62.64 -11.94 2.66
N LEU B 386 -61.90 -12.44 1.68
CA LEU B 386 -61.97 -13.85 1.30
C LEU B 386 -60.56 -14.42 1.26
N THR B 387 -60.26 -15.35 2.18
CA THR B 387 -58.93 -15.93 2.26
C THR B 387 -58.93 -17.43 1.96
N ALA B 388 -57.99 -17.85 1.12
CA ALA B 388 -57.84 -19.26 0.78
C ALA B 388 -56.72 -19.94 1.58
N TRP B 389 -55.99 -19.16 2.38
CA TRP B 389 -54.78 -19.68 3.01
C TRP B 389 -55.05 -20.23 4.41
N ASN B 390 -55.03 -21.56 4.52
CA ASN B 390 -55.19 -22.23 5.79
C ASN B 390 -53.97 -23.08 6.14
N PRO B 391 -53.19 -22.65 7.14
CA PRO B 391 -51.99 -23.36 7.59
C PRO B 391 -52.24 -24.84 7.92
N SER B 392 -53.43 -25.12 8.45
CA SER B 392 -53.78 -26.49 8.85
C SER B 392 -54.02 -27.39 7.64
N ALA B 393 -54.66 -26.85 6.62
CA ALA B 393 -55.05 -27.65 5.46
C ALA B 393 -54.02 -27.59 4.33
N LEU B 394 -52.94 -26.83 4.53
CA LEU B 394 -51.92 -26.64 3.50
C LEU B 394 -51.31 -27.95 3.02
N SER B 395 -51.00 -28.83 3.96
CA SER B 395 -50.35 -30.10 3.64
C SER B 395 -51.26 -31.03 2.83
N GLN B 396 -52.56 -30.85 2.99
CA GLN B 396 -53.53 -31.71 2.29
C GLN B 396 -53.76 -31.28 0.85
N MET B 397 -53.42 -30.04 0.54
CA MET B 397 -53.73 -29.47 -0.78
C MET B 397 -52.78 -29.97 -1.87
N ALA B 398 -53.30 -30.05 -3.09
CA ALA B 398 -52.49 -30.45 -4.24
C ALA B 398 -51.51 -29.35 -4.60
N LEU B 399 -51.78 -28.16 -4.06
CA LEU B 399 -50.95 -26.98 -4.25
C LEU B 399 -51.52 -25.87 -3.41
N PRO B 400 -50.66 -25.14 -2.68
CA PRO B 400 -51.11 -24.05 -1.81
C PRO B 400 -51.63 -22.87 -2.62
N PRO B 401 -52.51 -22.06 -2.01
CA PRO B 401 -53.16 -20.95 -2.71
C PRO B 401 -52.17 -19.97 -3.30
N CYS B 402 -52.35 -19.66 -4.58
CA CYS B 402 -51.56 -18.66 -5.28
C CYS B 402 -52.18 -17.29 -5.05
N HIS B 403 -53.45 -17.14 -5.42
CA HIS B 403 -54.15 -15.94 -5.03
C HIS B 403 -54.71 -16.23 -3.65
N VAL B 404 -54.05 -15.62 -2.66
CA VAL B 404 -54.23 -15.98 -1.26
C VAL B 404 -55.44 -15.35 -0.60
N LEU B 405 -55.58 -14.04 -0.78
CA LEU B 405 -56.57 -13.27 -0.04
C LEU B 405 -57.09 -12.11 -0.86
N SER B 406 -58.40 -11.85 -0.75
CA SER B 406 -59.02 -10.75 -1.47
C SER B 406 -59.92 -9.92 -0.57
N GLN B 407 -59.84 -8.60 -0.72
CA GLN B 407 -60.68 -7.69 0.05
C GLN B 407 -61.58 -6.90 -0.89
N TYR B 408 -62.81 -6.64 -0.45
CA TYR B 408 -63.78 -5.97 -1.32
C TYR B 408 -64.31 -4.69 -0.69
N TYR B 409 -64.63 -3.72 -1.54
CA TYR B 409 -64.86 -2.35 -1.10
C TYR B 409 -66.09 -1.76 -1.79
N VAL B 410 -67.01 -1.22 -1.00
CA VAL B 410 -68.18 -0.56 -1.56
C VAL B 410 -67.99 0.95 -1.58
N THR B 411 -67.90 1.51 -2.79
CA THR B 411 -67.72 2.94 -2.97
C THR B 411 -69.03 3.67 -2.72
N ASN B 412 -68.94 4.97 -2.43
CA ASN B 412 -70.11 5.78 -2.10
C ASN B 412 -71.10 5.89 -3.26
N ASP B 413 -70.62 5.67 -4.49
CA ASP B 413 -71.46 5.70 -5.67
C ASP B 413 -71.98 4.30 -5.98
N ASN B 414 -71.77 3.39 -5.04
CA ASN B 414 -72.22 2.00 -5.12
C ASN B 414 -71.56 1.20 -6.24
N CYS B 415 -70.23 1.27 -6.29
CA CYS B 415 -69.44 0.38 -7.11
C CYS B 415 -68.67 -0.58 -6.20
N LEU B 416 -68.39 -1.77 -6.72
CA LEU B 416 -67.68 -2.79 -5.93
C LEU B 416 -66.25 -2.98 -6.42
N SER B 417 -65.28 -2.59 -5.60
CA SER B 417 -63.87 -2.68 -5.97
C SER B 417 -63.19 -3.84 -5.26
N CYS B 418 -62.21 -4.44 -5.93
CA CYS B 418 -61.57 -5.65 -5.43
C CYS B 418 -60.04 -5.54 -5.35
N ASN B 419 -59.50 -5.88 -4.19
CA ASN B 419 -58.06 -6.03 -4.01
C ASN B 419 -57.69 -7.49 -3.87
N LEU B 420 -56.62 -7.90 -4.55
CA LEU B 420 -56.17 -9.29 -4.47
C LEU B 420 -54.67 -9.39 -4.24
N TYR B 421 -54.28 -10.08 -3.16
CA TYR B 421 -52.87 -10.37 -2.96
C TYR B 421 -52.56 -11.76 -3.49
N GLN B 422 -51.48 -11.85 -4.26
CA GLN B 422 -51.08 -13.11 -4.88
C GLN B 422 -49.63 -13.43 -4.54
N ARG B 423 -49.43 -14.52 -3.78
CA ARG B 423 -48.10 -14.86 -3.28
C ARG B 423 -47.13 -15.25 -4.40
N SER B 424 -47.64 -15.98 -5.39
CA SER B 424 -46.83 -16.44 -6.50
C SER B 424 -47.61 -16.28 -7.79
N CYS B 425 -46.95 -15.72 -8.79
CA CYS B 425 -47.64 -15.35 -10.02
C CYS B 425 -46.88 -15.76 -11.28
N ASP B 426 -47.52 -16.57 -12.11
CA ASP B 426 -46.97 -16.91 -13.42
C ASP B 426 -47.49 -15.91 -14.43
N LEU B 427 -46.61 -15.08 -14.95
CA LEU B 427 -47.01 -13.98 -15.83
C LEU B 427 -47.45 -14.50 -17.20
N GLY B 428 -46.96 -15.66 -17.58
CA GLY B 428 -47.32 -16.25 -18.85
C GLY B 428 -48.70 -16.88 -18.85
N LEU B 429 -49.02 -17.59 -17.78
CA LEU B 429 -50.24 -18.39 -17.72
C LEU B 429 -51.20 -17.95 -16.63
N GLY B 430 -50.78 -18.08 -15.38
CA GLY B 430 -51.62 -17.79 -14.23
C GLY B 430 -52.15 -16.37 -14.17
N SER B 431 -51.29 -15.39 -14.43
CA SER B 431 -51.66 -13.98 -14.31
C SER B 431 -52.77 -13.54 -15.29
N PRO B 432 -52.67 -13.90 -16.58
CA PRO B 432 -53.79 -13.55 -17.46
C PRO B 432 -55.12 -14.13 -16.97
N PHE B 433 -55.06 -15.31 -16.35
CA PHE B 433 -56.25 -15.92 -15.79
C PHE B 433 -56.70 -15.19 -14.53
N ASN B 434 -55.77 -14.94 -13.61
CA ASN B 434 -56.09 -14.31 -12.35
C ASN B 434 -56.69 -12.91 -12.51
N ILE B 435 -56.19 -12.17 -13.49
CA ILE B 435 -56.69 -10.82 -13.76
C ILE B 435 -58.16 -10.86 -14.17
N ALA B 436 -58.49 -11.76 -15.09
CA ALA B 436 -59.85 -11.89 -15.60
C ALA B 436 -60.77 -12.60 -14.61
N SER B 437 -60.24 -13.58 -13.90
CA SER B 437 -61.05 -14.41 -13.00
C SER B 437 -61.62 -13.59 -11.85
N TYR B 438 -60.78 -12.79 -11.20
CA TYR B 438 -61.23 -11.96 -10.10
C TYR B 438 -61.99 -10.73 -10.61
N ALA B 439 -61.85 -10.44 -11.89
CA ALA B 439 -62.64 -9.39 -12.52
C ALA B 439 -64.07 -9.88 -12.70
N ILE B 440 -64.21 -11.15 -13.07
CA ILE B 440 -65.52 -11.75 -13.22
C ILE B 440 -66.21 -11.91 -11.87
N LEU B 441 -65.45 -12.39 -10.89
CA LEU B 441 -65.97 -12.63 -9.54
C LEU B 441 -66.50 -11.34 -8.94
N THR B 442 -65.80 -10.23 -9.15
CA THR B 442 -66.23 -8.94 -8.65
C THR B 442 -67.53 -8.52 -9.30
N MET B 443 -67.63 -8.75 -10.61
CA MET B 443 -68.84 -8.43 -11.36
C MET B 443 -70.01 -9.29 -10.91
N MET B 444 -69.72 -10.54 -10.54
CA MET B 444 -70.73 -11.45 -10.02
C MET B 444 -71.19 -11.01 -8.64
N LEU B 445 -70.23 -10.72 -7.77
CA LEU B 445 -70.53 -10.25 -6.43
C LEU B 445 -71.27 -8.92 -6.46
N ALA B 446 -71.05 -8.16 -7.54
CA ALA B 446 -71.69 -6.85 -7.69
C ALA B 446 -73.17 -7.00 -8.02
N GLN B 447 -73.50 -7.93 -8.92
CA GLN B 447 -74.88 -8.13 -9.34
C GLN B 447 -75.73 -8.71 -8.23
N VAL B 448 -75.18 -9.65 -7.50
CA VAL B 448 -75.89 -10.30 -6.41
C VAL B 448 -76.20 -9.30 -5.29
N CYS B 449 -75.27 -8.37 -5.08
CA CYS B 449 -75.43 -7.35 -4.03
C CYS B 449 -76.01 -6.05 -4.58
N GLY B 450 -76.25 -6.02 -5.89
CA GLY B 450 -76.86 -4.86 -6.53
C GLY B 450 -75.90 -3.68 -6.66
N TYR B 451 -74.68 -3.95 -7.11
CA TYR B 451 -73.70 -2.90 -7.30
C TYR B 451 -73.16 -2.91 -8.72
N GLU B 452 -72.53 -1.80 -9.10
CA GLU B 452 -71.79 -1.72 -10.36
C GLU B 452 -70.34 -2.14 -10.11
N PRO B 453 -69.64 -2.58 -11.17
CA PRO B 453 -68.23 -2.97 -10.99
C PRO B 453 -67.32 -1.79 -10.64
N GLY B 454 -66.38 -2.01 -9.74
CA GLY B 454 -65.43 -0.99 -9.33
C GLY B 454 -64.07 -1.16 -10.00
N GLU B 455 -63.02 -0.81 -9.26
CA GLU B 455 -61.65 -1.00 -9.74
C GLU B 455 -61.05 -2.30 -9.23
N LEU B 456 -60.22 -2.94 -10.05
CA LEU B 456 -59.51 -4.15 -9.63
C LEU B 456 -58.02 -3.89 -9.44
N ALA B 457 -57.52 -4.18 -8.25
CA ALA B 457 -56.10 -4.03 -7.95
C ALA B 457 -55.50 -5.36 -7.50
N ILE B 458 -54.40 -5.75 -8.14
CA ILE B 458 -53.74 -7.02 -7.83
C ILE B 458 -52.34 -6.80 -7.28
N PHE B 459 -52.07 -7.38 -6.12
CA PHE B 459 -50.76 -7.25 -5.47
C PHE B 459 -50.00 -8.59 -5.53
N ILE B 460 -48.81 -8.56 -6.10
CA ILE B 460 -48.06 -9.79 -6.36
C ILE B 460 -46.77 -9.89 -5.54
N GLY B 461 -46.68 -10.91 -4.70
CA GLY B 461 -45.46 -11.13 -3.97
C GLY B 461 -44.33 -11.56 -4.87
N ASP B 462 -44.48 -12.71 -5.53
CA ASP B 462 -43.42 -13.22 -6.40
C ASP B 462 -43.85 -13.17 -7.86
N ALA B 463 -43.29 -12.24 -8.60
CA ALA B 463 -43.62 -12.08 -10.01
C ALA B 463 -42.52 -12.67 -10.86
N HIS B 464 -42.81 -13.79 -11.53
CA HIS B 464 -41.77 -14.52 -12.24
C HIS B 464 -42.19 -14.95 -13.64
N ILE B 465 -41.18 -15.22 -14.47
CA ILE B 465 -41.38 -15.74 -15.81
C ILE B 465 -40.55 -17.00 -16.00
N TYR B 466 -41.22 -18.12 -16.24
CA TYR B 466 -40.51 -19.37 -16.48
C TYR B 466 -39.68 -19.25 -17.76
N GLU B 467 -38.50 -19.86 -17.75
CA GLU B 467 -37.52 -19.65 -18.82
C GLU B 467 -37.99 -20.22 -20.17
N ASN B 468 -39.00 -21.08 -20.15
CA ASN B 468 -39.54 -21.64 -21.39
C ASN B 468 -40.57 -20.71 -22.03
N HIS B 469 -40.98 -19.69 -21.29
CA HIS B 469 -41.96 -18.72 -21.79
C HIS B 469 -41.30 -17.47 -22.38
N LEU B 470 -39.97 -17.45 -22.38
CA LEU B 470 -39.23 -16.26 -22.79
C LEU B 470 -39.47 -15.88 -24.24
N THR B 471 -39.38 -16.86 -25.14
CA THR B 471 -39.60 -16.62 -26.55
C THR B 471 -41.03 -16.17 -26.82
N GLN B 472 -41.97 -16.74 -26.06
CA GLN B 472 -43.39 -16.43 -26.22
C GLN B 472 -43.74 -15.04 -25.68
N LEU B 473 -43.25 -14.72 -24.49
CA LEU B 473 -43.61 -13.46 -23.84
C LEU B 473 -42.92 -12.26 -24.50
N LYS B 474 -41.79 -12.51 -25.16
CA LYS B 474 -41.14 -11.46 -25.94
C LYS B 474 -41.93 -11.19 -27.21
N GLU B 475 -42.57 -12.24 -27.72
CA GLU B 475 -43.46 -12.11 -28.86
C GLU B 475 -44.69 -11.30 -28.49
N GLN B 476 -45.26 -11.60 -27.32
CA GLN B 476 -46.45 -10.91 -26.85
C GLN B 476 -46.16 -9.42 -26.63
N LEU B 477 -44.93 -9.12 -26.26
CA LEU B 477 -44.54 -7.73 -26.00
C LEU B 477 -44.38 -6.91 -27.27
N SER B 478 -44.32 -7.60 -28.41
CA SER B 478 -44.14 -6.92 -29.70
C SER B 478 -45.47 -6.43 -30.27
N ARG B 479 -46.55 -6.69 -29.53
CA ARG B 479 -47.89 -6.38 -30.02
C ARG B 479 -48.51 -5.18 -29.31
N THR B 480 -48.82 -4.14 -30.09
CA THR B 480 -49.45 -2.94 -29.55
C THR B 480 -50.90 -3.26 -29.13
N PRO B 481 -51.23 -2.97 -27.87
CA PRO B 481 -52.52 -3.30 -27.26
C PRO B 481 -53.74 -2.74 -28.00
N ARG B 482 -54.84 -3.49 -27.92
CA ARG B 482 -56.11 -3.05 -28.46
C ARG B 482 -57.08 -2.88 -27.30
N PRO B 483 -58.09 -2.01 -27.46
CA PRO B 483 -59.02 -1.71 -26.37
C PRO B 483 -59.68 -2.93 -25.74
N PHE B 484 -59.82 -2.91 -24.43
CA PHE B 484 -60.44 -4.00 -23.68
C PHE B 484 -61.85 -4.28 -24.15
N PRO B 485 -62.27 -5.54 -24.12
CA PRO B 485 -63.64 -5.92 -24.49
C PRO B 485 -64.66 -5.50 -23.43
N GLN B 486 -65.90 -5.93 -23.62
CA GLN B 486 -66.94 -5.72 -22.62
C GLN B 486 -67.53 -7.05 -22.18
N LEU B 487 -67.94 -7.14 -20.93
CA LEU B 487 -68.55 -8.36 -20.42
C LEU B 487 -69.87 -8.04 -19.73
N LYS B 488 -70.96 -8.59 -20.26
CA LYS B 488 -72.28 -8.37 -19.71
C LYS B 488 -72.97 -9.70 -19.39
N PHE B 489 -73.77 -9.71 -18.34
CA PHE B 489 -74.55 -10.88 -17.96
C PHE B 489 -75.91 -10.87 -18.65
N LYS B 490 -76.33 -12.02 -19.17
CA LYS B 490 -77.58 -12.10 -19.92
C LYS B 490 -78.79 -12.22 -19.01
N ARG B 491 -78.55 -12.57 -17.74
CA ARG B 491 -79.65 -12.68 -16.78
C ARG B 491 -79.16 -12.42 -15.36
N LYS B 492 -80.06 -12.03 -14.48
CA LYS B 492 -79.72 -11.82 -13.08
C LYS B 492 -80.09 -13.06 -12.26
N VAL B 493 -79.09 -13.73 -11.72
CA VAL B 493 -79.30 -14.93 -10.92
C VAL B 493 -79.75 -14.57 -9.51
N GLU B 494 -80.47 -15.47 -8.88
CA GLU B 494 -80.89 -15.29 -7.49
C GLU B 494 -79.74 -15.64 -6.54
N ASN B 495 -79.02 -16.71 -6.86
CA ASN B 495 -77.84 -17.10 -6.09
C ASN B 495 -76.61 -17.11 -6.99
N ILE B 496 -75.46 -16.79 -6.40
CA ILE B 496 -74.22 -16.64 -7.16
C ILE B 496 -73.75 -17.97 -7.78
N GLU B 497 -74.26 -19.08 -7.28
CA GLU B 497 -73.87 -20.40 -7.78
C GLU B 497 -74.61 -20.75 -9.07
N ASP B 498 -75.61 -19.95 -9.42
CA ASP B 498 -76.49 -20.27 -10.53
C ASP B 498 -75.96 -19.77 -11.88
N PHE B 499 -74.79 -19.15 -11.88
CA PHE B 499 -74.20 -18.63 -13.11
C PHE B 499 -73.79 -19.75 -14.06
N LYS B 500 -74.11 -19.57 -15.34
CA LYS B 500 -73.74 -20.54 -16.37
C LYS B 500 -72.96 -19.82 -17.47
N TRP B 501 -72.21 -20.58 -18.27
CA TRP B 501 -71.36 -20.00 -19.31
C TRP B 501 -72.17 -19.29 -20.39
N GLU B 502 -73.38 -19.78 -20.63
CA GLU B 502 -74.26 -19.21 -21.64
C GLU B 502 -74.73 -17.82 -21.23
N ASP B 503 -74.68 -17.54 -19.94
CA ASP B 503 -75.15 -16.25 -19.41
C ASP B 503 -74.17 -15.13 -19.72
N ILE B 504 -72.95 -15.48 -20.10
CA ILE B 504 -71.91 -14.48 -20.34
C ILE B 504 -71.80 -14.06 -21.80
N GLU B 505 -71.88 -12.74 -22.02
CA GLU B 505 -71.75 -12.18 -23.35
C GLU B 505 -70.48 -11.32 -23.43
N LEU B 506 -69.50 -11.78 -24.20
CA LEU B 506 -68.25 -11.06 -24.37
C LEU B 506 -68.30 -10.18 -25.61
N ILE B 507 -68.29 -8.87 -25.41
CA ILE B 507 -68.55 -7.92 -26.50
C ILE B 507 -67.31 -7.15 -26.95
N GLY B 508 -66.95 -7.32 -28.22
CA GLY B 508 -65.87 -6.55 -28.81
C GLY B 508 -64.48 -7.01 -28.42
N TYR B 509 -64.29 -8.33 -28.33
CA TYR B 509 -62.98 -8.88 -28.03
C TYR B 509 -62.26 -9.26 -29.32
N TYR B 510 -61.20 -8.53 -29.65
CA TYR B 510 -60.45 -8.77 -30.87
C TYR B 510 -58.96 -8.85 -30.60
N PRO B 511 -58.51 -9.96 -29.99
CA PRO B 511 -57.11 -10.06 -29.56
C PRO B 511 -56.17 -10.45 -30.68
N TYR B 512 -54.89 -10.52 -30.34
CA TYR B 512 -53.88 -11.07 -31.23
C TYR B 512 -53.96 -12.59 -31.14
N PRO B 513 -53.37 -13.32 -32.12
CA PRO B 513 -53.42 -14.78 -32.09
C PRO B 513 -52.92 -15.38 -30.77
N THR B 514 -53.55 -16.47 -30.35
CA THR B 514 -53.20 -17.13 -29.09
C THR B 514 -51.75 -17.60 -29.07
N ILE B 515 -51.12 -17.48 -27.90
CA ILE B 515 -49.74 -17.89 -27.74
C ILE B 515 -49.62 -19.08 -26.81
N LYS B 516 -49.05 -20.17 -27.31
CA LYS B 516 -48.95 -21.41 -26.56
C LYS B 516 -47.78 -21.40 -25.59
N MET B 517 -48.07 -21.67 -24.32
CA MET B 517 -47.05 -21.72 -23.29
C MET B 517 -47.27 -22.93 -22.36
N ASP B 518 -46.22 -23.72 -22.17
CA ASP B 518 -46.31 -24.95 -21.39
C ASP B 518 -46.22 -24.68 -19.89
N MET B 519 -47.17 -25.24 -19.13
CA MET B 519 -47.21 -25.05 -17.69
C MET B 519 -46.16 -25.89 -16.97
N ALA B 520 -45.45 -25.26 -16.05
CA ALA B 520 -44.48 -25.98 -15.22
C ALA B 520 -45.20 -26.70 -14.08
N VAL B 521 -45.06 -28.01 -14.02
CA VAL B 521 -45.76 -28.82 -13.04
C VAL B 521 -44.93 -29.04 -11.78
N GLU C 3 -1.82 -17.30 -30.73
CA GLU C 3 -1.35 -17.65 -29.40
C GLU C 3 -1.41 -16.45 -28.46
N LYS C 4 -2.43 -16.43 -27.60
CA LYS C 4 -2.60 -15.35 -26.64
C LYS C 4 -2.65 -15.90 -25.21
N ASN C 5 -2.79 -15.01 -24.24
CA ASN C 5 -2.64 -15.38 -22.84
C ASN C 5 -3.93 -15.92 -22.20
N VAL C 6 -3.79 -16.99 -21.43
CA VAL C 6 -4.92 -17.60 -20.74
C VAL C 6 -4.70 -17.61 -19.22
N SER C 7 -5.55 -16.91 -18.50
CA SER C 7 -5.38 -16.76 -17.05
C SER C 7 -6.57 -17.29 -16.25
N ILE C 8 -6.28 -17.94 -15.14
CA ILE C 8 -7.32 -18.37 -14.21
C ILE C 8 -7.56 -17.28 -13.16
N VAL C 9 -8.82 -16.87 -13.02
CA VAL C 9 -9.20 -15.93 -11.98
C VAL C 9 -10.14 -16.61 -10.99
N VAL C 10 -9.70 -16.70 -9.74
CA VAL C 10 -10.46 -17.45 -8.75
C VAL C 10 -10.29 -16.87 -7.34
N ALA C 11 -11.34 -16.97 -6.53
CA ALA C 11 -11.28 -16.62 -5.12
C ALA C 11 -11.62 -17.84 -4.28
N ALA C 12 -10.64 -18.34 -3.52
CA ALA C 12 -10.83 -19.54 -2.71
C ALA C 12 -10.45 -19.29 -1.25
N SER C 13 -10.97 -20.13 -0.37
CA SER C 13 -10.63 -20.07 1.05
C SER C 13 -9.15 -20.36 1.24
N VAL C 14 -8.58 -19.81 2.31
CA VAL C 14 -7.13 -19.86 2.52
C VAL C 14 -6.61 -21.29 2.71
N LEU C 15 -7.38 -22.13 3.38
CA LEU C 15 -6.92 -23.48 3.71
C LEU C 15 -7.52 -24.56 2.81
N SER C 16 -8.84 -24.74 2.89
CA SER C 16 -9.51 -25.81 2.16
C SER C 16 -9.78 -25.45 0.70
N SER C 17 -9.48 -24.20 0.33
CA SER C 17 -9.61 -23.72 -1.05
C SER C 17 -11.03 -23.82 -1.59
N GLY C 18 -12.02 -23.80 -0.71
CA GLY C 18 -13.41 -23.82 -1.13
C GLY C 18 -13.81 -22.54 -1.84
N ILE C 19 -14.31 -22.67 -3.07
CA ILE C 19 -14.74 -21.50 -3.84
C ILE C 19 -16.25 -21.22 -3.85
N GLY C 20 -17.05 -22.11 -3.26
CA GLY C 20 -18.50 -21.93 -3.34
C GLY C 20 -19.35 -22.90 -2.54
N ILE C 21 -20.59 -22.48 -2.26
CA ILE C 21 -21.54 -23.32 -1.56
C ILE C 21 -22.97 -23.11 -2.08
N ASN C 22 -23.66 -24.22 -2.35
CA ASN C 22 -25.07 -24.21 -2.77
C ASN C 22 -25.40 -23.29 -3.93
N GLY C 23 -24.58 -23.34 -4.98
CA GLY C 23 -24.83 -22.57 -6.18
C GLY C 23 -24.60 -21.08 -6.02
N GLN C 24 -23.77 -20.71 -5.04
CA GLN C 24 -23.42 -19.31 -4.82
C GLN C 24 -22.11 -19.21 -4.04
N LEU C 25 -21.73 -17.97 -3.72
CA LEU C 25 -20.49 -17.72 -2.99
C LEU C 25 -20.70 -17.80 -1.48
N PRO C 26 -19.75 -18.41 -0.77
CA PRO C 26 -19.75 -18.52 0.69
C PRO C 26 -19.54 -17.17 1.38
N TRP C 27 -19.07 -16.19 0.60
CA TRP C 27 -18.83 -14.85 1.11
C TRP C 27 -19.37 -13.78 0.18
N SER C 28 -19.58 -12.58 0.71
CA SER C 28 -19.87 -11.43 -0.13
C SER C 28 -18.80 -10.36 0.09
N ILE C 29 -17.96 -10.16 -0.91
CA ILE C 29 -16.90 -9.16 -0.81
C ILE C 29 -16.94 -8.24 -2.02
N SER C 30 -17.28 -6.98 -1.80
CA SER C 30 -17.50 -6.03 -2.87
C SER C 30 -16.22 -5.74 -3.64
N GLU C 31 -15.12 -5.55 -2.90
CA GLU C 31 -13.84 -5.20 -3.50
C GLU C 31 -13.33 -6.30 -4.43
N ASP C 32 -13.60 -7.55 -4.09
CA ASP C 32 -13.12 -8.68 -4.88
C ASP C 32 -13.85 -8.79 -6.22
N LEU C 33 -15.14 -8.48 -6.22
CA LEU C 33 -15.91 -8.48 -7.46
C LEU C 33 -15.41 -7.39 -8.38
N LYS C 34 -15.05 -6.24 -7.79
CA LYS C 34 -14.50 -5.14 -8.55
C LYS C 34 -13.11 -5.48 -9.05
N PHE C 35 -12.40 -6.32 -8.30
CA PHE C 35 -11.10 -6.82 -8.72
C PHE C 35 -11.28 -7.72 -9.93
N PHE C 36 -12.26 -8.63 -9.84
CA PHE C 36 -12.60 -9.50 -10.96
C PHE C 36 -12.98 -8.68 -12.18
N SER C 37 -13.72 -7.60 -11.96
CA SER C 37 -14.18 -6.74 -13.04
C SER C 37 -13.01 -6.05 -13.75
N LYS C 38 -12.09 -5.51 -12.97
CA LYS C 38 -10.98 -4.74 -13.55
C LYS C 38 -9.91 -5.62 -14.16
N ILE C 39 -9.71 -6.81 -13.58
CA ILE C 39 -8.67 -7.69 -14.06
C ILE C 39 -9.10 -8.41 -15.35
N THR C 40 -10.41 -8.61 -15.52
CA THR C 40 -10.93 -9.25 -16.72
C THR C 40 -11.28 -8.23 -17.81
N ASN C 41 -11.34 -6.96 -17.44
CA ASN C 41 -11.58 -5.89 -18.40
C ASN C 41 -10.28 -5.27 -18.89
N ASN C 42 -9.17 -5.82 -18.44
CA ASN C 42 -7.86 -5.27 -18.78
C ASN C 42 -7.48 -5.67 -20.20
N LYS C 43 -7.30 -4.67 -21.06
CA LYS C 43 -6.99 -4.91 -22.46
C LYS C 43 -6.08 -3.83 -23.05
N CYS C 44 -5.17 -4.25 -23.90
CA CYS C 44 -4.26 -3.32 -24.57
C CYS C 44 -4.95 -2.66 -25.76
N ASP C 45 -5.72 -3.45 -26.51
CA ASP C 45 -6.40 -2.97 -27.70
C ASP C 45 -7.84 -2.59 -27.38
N SER C 46 -8.27 -1.41 -27.84
CA SER C 46 -9.62 -0.92 -27.58
C SER C 46 -10.65 -1.59 -28.48
N ASN C 47 -10.19 -2.13 -29.61
CA ASN C 47 -11.08 -2.76 -30.58
C ASN C 47 -11.26 -4.25 -30.30
N LYS C 48 -10.70 -4.73 -29.20
CA LYS C 48 -10.79 -6.13 -28.84
C LYS C 48 -11.52 -6.33 -27.51
N LYS C 49 -12.09 -7.52 -27.33
CA LYS C 49 -12.77 -7.88 -26.10
C LYS C 49 -12.08 -9.08 -25.45
N ASN C 50 -12.29 -9.25 -24.15
CA ASN C 50 -11.73 -10.39 -23.43
C ASN C 50 -12.75 -11.49 -23.21
N ALA C 51 -12.39 -12.72 -23.58
CA ALA C 51 -13.28 -13.85 -23.43
C ALA C 51 -13.20 -14.45 -22.03
N LEU C 52 -14.35 -14.73 -21.43
CA LEU C 52 -14.40 -15.31 -20.11
C LEU C 52 -15.07 -16.69 -20.14
N ILE C 53 -14.29 -17.73 -19.88
CA ILE C 53 -14.80 -19.10 -19.89
C ILE C 53 -15.32 -19.48 -18.49
N MET C 54 -16.52 -20.04 -18.45
CA MET C 54 -17.12 -20.47 -17.18
C MET C 54 -18.06 -21.65 -17.38
N GLY C 55 -18.19 -22.48 -16.36
CA GLY C 55 -19.10 -23.60 -16.41
C GLY C 55 -20.55 -23.16 -16.44
N ARG C 56 -21.45 -24.10 -16.73
CA ARG C 56 -22.88 -23.78 -16.82
C ARG C 56 -23.43 -23.32 -15.48
N LYS C 57 -23.07 -24.03 -14.41
CA LYS C 57 -23.56 -23.72 -13.08
C LYS C 57 -23.07 -22.34 -12.61
N THR C 58 -21.87 -21.98 -13.04
CA THR C 58 -21.33 -20.65 -12.75
C THR C 58 -22.10 -19.61 -13.56
N TRP C 59 -22.39 -19.94 -14.82
CA TRP C 59 -23.19 -19.09 -15.68
C TRP C 59 -24.59 -18.89 -15.09
N ASP C 60 -25.07 -19.90 -14.38
CA ASP C 60 -26.34 -19.79 -13.65
C ASP C 60 -26.20 -18.86 -12.45
N SER C 61 -25.06 -18.96 -11.78
CA SER C 61 -24.82 -18.22 -10.54
C SER C 61 -24.80 -16.70 -10.73
N ILE C 62 -24.43 -16.26 -11.93
CA ILE C 62 -24.39 -14.83 -12.22
C ILE C 62 -25.73 -14.33 -12.75
N GLY C 63 -26.71 -15.23 -12.79
CA GLY C 63 -28.06 -14.87 -13.18
C GLY C 63 -28.29 -14.93 -14.69
N ARG C 64 -27.39 -15.61 -15.39
CA ARG C 64 -27.45 -15.76 -16.84
C ARG C 64 -27.60 -14.42 -17.55
N ARG C 65 -26.73 -13.48 -17.20
CA ARG C 65 -26.70 -12.17 -17.85
C ARG C 65 -25.28 -11.82 -18.26
N PRO C 66 -25.12 -11.17 -19.42
CA PRO C 66 -23.80 -10.87 -19.96
C PRO C 66 -23.02 -9.87 -19.12
N LEU C 67 -21.69 -9.98 -19.15
CA LEU C 67 -20.83 -9.02 -18.49
C LEU C 67 -20.41 -7.94 -19.48
N LYS C 68 -20.48 -6.68 -19.06
CA LYS C 68 -20.24 -5.55 -19.94
C LYS C 68 -18.83 -5.55 -20.52
N ASN C 69 -18.74 -5.24 -21.81
CA ASN C 69 -17.46 -5.13 -22.53
C ASN C 69 -16.65 -6.42 -22.53
N ARG C 70 -17.33 -7.55 -22.37
CA ARG C 70 -16.68 -8.85 -22.35
C ARG C 70 -17.57 -9.92 -22.98
N ILE C 71 -16.94 -10.91 -23.60
CA ILE C 71 -17.67 -12.01 -24.20
C ILE C 71 -17.61 -13.25 -23.31
N ILE C 72 -18.77 -13.62 -22.76
CA ILE C 72 -18.85 -14.78 -21.88
C ILE C 72 -18.93 -16.07 -22.68
N VAL C 73 -18.05 -17.02 -22.35
CA VAL C 73 -18.08 -18.33 -22.98
C VAL C 73 -18.55 -19.37 -21.99
N VAL C 74 -19.73 -19.93 -22.23
CA VAL C 74 -20.31 -20.91 -21.32
C VAL C 74 -20.05 -22.34 -21.83
N ILE C 75 -19.56 -23.19 -20.94
CA ILE C 75 -19.32 -24.59 -21.28
C ILE C 75 -20.48 -25.46 -20.81
N SER C 76 -21.21 -26.02 -21.76
CA SER C 76 -22.32 -26.90 -21.45
C SER C 76 -22.58 -27.91 -22.55
N SER C 77 -23.01 -29.11 -22.15
CA SER C 77 -23.39 -30.14 -23.11
C SER C 77 -24.90 -30.13 -23.31
N SER C 78 -25.58 -29.26 -22.57
CA SER C 78 -27.03 -29.15 -22.61
C SER C 78 -27.48 -27.88 -23.32
N LEU C 79 -27.08 -26.74 -22.78
CA LEU C 79 -27.48 -25.43 -23.30
C LEU C 79 -27.29 -25.31 -24.80
N PRO C 80 -28.33 -24.81 -25.50
CA PRO C 80 -28.28 -24.58 -26.94
C PRO C 80 -27.24 -23.54 -27.28
N GLN C 81 -26.70 -23.61 -28.50
CA GLN C 81 -25.71 -22.62 -28.93
C GLN C 81 -26.47 -21.48 -29.58
N ASP C 82 -26.48 -20.34 -28.90
CA ASP C 82 -27.38 -19.26 -29.27
C ASP C 82 -26.65 -18.14 -30.00
N GLU C 83 -27.14 -17.85 -31.20
CA GLU C 83 -26.58 -16.78 -32.01
C GLU C 83 -27.31 -15.47 -31.76
N ALA C 84 -28.22 -15.49 -30.78
CA ALA C 84 -29.00 -14.31 -30.44
C ALA C 84 -28.14 -13.29 -29.70
N ASP C 85 -27.69 -13.64 -28.50
CA ASP C 85 -26.83 -12.75 -27.73
C ASP C 85 -25.39 -12.82 -28.24
N PRO C 86 -24.90 -11.72 -28.81
CA PRO C 86 -23.55 -11.66 -29.37
C PRO C 86 -22.44 -11.69 -28.31
N ASN C 87 -22.79 -11.38 -27.07
CA ASN C 87 -21.80 -11.32 -26.00
C ASN C 87 -21.72 -12.63 -25.21
N VAL C 88 -22.54 -13.60 -25.61
CA VAL C 88 -22.52 -14.91 -24.97
C VAL C 88 -22.48 -16.03 -26.02
N VAL C 89 -21.61 -17.01 -25.82
CA VAL C 89 -21.50 -18.13 -26.74
C VAL C 89 -21.30 -19.43 -25.96
N VAL C 90 -21.85 -20.53 -26.49
CA VAL C 90 -21.77 -21.82 -25.81
C VAL C 90 -20.96 -22.83 -26.61
N PHE C 91 -20.04 -23.52 -25.93
CA PHE C 91 -19.26 -24.58 -26.56
C PHE C 91 -19.51 -25.91 -25.86
N ARG C 92 -19.33 -27.00 -26.60
CA ARG C 92 -19.65 -28.33 -26.08
C ARG C 92 -18.56 -28.86 -25.15
N ASN C 93 -17.32 -28.45 -25.39
CA ASN C 93 -16.21 -28.88 -24.55
C ASN C 93 -15.21 -27.74 -24.33
N LEU C 94 -14.34 -27.91 -23.34
CA LEU C 94 -13.39 -26.87 -22.97
C LEU C 94 -12.35 -26.61 -24.06
N GLU C 95 -11.80 -27.67 -24.63
CA GLU C 95 -10.72 -27.54 -25.60
C GLU C 95 -11.18 -26.85 -26.89
N ASP C 96 -12.41 -27.15 -27.32
CA ASP C 96 -12.95 -26.50 -28.51
C ASP C 96 -13.19 -25.01 -28.27
N SER C 97 -13.36 -24.64 -27.01
CA SER C 97 -13.56 -23.23 -26.64
C SER C 97 -12.23 -22.48 -26.62
N ILE C 98 -11.13 -23.21 -26.79
CA ILE C 98 -9.81 -22.61 -26.85
C ILE C 98 -9.50 -22.24 -28.31
N GLU C 99 -10.51 -22.38 -29.16
CA GLU C 99 -10.45 -21.90 -30.54
C GLU C 99 -10.11 -20.41 -30.60
N ASN C 100 -10.37 -19.70 -29.51
CA ASN C 100 -10.03 -18.27 -29.39
C ASN C 100 -8.56 -17.97 -29.67
N LEU C 101 -7.72 -18.98 -29.51
CA LEU C 101 -6.30 -18.86 -29.85
C LEU C 101 -6.12 -18.88 -31.37
N MET C 102 -6.47 -20.01 -31.99
CA MET C 102 -6.22 -20.26 -33.41
C MET C 102 -6.85 -19.21 -34.32
N ASN C 103 -8.03 -18.71 -33.96
CA ASN C 103 -8.72 -17.71 -34.76
C ASN C 103 -9.37 -16.65 -33.87
N ASP C 104 -10.21 -15.83 -34.48
CA ASP C 104 -10.93 -14.78 -33.75
C ASP C 104 -9.94 -13.81 -33.10
N ASP C 105 -9.32 -12.99 -33.92
CA ASP C 105 -8.30 -12.06 -33.46
C ASP C 105 -8.92 -10.84 -32.81
N SER C 106 -10.26 -10.81 -32.78
CA SER C 106 -10.99 -9.77 -32.07
C SER C 106 -10.94 -10.03 -30.56
N ILE C 107 -10.43 -11.19 -30.18
CA ILE C 107 -10.23 -11.52 -28.77
C ILE C 107 -8.74 -11.37 -28.43
N GLU C 108 -8.46 -10.52 -27.45
CA GLU C 108 -7.09 -10.25 -27.04
C GLU C 108 -6.61 -11.25 -25.99
N ASN C 109 -7.24 -11.23 -24.82
CA ASN C 109 -6.86 -12.12 -23.74
C ASN C 109 -7.99 -13.06 -23.34
N ILE C 110 -7.63 -14.19 -22.75
CA ILE C 110 -8.61 -15.18 -22.31
C ILE C 110 -8.50 -15.41 -20.80
N PHE C 111 -9.64 -15.41 -20.13
CA PHE C 111 -9.69 -15.71 -18.70
C PHE C 111 -10.58 -16.91 -18.43
N VAL C 112 -10.16 -17.76 -17.50
CA VAL C 112 -11.01 -18.85 -17.06
C VAL C 112 -11.64 -18.51 -15.71
N CYS C 113 -12.93 -18.20 -15.73
CA CYS C 113 -13.67 -17.86 -14.52
C CYS C 113 -14.12 -19.14 -13.81
N GLY C 114 -14.15 -20.22 -14.58
CA GLY C 114 -14.18 -21.57 -14.04
C GLY C 114 -15.39 -22.07 -13.28
N GLY C 115 -15.12 -22.47 -12.04
CA GLY C 115 -15.94 -23.42 -11.30
C GLY C 115 -15.08 -24.66 -11.23
N GLU C 116 -15.31 -25.50 -10.23
CA GLU C 116 -14.40 -26.62 -9.95
C GLU C 116 -14.19 -27.54 -11.14
N SER C 117 -15.27 -27.91 -11.81
CA SER C 117 -15.20 -28.81 -12.95
C SER C 117 -14.36 -28.23 -14.08
N ILE C 118 -14.47 -26.92 -14.28
CA ILE C 118 -13.71 -26.26 -15.33
C ILE C 118 -12.26 -26.05 -14.93
N TYR C 119 -12.05 -25.55 -13.71
CA TYR C 119 -10.70 -25.31 -13.19
C TYR C 119 -9.82 -26.56 -13.25
N ARG C 120 -10.39 -27.67 -12.80
CA ARG C 120 -9.63 -28.90 -12.64
C ARG C 120 -9.03 -29.43 -13.93
N ASP C 121 -9.84 -29.49 -14.99
CA ASP C 121 -9.34 -30.01 -16.27
C ASP C 121 -8.85 -28.89 -17.18
N ALA C 122 -8.88 -27.65 -16.71
CA ALA C 122 -8.20 -26.56 -17.40
C ALA C 122 -6.72 -26.61 -17.06
N LEU C 123 -6.44 -26.98 -15.81
CA LEU C 123 -5.07 -27.18 -15.34
C LEU C 123 -4.55 -28.55 -15.77
N LYS C 124 -5.43 -29.55 -15.72
CA LYS C 124 -5.08 -30.92 -16.06
C LYS C 124 -4.66 -31.06 -17.52
N ASP C 125 -5.37 -30.35 -18.40
CA ASP C 125 -5.02 -30.36 -19.82
C ASP C 125 -4.03 -29.24 -20.13
N ASN C 126 -3.65 -28.51 -19.09
CA ASN C 126 -2.62 -27.48 -19.15
C ASN C 126 -2.88 -26.40 -20.22
N PHE C 127 -3.99 -25.69 -20.07
CA PHE C 127 -4.27 -24.53 -20.93
C PHE C 127 -3.92 -23.22 -20.23
N VAL C 128 -3.50 -23.31 -18.97
CA VAL C 128 -3.43 -22.14 -18.11
C VAL C 128 -2.01 -21.58 -17.95
N ASP C 129 -1.81 -20.35 -18.43
CA ASP C 129 -0.55 -19.65 -18.30
C ASP C 129 -0.39 -18.99 -16.93
N ARG C 130 -1.47 -18.36 -16.46
CA ARG C 130 -1.41 -17.55 -15.24
C ARG C 130 -2.59 -17.82 -14.32
N ILE C 131 -2.38 -17.61 -13.02
CA ILE C 131 -3.44 -17.80 -12.03
C ILE C 131 -3.59 -16.59 -11.12
N TYR C 132 -4.77 -15.99 -11.12
CA TYR C 132 -5.08 -14.92 -10.18
C TYR C 132 -5.89 -15.48 -9.02
N LEU C 133 -5.27 -15.57 -7.85
CA LEU C 133 -5.91 -16.18 -6.70
C LEU C 133 -6.20 -15.15 -5.61
N THR C 134 -7.47 -15.07 -5.20
CA THR C 134 -7.84 -14.26 -4.06
C THR C 134 -8.08 -15.18 -2.86
N ARG C 135 -7.15 -15.14 -1.90
CA ARG C 135 -7.26 -15.99 -0.72
C ARG C 135 -8.16 -15.33 0.32
N VAL C 136 -9.16 -16.07 0.79
CA VAL C 136 -10.10 -15.53 1.77
C VAL C 136 -9.92 -16.24 3.12
N ALA C 137 -10.16 -15.52 4.21
CA ALA C 137 -9.86 -16.01 5.55
C ALA C 137 -11.01 -16.80 6.17
N LEU C 138 -12.06 -17.06 5.41
CA LEU C 138 -13.17 -17.87 5.91
C LEU C 138 -12.88 -19.36 5.76
N GLU C 139 -12.99 -20.10 6.85
CA GLU C 139 -12.71 -21.54 6.82
C GLU C 139 -13.80 -22.41 7.43
N ASP C 140 -14.09 -22.19 8.71
CA ASP C 140 -14.95 -23.08 9.48
C ASP C 140 -16.36 -23.25 8.89
N ILE C 141 -16.70 -22.42 7.91
CA ILE C 141 -17.96 -22.56 7.20
C ILE C 141 -17.97 -23.76 6.25
N GLU C 142 -19.04 -23.92 5.49
CA GLU C 142 -19.25 -25.11 4.67
C GLU C 142 -19.08 -24.85 3.17
N PHE C 143 -18.36 -25.76 2.50
CA PHE C 143 -18.13 -25.65 1.06
C PHE C 143 -18.52 -26.93 0.31
N ASP C 144 -19.32 -26.80 -0.73
CA ASP C 144 -19.59 -27.93 -1.62
C ASP C 144 -18.74 -27.90 -2.89
N THR C 145 -17.93 -26.86 -3.05
CA THR C 145 -17.14 -26.68 -4.26
C THR C 145 -15.76 -26.09 -3.93
N TYR C 146 -14.72 -26.65 -4.55
CA TYR C 146 -13.34 -26.27 -4.22
C TYR C 146 -12.50 -25.93 -5.45
N PHE C 147 -11.37 -25.27 -5.21
CA PHE C 147 -10.41 -24.97 -6.26
C PHE C 147 -9.29 -26.00 -6.23
N PRO C 148 -9.04 -26.66 -7.37
CA PRO C 148 -8.04 -27.73 -7.46
C PRO C 148 -6.65 -27.27 -7.02
N GLU C 149 -5.90 -28.17 -6.40
CA GLU C 149 -4.55 -27.83 -5.92
C GLU C 149 -3.67 -27.42 -7.09
N ILE C 150 -3.04 -26.25 -6.96
CA ILE C 150 -2.20 -25.70 -8.01
C ILE C 150 -1.01 -26.58 -8.30
N PRO C 151 -0.85 -27.02 -9.55
CA PRO C 151 0.26 -27.87 -9.98
C PRO C 151 1.61 -27.21 -9.73
N GLU C 152 2.64 -28.02 -9.55
CA GLU C 152 3.98 -27.52 -9.20
C GLU C 152 4.63 -26.71 -10.32
N THR C 153 4.03 -26.75 -11.50
CA THR C 153 4.54 -25.99 -12.64
C THR C 153 4.39 -24.50 -12.42
N PHE C 154 3.52 -24.12 -11.49
CA PHE C 154 3.28 -22.72 -11.15
C PHE C 154 4.10 -22.27 -9.94
N LEU C 155 4.57 -21.04 -9.99
CA LEU C 155 5.21 -20.41 -8.84
C LEU C 155 4.61 -19.02 -8.62
N PRO C 156 4.39 -18.63 -7.35
CA PRO C 156 3.85 -17.30 -7.09
C PRO C 156 4.85 -16.20 -7.44
N VAL C 157 4.44 -15.22 -8.23
CA VAL C 157 5.27 -14.04 -8.43
C VAL C 157 4.82 -12.84 -7.60
N TYR C 158 3.68 -12.95 -6.95
CA TYR C 158 3.13 -11.83 -6.19
C TYR C 158 2.22 -12.24 -5.03
N MET C 159 2.33 -11.52 -3.91
CA MET C 159 1.38 -11.65 -2.81
C MET C 159 1.05 -10.27 -2.25
N SER C 160 -0.21 -9.86 -2.31
CA SER C 160 -0.59 -8.52 -1.89
C SER C 160 -0.65 -8.39 -0.38
N GLN C 161 -0.95 -7.17 0.10
CA GLN C 161 -1.15 -6.93 1.51
C GLN C 161 -2.51 -7.47 1.93
N THR C 162 -2.69 -7.70 3.22
CA THR C 162 -3.98 -8.18 3.72
C THR C 162 -5.02 -7.05 3.74
N PHE C 163 -6.19 -7.33 3.20
CA PHE C 163 -7.29 -6.36 3.16
C PHE C 163 -8.46 -6.82 4.01
N CYS C 164 -9.27 -5.88 4.49
CA CYS C 164 -10.39 -6.21 5.36
C CYS C 164 -11.73 -5.70 4.82
N THR C 165 -12.66 -6.62 4.62
CA THR C 165 -14.02 -6.27 4.25
C THR C 165 -15.02 -7.01 5.12
N LYS C 166 -15.82 -6.27 5.89
CA LYS C 166 -16.75 -6.86 6.84
C LYS C 166 -16.03 -7.80 7.80
N ASN C 167 -14.90 -7.34 8.31
CA ASN C 167 -14.05 -8.11 9.22
C ASN C 167 -13.53 -9.42 8.62
N ILE C 168 -13.44 -9.46 7.29
CA ILE C 168 -12.88 -10.62 6.61
C ILE C 168 -11.56 -10.27 5.94
N SER C 169 -10.52 -11.02 6.25
CA SER C 169 -9.20 -10.79 5.68
C SER C 169 -9.02 -11.50 4.34
N TYR C 170 -8.37 -10.84 3.40
CA TYR C 170 -8.06 -11.48 2.12
C TYR C 170 -6.83 -10.90 1.42
N ASP C 171 -6.18 -11.73 0.62
CA ASP C 171 -5.00 -11.35 -0.16
C ASP C 171 -5.26 -11.41 -1.65
N PHE C 172 -4.24 -11.04 -2.42
CA PHE C 172 -4.26 -11.20 -3.88
C PHE C 172 -2.94 -11.78 -4.35
N MET C 173 -2.97 -12.98 -4.91
CA MET C 173 -1.75 -13.63 -5.37
C MET C 173 -1.75 -13.87 -6.87
N ILE C 174 -0.57 -13.86 -7.47
CA ILE C 174 -0.42 -14.17 -8.88
C ILE C 174 0.56 -15.33 -9.06
N PHE C 175 0.08 -16.42 -9.65
CA PHE C 175 0.93 -17.56 -9.97
C PHE C 175 1.21 -17.58 -11.46
N GLU C 176 2.44 -17.92 -11.83
CA GLU C 176 2.80 -18.03 -13.24
C GLU C 176 3.45 -19.38 -13.53
N LYS C 177 3.32 -19.83 -14.77
CA LYS C 177 3.86 -21.11 -15.17
C LYS C 177 5.28 -20.89 -15.70
N GLN C 178 6.26 -21.39 -14.96
CA GLN C 178 7.66 -21.06 -15.24
C GLN C 178 8.51 -22.31 -15.49
N GLU C 179 9.22 -22.32 -16.60
CA GLU C 179 10.05 -23.45 -17.01
C GLU C 179 11.48 -23.03 -17.33
N LYS C 180 11.62 -22.16 -18.31
CA LYS C 180 12.93 -21.82 -18.88
C LYS C 180 13.78 -21.01 -17.88
N LYS C 181 15.01 -20.70 -18.28
CA LYS C 181 16.00 -20.05 -17.43
C LYS C 181 16.21 -20.82 -16.13
N LEU C 193 19.40 -3.97 -16.78
CA LEU C 193 20.51 -3.95 -17.72
C LEU C 193 21.74 -4.65 -17.13
N LYS C 194 22.39 -5.45 -17.96
CA LYS C 194 23.49 -6.30 -17.51
C LYS C 194 24.73 -5.50 -17.09
N SER C 195 24.82 -4.26 -17.55
CA SER C 195 25.99 -3.43 -17.28
C SER C 195 26.11 -3.06 -15.80
N ILE C 196 25.00 -2.67 -15.19
CA ILE C 196 25.00 -2.27 -13.78
C ILE C 196 25.28 -3.47 -12.87
N ASP C 197 24.65 -4.61 -13.17
CA ASP C 197 24.82 -5.82 -12.38
C ASP C 197 26.28 -6.25 -12.32
N ASP C 198 26.99 -6.10 -13.44
CA ASP C 198 28.38 -6.50 -13.52
C ASP C 198 29.29 -5.53 -12.77
N THR C 199 29.10 -4.23 -13.02
CA THR C 199 29.95 -3.19 -12.41
C THR C 199 29.94 -3.24 -10.88
N VAL C 200 28.74 -3.42 -10.31
CA VAL C 200 28.60 -3.52 -8.86
C VAL C 200 29.30 -4.77 -8.33
N ASP C 201 29.16 -5.87 -9.07
CA ASP C 201 29.82 -7.12 -8.69
C ASP C 201 31.33 -6.98 -8.71
N LEU C 202 31.85 -6.27 -9.72
CA LEU C 202 33.29 -6.07 -9.84
C LEU C 202 33.84 -5.21 -8.71
N LEU C 203 33.11 -4.14 -8.39
CA LEU C 203 33.49 -3.30 -7.25
C LEU C 203 33.47 -4.11 -5.96
N GLY C 204 32.53 -5.05 -5.88
CA GLY C 204 32.44 -5.94 -4.73
C GLY C 204 33.60 -6.90 -4.64
N GLU C 205 34.22 -7.20 -5.78
CA GLU C 205 35.41 -8.03 -5.80
C GLU C 205 36.64 -7.23 -5.38
N ILE C 206 36.79 -6.06 -5.98
CA ILE C 206 37.90 -5.16 -5.66
C ILE C 206 37.91 -4.79 -4.20
N PHE C 207 36.89 -4.03 -3.79
CA PHE C 207 36.75 -3.66 -2.40
C PHE C 207 36.20 -4.83 -1.59
N GLY C 208 36.67 -4.95 -0.37
CA GLY C 208 36.24 -6.00 0.54
C GLY C 208 35.00 -5.53 1.25
N ILE C 209 34.89 -5.88 2.53
CA ILE C 209 33.82 -5.37 3.39
C ILE C 209 33.82 -3.85 3.43
N ARG C 210 34.89 -3.24 2.90
CA ARG C 210 34.94 -1.79 2.67
C ARG C 210 33.68 -1.29 1.96
N LYS C 211 33.31 -1.95 0.88
CA LYS C 211 32.07 -1.63 0.19
C LYS C 211 30.89 -2.07 1.05
N MET C 212 30.02 -1.11 1.38
CA MET C 212 28.92 -1.37 2.30
C MET C 212 27.92 -2.35 1.72
N GLY C 213 27.85 -2.38 0.39
CA GLY C 213 27.00 -3.33 -0.30
C GLY C 213 27.34 -4.77 0.02
N ASN C 214 28.60 -5.02 0.39
CA ASN C 214 29.03 -6.34 0.80
C ASN C 214 28.74 -6.65 2.26
N ARG C 215 28.54 -5.61 3.06
CA ARG C 215 28.24 -5.78 4.48
C ARG C 215 26.78 -6.19 4.65
N HIS C 216 25.93 -5.67 3.78
CA HIS C 216 24.56 -6.15 3.70
C HIS C 216 24.39 -6.94 2.40
N LYS C 217 24.33 -8.25 2.50
CA LYS C 217 24.23 -9.10 1.32
C LYS C 217 22.80 -9.61 1.15
N PHE C 218 22.36 -9.69 -0.10
CA PHE C 218 21.05 -10.24 -0.39
C PHE C 218 21.04 -11.72 -0.04
N PRO C 219 20.06 -12.13 0.78
CA PRO C 219 19.95 -13.50 1.28
C PRO C 219 19.94 -14.54 0.16
N LYS C 220 20.65 -15.65 0.38
CA LYS C 220 20.66 -16.74 -0.58
C LYS C 220 19.27 -17.34 -0.69
N GLU C 221 18.97 -17.94 -1.85
CA GLU C 221 17.65 -18.49 -2.12
C GLU C 221 17.21 -19.51 -1.07
N GLU C 222 18.19 -20.24 -0.51
CA GLU C 222 17.91 -21.27 0.48
C GLU C 222 17.23 -20.71 1.72
N ILE C 223 17.72 -19.58 2.21
CA ILE C 223 17.16 -18.96 3.42
C ILE C 223 16.14 -17.87 3.12
N TYR C 224 15.82 -17.67 1.85
CA TYR C 224 14.85 -16.64 1.44
C TYR C 224 13.45 -17.25 1.35
N ASN C 225 12.52 -16.71 2.14
CA ASN C 225 11.16 -17.25 2.19
C ASN C 225 10.36 -16.99 0.92
N THR C 226 9.81 -18.07 0.35
CA THR C 226 9.08 -18.02 -0.90
C THR C 226 9.88 -17.26 -1.97
N PRO C 227 10.99 -17.86 -2.43
CA PRO C 227 11.96 -17.19 -3.31
C PRO C 227 11.35 -16.76 -4.64
N SER C 228 10.32 -17.48 -5.09
CA SER C 228 9.70 -17.21 -6.38
C SER C 228 9.08 -15.82 -6.44
N ILE C 229 8.73 -15.27 -5.28
CA ILE C 229 8.18 -13.93 -5.22
C ILE C 229 9.31 -12.93 -5.00
N ARG C 230 9.60 -12.14 -6.02
CA ARG C 230 10.75 -11.25 -6.00
C ARG C 230 10.33 -9.80 -5.88
N PHE C 231 9.78 -9.26 -6.95
CA PHE C 231 9.33 -7.88 -6.98
C PHE C 231 7.92 -7.77 -6.42
N GLY C 232 7.34 -8.92 -6.13
CA GLY C 232 5.94 -8.99 -5.75
C GLY C 232 5.64 -9.18 -4.28
N ARG C 233 6.57 -8.82 -3.38
CA ARG C 233 6.25 -8.99 -1.98
C ARG C 233 5.64 -7.71 -1.43
N GLU C 234 4.31 -7.70 -1.36
CA GLU C 234 3.56 -6.64 -0.70
C GLU C 234 3.34 -6.95 0.78
N HIS C 235 3.01 -8.21 1.03
CA HIS C 235 2.60 -8.68 2.37
C HIS C 235 3.62 -8.29 3.43
N TYR C 236 3.13 -7.73 4.51
CA TYR C 236 4.01 -7.13 5.51
C TYR C 236 4.55 -8.14 6.52
N GLU C 237 4.16 -9.40 6.37
CA GLU C 237 4.79 -10.47 7.14
C GLU C 237 6.18 -10.71 6.56
N PHE C 238 6.34 -10.37 5.28
CA PHE C 238 7.63 -10.45 4.63
C PHE C 238 8.63 -9.48 5.25
N GLN C 239 8.11 -8.39 5.81
CA GLN C 239 8.94 -7.41 6.51
C GLN C 239 9.70 -8.09 7.65
N TYR C 240 9.04 -9.02 8.32
CA TYR C 240 9.67 -9.81 9.36
C TYR C 240 10.50 -10.97 8.79
N LEU C 241 9.95 -11.64 7.80
CA LEU C 241 10.59 -12.85 7.25
C LEU C 241 11.85 -12.54 6.46
N ASP C 242 11.90 -11.36 5.84
CA ASP C 242 13.08 -10.96 5.10
C ASP C 242 14.18 -10.48 6.04
N LEU C 243 13.76 -9.87 7.15
CA LEU C 243 14.71 -9.50 8.20
C LEU C 243 15.30 -10.76 8.81
N LEU C 244 14.46 -11.78 8.94
CA LEU C 244 14.90 -13.09 9.42
C LEU C 244 16.00 -13.62 8.50
N SER C 245 15.80 -13.44 7.20
CA SER C 245 16.73 -13.94 6.19
C SER C 245 18.04 -13.14 6.18
N ARG C 246 17.94 -11.83 6.34
CA ARG C 246 19.11 -10.97 6.33
C ARG C 246 20.05 -11.28 7.49
N VAL C 247 19.47 -11.67 8.63
CA VAL C 247 20.26 -12.04 9.79
C VAL C 247 20.93 -13.39 9.57
N LEU C 248 20.22 -14.31 8.92
CA LEU C 248 20.79 -15.62 8.61
C LEU C 248 21.93 -15.50 7.60
N GLU C 249 21.94 -14.40 6.85
CA GLU C 249 22.95 -14.17 5.84
C GLU C 249 24.15 -13.40 6.40
N ASN C 250 23.91 -12.16 6.82
CA ASN C 250 24.97 -11.27 7.24
C ASN C 250 25.28 -11.30 8.74
N GLY C 251 24.57 -12.15 9.47
CA GLY C 251 24.69 -12.18 10.92
C GLY C 251 26.06 -12.56 11.42
N ALA C 252 26.66 -11.69 12.24
CA ALA C 252 27.96 -11.96 12.83
C ALA C 252 27.79 -12.77 14.11
N TYR C 253 28.55 -13.87 14.22
CA TYR C 253 28.48 -14.71 15.40
C TYR C 253 29.08 -13.95 16.58
N ARG C 254 28.28 -13.76 17.62
CA ARG C 254 28.68 -12.91 18.75
C ARG C 254 28.24 -13.46 20.10
N GLU C 255 29.14 -13.37 21.07
CA GLU C 255 28.82 -13.75 22.44
C GLU C 255 28.00 -12.64 23.11
N ASN C 256 27.24 -13.01 24.14
CA ASN C 256 26.49 -12.03 24.91
C ASN C 256 26.40 -12.45 26.37
N ARG C 257 25.60 -11.73 27.15
CA ARG C 257 25.49 -11.99 28.58
C ARG C 257 25.00 -13.41 28.87
N THR C 258 24.16 -13.93 27.98
CA THR C 258 23.71 -15.31 28.08
C THR C 258 24.76 -16.26 27.51
N GLY C 259 24.73 -17.51 27.96
CA GLY C 259 25.66 -18.51 27.45
C GLY C 259 25.41 -18.86 26.00
N ILE C 260 24.24 -18.47 25.49
CA ILE C 260 23.87 -18.74 24.11
C ILE C 260 24.24 -17.59 23.20
N SER C 261 25.19 -17.83 22.30
CA SER C 261 25.63 -16.82 21.35
C SER C 261 24.59 -16.58 20.26
N THR C 262 24.66 -15.42 19.62
CA THR C 262 23.69 -15.06 18.59
C THR C 262 24.36 -14.76 17.25
N TYR C 263 23.54 -14.46 16.26
CA TYR C 263 24.02 -13.92 14.99
C TYR C 263 23.40 -12.54 14.80
N SER C 264 24.23 -11.49 14.87
CA SER C 264 23.69 -10.14 15.01
C SER C 264 24.04 -9.20 13.86
N ILE C 265 23.06 -8.39 13.47
CA ILE C 265 23.28 -7.28 12.55
C ILE C 265 22.69 -6.01 13.15
N PHE C 266 23.10 -4.86 12.64
CA PHE C 266 22.73 -3.58 13.24
C PHE C 266 21.90 -2.72 12.28
N GLY C 267 21.02 -1.89 12.85
CA GLY C 267 20.26 -0.94 12.05
C GLY C 267 19.23 -1.49 11.10
N GLN C 268 18.24 -2.21 11.61
CA GLN C 268 17.18 -2.75 10.76
C GLN C 268 15.79 -2.21 11.14
N MET C 269 14.85 -2.29 10.21
CA MET C 269 13.50 -1.81 10.46
C MET C 269 12.41 -2.67 9.81
N MET C 270 11.18 -2.51 10.28
CA MET C 270 10.03 -3.23 9.74
C MET C 270 8.79 -2.33 9.70
N ARG C 271 8.06 -2.38 8.59
CA ARG C 271 6.83 -1.60 8.45
C ARG C 271 5.59 -2.51 8.54
N PHE C 272 4.51 -1.97 9.07
CA PHE C 272 3.28 -2.75 9.21
C PHE C 272 2.03 -1.91 9.02
N ASP C 273 1.03 -2.49 8.35
CA ASP C 273 -0.26 -1.83 8.16
C ASP C 273 -1.28 -2.34 9.16
N MET C 274 -1.74 -1.46 10.03
CA MET C 274 -2.78 -1.82 10.99
C MET C 274 -4.18 -1.38 10.55
N ARG C 275 -4.25 -0.69 9.41
CA ARG C 275 -5.55 -0.20 8.91
C ARG C 275 -6.45 -1.33 8.42
N GLU C 276 -5.93 -2.13 7.49
CA GLU C 276 -6.73 -3.19 6.89
C GLU C 276 -6.48 -4.56 7.50
N SER C 277 -5.59 -4.64 8.48
CA SER C 277 -5.28 -5.93 9.11
C SER C 277 -4.57 -5.79 10.45
N PHE C 278 -4.29 -6.93 11.08
CA PHE C 278 -3.54 -6.98 12.33
C PHE C 278 -2.24 -7.75 12.13
N PRO C 279 -1.10 -7.08 12.32
CA PRO C 279 0.23 -7.68 12.09
C PRO C 279 0.56 -8.80 13.07
N LEU C 280 -0.12 -9.93 12.95
CA LEU C 280 0.19 -11.11 13.74
C LEU C 280 0.70 -12.22 12.84
N LEU C 281 1.89 -12.73 13.14
CA LEU C 281 2.58 -13.70 12.27
C LEU C 281 1.77 -14.97 12.05
N THR C 282 1.56 -15.33 10.79
CA THR C 282 0.81 -16.52 10.44
C THR C 282 1.71 -17.72 10.09
N THR C 283 3.03 -17.49 10.06
CA THR C 283 3.97 -18.56 9.75
C THR C 283 4.27 -19.37 11.01
N LYS C 284 3.85 -18.85 12.14
CA LYS C 284 3.99 -19.51 13.42
C LYS C 284 2.77 -19.17 14.27
N LYS C 285 2.26 -20.12 15.05
CA LYS C 285 1.14 -19.80 15.90
C LYS C 285 1.67 -19.03 17.10
N VAL C 286 1.21 -17.79 17.21
CA VAL C 286 1.68 -16.90 18.27
C VAL C 286 0.65 -16.91 19.40
N ALA C 287 1.13 -16.82 20.64
CA ALA C 287 0.19 -16.79 21.75
C ALA C 287 -0.19 -15.34 21.98
N ILE C 288 -1.42 -15.03 21.62
CA ILE C 288 -1.91 -13.66 21.64
C ILE C 288 -2.34 -13.28 23.05
N ARG C 289 -2.85 -14.26 23.79
CA ARG C 289 -3.29 -14.03 25.16
C ARG C 289 -2.09 -13.65 26.03
N SER C 290 -0.98 -14.34 25.81
CA SER C 290 0.26 -14.07 26.52
C SER C 290 0.76 -12.66 26.22
N ILE C 291 0.58 -12.23 24.97
CA ILE C 291 0.99 -10.90 24.54
C ILE C 291 0.13 -9.82 25.17
N PHE C 292 -1.18 -9.97 25.06
CA PHE C 292 -2.13 -9.00 25.61
C PHE C 292 -1.95 -8.84 27.11
N GLU C 293 -1.96 -9.96 27.82
CA GLU C 293 -1.88 -9.95 29.28
C GLU C 293 -0.60 -9.30 29.76
N GLU C 294 0.43 -9.29 28.91
CA GLU C 294 1.67 -8.60 29.21
C GLU C 294 1.53 -7.10 28.96
N LEU C 295 0.76 -6.74 27.94
CA LEU C 295 0.57 -5.34 27.59
C LEU C 295 -0.31 -4.62 28.60
N ILE C 296 -1.41 -5.24 28.98
CA ILE C 296 -2.31 -4.66 29.98
C ILE C 296 -1.60 -4.64 31.34
N TRP C 297 -0.61 -5.51 31.48
CA TRP C 297 0.25 -5.55 32.65
C TRP C 297 1.10 -4.29 32.69
N PHE C 298 1.63 -3.91 31.52
CA PHE C 298 2.39 -2.68 31.39
C PHE C 298 1.52 -1.47 31.66
N ILE C 299 0.36 -1.44 31.03
CA ILE C 299 -0.57 -0.31 31.12
C ILE C 299 -0.97 -0.03 32.56
N LYS C 300 -1.23 -1.10 33.32
CA LYS C 300 -1.61 -0.96 34.72
C LYS C 300 -0.44 -0.50 35.59
N GLY C 301 0.78 -0.59 35.04
CA GLY C 301 1.96 -0.17 35.76
C GLY C 301 2.50 -1.24 36.69
N ASP C 302 2.00 -2.45 36.52
CA ASP C 302 2.33 -3.56 37.40
C ASP C 302 3.74 -4.10 37.15
N THR C 303 4.56 -4.10 38.19
CA THR C 303 5.89 -4.68 38.11
C THR C 303 5.95 -6.10 38.68
N ASN C 304 4.82 -6.59 39.17
CA ASN C 304 4.77 -7.90 39.81
C ASN C 304 4.76 -9.02 38.76
N GLY C 305 5.77 -9.88 38.82
CA GLY C 305 5.91 -10.96 37.87
C GLY C 305 4.96 -12.11 38.12
N ASN C 306 4.49 -12.23 39.36
CA ASN C 306 3.59 -13.31 39.73
C ASN C 306 2.20 -13.12 39.13
N HIS C 307 1.79 -11.87 38.96
CA HIS C 307 0.49 -11.54 38.40
C HIS C 307 0.34 -12.07 36.97
N LEU C 308 1.46 -12.19 36.27
CA LEU C 308 1.48 -12.78 34.94
C LEU C 308 1.42 -14.30 35.03
N ILE C 309 2.11 -14.86 36.01
CA ILE C 309 2.16 -16.30 36.19
C ILE C 309 0.81 -16.86 36.64
N GLU C 310 0.11 -16.10 37.48
CA GLU C 310 -1.22 -16.49 37.94
C GLU C 310 -2.19 -16.58 36.77
N LYS C 311 -1.95 -15.78 35.74
CA LYS C 311 -2.75 -15.78 34.53
C LYS C 311 -2.16 -16.75 33.51
N LYS C 312 -1.16 -17.51 33.96
CA LYS C 312 -0.49 -18.53 33.14
C LYS C 312 0.25 -17.93 31.96
N VAL C 313 0.96 -16.83 32.19
CA VAL C 313 1.88 -16.28 31.21
C VAL C 313 3.29 -16.30 31.82
N TYR C 314 4.13 -17.19 31.29
CA TYR C 314 5.42 -17.49 31.90
C TYR C 314 6.61 -16.79 31.26
N ILE C 315 6.36 -15.90 30.30
CA ILE C 315 7.43 -15.29 29.52
C ILE C 315 8.47 -14.55 30.38
N TRP C 316 8.04 -13.99 31.51
CA TRP C 316 8.95 -13.25 32.38
C TRP C 316 9.48 -14.09 33.55
N SER C 317 9.13 -15.37 33.56
CA SER C 317 9.58 -16.27 34.63
C SER C 317 11.10 -16.44 34.63
N GLY C 318 11.68 -16.49 33.44
CA GLY C 318 13.11 -16.68 33.29
C GLY C 318 13.92 -15.57 33.95
N ASN C 319 13.53 -14.33 33.69
CA ASN C 319 14.17 -13.18 34.31
C ASN C 319 13.56 -12.86 35.65
N GLY C 320 12.53 -13.63 36.01
CA GLY C 320 11.82 -13.43 37.27
C GLY C 320 12.10 -14.50 38.31
N SER C 321 13.19 -15.25 38.13
CA SER C 321 13.50 -16.32 39.08
C SER C 321 14.36 -15.79 40.23
N LYS C 322 14.62 -16.67 41.19
CA LYS C 322 15.46 -16.31 42.33
C LYS C 322 16.93 -16.39 41.97
N GLU C 323 17.28 -17.41 41.19
CA GLU C 323 18.67 -17.67 40.82
C GLU C 323 19.21 -16.60 39.89
N TYR C 324 18.35 -16.10 39.00
CA TYR C 324 18.74 -15.05 38.06
C TYR C 324 18.95 -13.72 38.76
N LEU C 325 18.10 -13.41 39.73
CA LEU C 325 18.18 -12.16 40.46
C LEU C 325 19.44 -12.09 41.33
N GLU C 326 19.76 -13.20 41.99
CA GLU C 326 20.96 -13.27 42.82
C GLU C 326 22.22 -13.17 41.96
N ARG C 327 22.10 -13.59 40.71
CA ARG C 327 23.24 -13.59 39.79
C ARG C 327 23.59 -12.18 39.33
N ILE C 328 22.57 -11.33 39.17
CA ILE C 328 22.79 -9.96 38.72
C ILE C 328 22.90 -8.98 39.90
N GLY C 329 22.90 -9.50 41.11
CA GLY C 329 23.10 -8.69 42.30
C GLY C 329 21.80 -8.17 42.90
N LEU C 330 20.69 -8.67 42.39
CA LEU C 330 19.36 -8.28 42.87
C LEU C 330 18.83 -9.23 43.93
N GLY C 331 19.69 -10.15 44.39
CA GLY C 331 19.29 -11.22 45.29
C GLY C 331 18.46 -10.80 46.50
N HIS C 332 18.65 -9.58 46.96
CA HIS C 332 17.84 -9.01 48.04
C HIS C 332 16.35 -9.00 47.69
N ARG C 333 16.05 -8.91 46.39
CA ARG C 333 14.68 -8.76 45.92
C ARG C 333 13.86 -10.05 46.08
N GLU C 334 12.54 -9.88 46.13
CA GLU C 334 11.62 -11.01 46.16
C GLU C 334 11.69 -11.76 44.83
N GLU C 335 11.23 -13.00 44.82
CA GLU C 335 11.38 -13.90 43.67
C GLU C 335 11.07 -13.26 42.32
N ASN C 336 9.81 -12.90 42.11
CA ASN C 336 9.38 -12.40 40.81
C ASN C 336 9.35 -10.87 40.68
N ASP C 337 9.82 -10.16 41.71
CA ASP C 337 9.81 -8.70 41.65
C ASP C 337 10.90 -8.23 40.68
N LEU C 338 10.48 -7.54 39.63
CA LEU C 338 11.37 -7.22 38.52
C LEU C 338 11.95 -5.81 38.56
N GLY C 339 11.52 -5.01 39.53
CA GLY C 339 11.98 -3.64 39.65
C GLY C 339 11.30 -2.69 38.68
N PRO C 340 11.81 -1.45 38.59
CA PRO C 340 11.23 -0.39 37.75
C PRO C 340 11.33 -0.67 36.25
N ILE C 341 10.66 -1.72 35.80
CA ILE C 341 10.66 -2.11 34.40
C ILE C 341 9.51 -1.45 33.63
N TYR C 342 9.22 -1.96 32.44
CA TYR C 342 8.15 -1.44 31.60
C TYR C 342 6.86 -1.29 32.38
N GLY C 343 6.21 -0.15 32.18
CA GLY C 343 4.93 0.12 32.80
C GLY C 343 5.10 0.81 34.14
N PHE C 344 6.24 0.59 34.79
CA PHE C 344 6.57 1.41 35.95
C PHE C 344 6.97 2.76 35.41
N GLN C 345 7.90 2.75 34.47
CA GLN C 345 8.39 3.97 33.83
C GLN C 345 7.31 4.63 32.98
N TRP C 346 6.34 3.85 32.53
CA TRP C 346 5.19 4.39 31.80
C TRP C 346 4.32 5.22 32.74
N ARG C 347 3.88 4.58 33.82
CA ARG C 347 2.97 5.20 34.77
C ARG C 347 3.67 6.08 35.79
N HIS C 348 4.84 5.67 36.24
CA HIS C 348 5.61 6.49 37.18
C HIS C 348 7.06 6.65 36.72
N TYR C 349 7.43 7.85 36.30
CA TYR C 349 8.79 8.06 35.81
C TYR C 349 9.64 8.74 36.88
N ASN C 350 10.85 8.23 37.05
CA ASN C 350 11.77 8.67 38.10
C ASN C 350 11.20 8.48 39.49
N GLY C 351 10.24 7.58 39.62
CA GLY C 351 9.69 7.23 40.92
C GLY C 351 10.67 6.35 41.67
N GLU C 352 10.88 6.64 42.96
CA GLU C 352 11.78 5.81 43.75
C GLU C 352 11.14 4.45 43.98
N TYR C 353 11.86 3.40 43.58
CA TYR C 353 11.31 2.05 43.65
C TYR C 353 11.69 1.36 44.96
N LYS C 354 10.68 0.88 45.67
CA LYS C 354 10.90 0.14 46.91
C LYS C 354 10.73 -1.35 46.65
N THR C 355 9.47 -1.78 46.51
CA THR C 355 9.14 -3.15 46.14
C THR C 355 7.96 -3.14 45.17
N MET C 356 7.50 -4.32 44.78
CA MET C 356 6.35 -4.42 43.88
C MET C 356 5.03 -4.26 44.63
N HIS C 357 5.08 -4.47 45.94
CA HIS C 357 3.89 -4.42 46.77
C HIS C 357 3.46 -3.01 47.16
N ASP C 358 4.40 -2.07 47.11
CA ASP C 358 4.14 -0.70 47.55
C ASP C 358 3.16 0.01 46.62
N ASP C 359 2.48 1.03 47.15
CA ASP C 359 1.52 1.79 46.37
C ASP C 359 2.20 3.03 45.76
N TYR C 360 2.37 3.01 44.45
CA TYR C 360 3.11 4.07 43.75
C TYR C 360 2.21 5.14 43.14
N THR C 361 0.91 5.05 43.41
CA THR C 361 -0.03 6.05 42.92
C THR C 361 0.35 7.44 43.44
N GLY C 362 0.52 8.38 42.51
CA GLY C 362 0.86 9.75 42.87
C GLY C 362 2.32 10.10 42.70
N VAL C 363 3.18 9.09 42.70
CA VAL C 363 4.62 9.33 42.58
C VAL C 363 5.08 9.14 41.13
N GLY C 364 6.06 9.94 40.72
CA GLY C 364 6.63 9.82 39.40
C GLY C 364 5.79 10.47 38.32
N VAL C 365 6.39 10.64 37.14
CA VAL C 365 5.70 11.22 36.00
C VAL C 365 4.90 10.15 35.26
N ASP C 366 3.62 10.43 34.99
CA ASP C 366 2.81 9.48 34.23
C ASP C 366 2.87 9.86 32.76
N GLN C 367 3.57 9.05 31.98
CA GLN C 367 3.71 9.32 30.55
C GLN C 367 2.47 8.89 29.78
N LEU C 368 1.98 7.68 30.08
CA LEU C 368 0.83 7.12 29.39
C LEU C 368 -0.39 8.04 29.53
N ALA C 369 -0.55 8.62 30.71
CA ALA C 369 -1.65 9.56 30.94
C ALA C 369 -1.45 10.82 30.11
N LYS C 370 -0.27 11.41 30.21
CA LYS C 370 0.02 12.64 29.46
C LYS C 370 0.06 12.36 27.96
N LEU C 371 0.37 11.11 27.59
CA LEU C 371 0.37 10.72 26.19
C LEU C 371 -1.04 10.78 25.62
N ILE C 372 -1.97 10.11 26.29
CA ILE C 372 -3.36 10.10 25.86
C ILE C 372 -3.95 11.50 25.89
N GLU C 373 -3.62 12.25 26.93
CA GLU C 373 -4.11 13.61 27.08
C GLU C 373 -3.61 14.51 25.95
N THR C 374 -2.38 14.27 25.52
CA THR C 374 -1.77 15.07 24.45
C THR C 374 -2.35 14.70 23.08
N LEU C 375 -2.64 13.41 22.90
CA LEU C 375 -3.10 12.91 21.61
C LEU C 375 -4.40 13.55 21.14
N LYS C 376 -5.41 13.57 22.02
CA LYS C 376 -6.70 14.14 21.65
C LYS C 376 -6.74 15.67 21.76
N ASN C 377 -5.97 16.24 22.68
CA ASN C 377 -5.95 17.69 22.86
C ASN C 377 -5.08 18.41 21.83
N ASN C 378 -3.91 17.85 21.54
CA ASN C 378 -3.03 18.43 20.53
C ASN C 378 -2.49 17.34 19.61
N PRO C 379 -3.31 16.93 18.62
CA PRO C 379 -3.00 15.79 17.74
C PRO C 379 -1.78 16.01 16.85
N LYS C 380 -1.63 17.22 16.32
CA LYS C 380 -0.57 17.50 15.36
C LYS C 380 0.76 17.79 16.05
N ASP C 381 0.75 17.72 17.38
CA ASP C 381 1.99 17.81 18.16
C ASP C 381 2.93 16.69 17.75
N ARG C 382 4.22 17.01 17.67
CA ARG C 382 5.22 16.03 17.26
C ARG C 382 5.88 15.38 18.46
N ARG C 383 5.42 15.76 19.65
CA ARG C 383 6.06 15.36 20.89
C ARG C 383 5.45 14.14 21.60
N HIS C 384 4.51 13.44 20.97
CA HIS C 384 3.91 12.31 21.66
C HIS C 384 4.96 11.20 21.73
N ILE C 385 5.36 10.85 22.95
CA ILE C 385 6.47 9.94 23.14
C ILE C 385 6.34 9.14 24.43
N LEU C 386 6.70 7.87 24.38
CA LEU C 386 6.71 7.02 25.56
C LEU C 386 8.06 6.33 25.68
N THR C 387 8.81 6.67 26.73
CA THR C 387 10.16 6.09 26.91
C THR C 387 10.26 5.25 28.17
N ALA C 388 10.84 4.07 28.04
CA ALA C 388 11.07 3.19 29.17
C ALA C 388 12.50 3.26 29.71
N TRP C 389 13.35 4.04 29.04
CA TRP C 389 14.77 4.01 29.38
C TRP C 389 15.16 5.09 30.38
N ASN C 390 15.42 4.66 31.61
CA ASN C 390 15.87 5.57 32.66
C ASN C 390 17.23 5.15 33.20
N PRO C 391 18.27 5.94 32.89
CA PRO C 391 19.64 5.68 33.35
C PRO C 391 19.76 5.49 34.86
N SER C 392 18.94 6.20 35.62
CA SER C 392 18.98 6.12 37.08
C SER C 392 18.43 4.80 37.60
N ALA C 393 17.36 4.31 36.96
CA ALA C 393 16.67 3.12 37.44
C ALA C 393 17.16 1.84 36.76
N LEU C 394 18.10 1.99 35.83
CA LEU C 394 18.60 0.84 35.05
C LEU C 394 19.16 -0.28 35.93
N SER C 395 19.94 0.10 36.93
CA SER C 395 20.60 -0.87 37.80
C SER C 395 19.60 -1.64 38.67
N GLN C 396 18.43 -1.04 38.91
CA GLN C 396 17.42 -1.67 39.75
C GLN C 396 16.58 -2.69 38.98
N MET C 397 16.59 -2.59 37.65
CA MET C 397 15.71 -3.41 36.82
C MET C 397 16.21 -4.84 36.68
N ALA C 398 15.28 -5.77 36.52
CA ALA C 398 15.62 -7.17 36.31
C ALA C 398 16.20 -7.37 34.91
N LEU C 399 16.00 -6.36 34.08
CA LEU C 399 16.50 -6.32 32.72
C LEU C 399 16.14 -4.97 32.12
N PRO C 400 17.10 -4.32 31.45
CA PRO C 400 16.88 -3.01 30.85
C PRO C 400 15.91 -3.09 29.67
N PRO C 401 15.22 -1.98 29.37
CA PRO C 401 14.20 -1.96 28.32
C PRO C 401 14.73 -2.40 26.97
N CYS C 402 14.01 -3.32 26.35
CA CYS C 402 14.32 -3.78 25.00
C CYS C 402 13.63 -2.86 24.00
N HIS C 403 12.31 -2.74 24.11
CA HIS C 403 11.65 -1.71 23.33
C HIS C 403 11.72 -0.46 24.17
N VAL C 404 12.62 0.43 23.74
CA VAL C 404 13.05 1.57 24.55
C VAL C 404 12.12 2.76 24.51
N LEU C 405 11.73 3.16 23.30
CA LEU C 405 11.01 4.40 23.11
C LEU C 405 10.04 4.30 21.95
N SER C 406 8.87 4.90 22.11
CA SER C 406 7.85 4.90 21.06
C SER C 406 7.27 6.28 20.84
N GLN C 407 7.08 6.64 19.57
CA GLN C 407 6.48 7.92 19.22
C GLN C 407 5.18 7.69 18.47
N TYR C 408 4.19 8.55 18.71
CA TYR C 408 2.88 8.37 18.11
C TYR C 408 2.45 9.58 17.28
N TYR C 409 1.69 9.31 16.23
CA TYR C 409 1.44 10.29 15.18
C TYR C 409 -0.02 10.31 14.77
N VAL C 410 -0.64 11.49 14.78
CA VAL C 410 -2.02 11.62 14.34
C VAL C 410 -2.08 12.12 12.91
N THR C 411 -2.54 11.26 12.01
CA THR C 411 -2.67 11.61 10.60
C THR C 411 -3.87 12.51 10.37
N ASN C 412 -3.86 13.25 9.26
CA ASN C 412 -4.93 14.20 8.95
C ASN C 412 -6.29 13.55 8.77
N ASP C 413 -6.30 12.25 8.47
CA ASP C 413 -7.54 11.49 8.31
C ASP C 413 -7.93 10.84 9.63
N ASN C 414 -7.23 11.25 10.70
CA ASN C 414 -7.46 10.77 12.06
C ASN C 414 -7.18 9.28 12.25
N CYS C 415 -6.00 8.87 11.81
CA CYS C 415 -5.47 7.56 12.13
C CYS C 415 -4.27 7.73 13.07
N LEU C 416 -4.04 6.74 13.93
CA LEU C 416 -2.94 6.82 14.89
C LEU C 416 -1.80 5.86 14.51
N SER C 417 -0.66 6.43 14.13
CA SER C 417 0.48 5.63 13.71
C SER C 417 1.56 5.58 14.79
N CYS C 418 2.27 4.46 14.86
CA CYS C 418 3.23 4.24 15.93
C CYS C 418 4.63 3.88 15.42
N ASN C 419 5.63 4.58 15.94
CA ASN C 419 7.02 4.23 15.72
C ASN C 419 7.63 3.66 16.99
N LEU C 420 8.40 2.58 16.86
CA LEU C 420 9.05 1.98 18.02
C LEU C 420 10.52 1.68 17.77
N TYR C 421 11.39 2.22 18.60
CA TYR C 421 12.79 1.85 18.55
C TYR C 421 13.08 0.75 19.56
N GLN C 422 13.78 -0.29 19.10
CA GLN C 422 14.08 -1.44 19.94
C GLN C 422 15.58 -1.72 19.93
N ARG C 423 16.22 -1.55 21.09
CA ARG C 423 17.67 -1.65 21.18
C ARG C 423 18.17 -3.07 20.93
N SER C 424 17.43 -4.06 21.43
CA SER C 424 17.81 -5.45 21.29
C SER C 424 16.57 -6.27 20.96
N CYS C 425 16.69 -7.12 19.96
CA CYS C 425 15.53 -7.84 19.44
C CYS C 425 15.79 -9.32 19.20
N ASP C 426 15.01 -10.15 19.86
CA ASP C 426 15.05 -11.60 19.63
C ASP C 426 14.02 -11.92 18.56
N LEU C 427 14.51 -12.33 17.39
CA LEU C 427 13.63 -12.54 16.24
C LEU C 427 12.77 -13.79 16.41
N GLY C 428 13.25 -14.73 17.21
CA GLY C 428 12.51 -15.95 17.46
C GLY C 428 11.35 -15.77 18.42
N LEU C 429 11.58 -15.01 19.48
CA LEU C 429 10.61 -14.89 20.56
C LEU C 429 10.09 -13.47 20.77
N GLY C 430 10.99 -12.57 21.16
CA GLY C 430 10.63 -11.20 21.48
C GLY C 430 9.96 -10.43 20.35
N SER C 431 10.50 -10.55 19.14
CA SER C 431 10.00 -9.78 18.01
C SER C 431 8.55 -10.12 17.62
N PRO C 432 8.18 -11.40 17.52
CA PRO C 432 6.77 -11.68 17.25
C PRO C 432 5.84 -11.07 18.30
N PHE C 433 6.31 -11.01 19.53
CA PHE C 433 5.54 -10.39 20.61
C PHE C 433 5.51 -8.88 20.45
N ASN C 434 6.68 -8.28 20.25
CA ASN C 434 6.78 -6.82 20.14
C ASN C 434 5.97 -6.24 18.99
N ILE C 435 5.93 -6.97 17.87
CA ILE C 435 5.17 -6.52 16.71
C ILE C 435 3.69 -6.43 17.04
N ALA C 436 3.16 -7.47 17.67
CA ALA C 436 1.74 -7.55 18.00
C ALA C 436 1.39 -6.68 19.21
N SER C 437 2.30 -6.62 20.18
CA SER C 437 2.03 -5.90 21.43
C SER C 437 1.86 -4.40 21.20
N TYR C 438 2.75 -3.80 20.43
CA TYR C 438 2.65 -2.37 20.14
C TYR C 438 1.57 -2.10 19.08
N ALA C 439 1.16 -3.15 18.39
CA ALA C 439 0.04 -3.05 17.46
C ALA C 439 -1.26 -2.94 18.24
N ILE C 440 -1.34 -3.71 19.33
CA ILE C 440 -2.51 -3.68 20.20
C ILE C 440 -2.57 -2.35 20.95
N LEU C 441 -1.43 -1.93 21.48
CA LEU C 441 -1.35 -0.68 22.25
C LEU C 441 -1.78 0.51 21.41
N THR C 442 -1.39 0.52 20.15
CA THR C 442 -1.77 1.61 19.25
C THR C 442 -3.28 1.60 19.03
N MET C 443 -3.84 0.41 18.85
CA MET C 443 -5.28 0.26 18.68
C MET C 443 -6.03 0.68 19.94
N MET C 444 -5.44 0.42 21.10
CA MET C 444 -6.03 0.83 22.37
C MET C 444 -5.98 2.34 22.52
N LEU C 445 -4.81 2.91 22.25
CA LEU C 445 -4.62 4.36 22.32
C LEU C 445 -5.51 5.06 21.30
N ALA C 446 -5.84 4.36 20.23
CA ALA C 446 -6.67 4.93 19.17
C ALA C 446 -8.12 5.05 19.62
N GLN C 447 -8.63 4.01 20.27
CA GLN C 447 -10.02 3.99 20.71
C GLN C 447 -10.28 5.00 21.83
N VAL C 448 -9.35 5.11 22.76
CA VAL C 448 -9.48 6.02 23.88
C VAL C 448 -9.46 7.47 23.39
N CYS C 449 -8.67 7.73 22.35
CA CYS C 449 -8.56 9.08 21.79
C CYS C 449 -9.51 9.29 20.61
N GLY C 450 -10.25 8.24 20.25
CA GLY C 450 -11.21 8.32 19.17
C GLY C 450 -10.57 8.37 17.79
N TYR C 451 -9.60 7.49 17.56
CA TYR C 451 -8.93 7.43 16.27
C TYR C 451 -8.99 6.03 15.68
N GLU C 452 -8.73 5.93 14.37
CA GLU C 452 -8.56 4.64 13.71
C GLU C 452 -7.09 4.24 13.76
N PRO C 453 -6.80 2.94 13.64
CA PRO C 453 -5.39 2.51 13.65
C PRO C 453 -4.62 2.99 12.43
N GLY C 454 -3.37 3.40 12.64
CA GLY C 454 -2.50 3.84 11.57
C GLY C 454 -1.49 2.78 11.16
N GLU C 455 -0.30 3.23 10.76
CA GLU C 455 0.78 2.32 10.40
C GLU C 455 1.72 2.08 11.58
N LEU C 456 2.25 0.86 11.67
CA LEU C 456 3.24 0.53 12.71
C LEU C 456 4.63 0.33 12.11
N ALA C 457 5.59 1.10 12.60
CA ALA C 457 6.98 0.98 12.16
C ALA C 457 7.90 0.67 13.33
N ILE C 458 8.70 -0.38 13.19
CA ILE C 458 9.61 -0.81 14.25
C ILE C 458 11.06 -0.68 13.82
N PHE C 459 11.85 0.02 14.63
CA PHE C 459 13.26 0.22 14.35
C PHE C 459 14.14 -0.57 15.32
N ILE C 460 14.99 -1.44 14.79
CA ILE C 460 15.75 -2.37 15.62
C ILE C 460 17.25 -2.10 15.60
N GLY C 461 17.81 -1.79 16.77
CA GLY C 461 19.25 -1.61 16.85
C GLY C 461 19.99 -2.92 16.65
N ASP C 462 19.76 -3.90 17.52
CA ASP C 462 20.46 -5.17 17.42
C ASP C 462 19.49 -6.28 17.06
N ALA C 463 19.58 -6.74 15.82
CA ALA C 463 18.70 -7.80 15.34
C ALA C 463 19.46 -9.11 15.31
N HIS C 464 19.10 -10.03 16.20
CA HIS C 464 19.87 -11.26 16.36
C HIS C 464 19.01 -12.51 16.43
N ILE C 465 19.65 -13.64 16.14
CA ILE C 465 19.01 -14.95 16.25
C ILE C 465 19.89 -15.85 17.12
N TYR C 466 19.35 -16.29 18.25
CA TYR C 466 20.08 -17.21 19.12
C TYR C 466 20.32 -18.53 18.38
N GLU C 467 21.49 -19.12 18.60
CA GLU C 467 21.91 -20.28 17.81
C GLU C 467 21.06 -21.52 18.04
N ASN C 468 20.27 -21.53 19.12
CA ASN C 468 19.38 -22.65 19.40
C ASN C 468 18.06 -22.54 18.66
N HIS C 469 17.81 -21.37 18.06
CA HIS C 469 16.59 -21.11 17.30
C HIS C 469 16.77 -21.35 15.80
N LEU C 470 17.98 -21.75 15.41
CA LEU C 470 18.32 -21.87 14.00
C LEU C 470 17.47 -22.92 13.27
N THR C 471 17.35 -24.09 13.87
CA THR C 471 16.56 -25.17 13.27
C THR C 471 15.09 -24.77 13.18
N GLN C 472 14.62 -24.05 14.19
CA GLN C 472 13.23 -23.63 14.25
C GLN C 472 12.90 -22.52 13.26
N LEU C 473 13.77 -21.50 13.20
CA LEU C 473 13.50 -20.35 12.34
C LEU C 473 13.70 -20.67 10.86
N LYS C 474 14.50 -21.69 10.57
CA LYS C 474 14.64 -22.16 9.19
C LYS C 474 13.39 -22.91 8.78
N GLU C 475 12.76 -23.56 9.76
CA GLU C 475 11.48 -24.23 9.54
C GLU C 475 10.38 -23.21 9.27
N GLN C 476 10.38 -22.14 10.06
CA GLN C 476 9.38 -21.08 9.90
C GLN C 476 9.50 -20.40 8.55
N LEU C 477 10.72 -20.34 8.02
CA LEU C 477 10.98 -19.70 6.74
C LEU C 477 10.50 -20.54 5.55
N SER C 478 10.21 -21.81 5.80
CA SER C 478 9.76 -22.72 4.75
C SER C 478 8.27 -22.61 4.50
N ARG C 479 7.60 -21.74 5.27
CA ARG C 479 6.15 -21.63 5.22
C ARG C 479 5.69 -20.37 4.51
N THR C 480 4.95 -20.53 3.41
CA THR C 480 4.40 -19.41 2.66
C THR C 480 3.31 -18.71 3.49
N PRO C 481 3.45 -17.40 3.70
CA PRO C 481 2.57 -16.60 4.56
C PRO C 481 1.10 -16.64 4.17
N ARG C 482 0.24 -16.53 5.17
CA ARG C 482 -1.20 -16.45 4.98
C ARG C 482 -1.64 -15.06 5.44
N PRO C 483 -2.76 -14.56 4.89
CA PRO C 483 -3.23 -13.20 5.21
C PRO C 483 -3.39 -12.94 6.71
N PHE C 484 -3.01 -11.73 7.13
CA PHE C 484 -3.12 -11.31 8.52
C PHE C 484 -4.55 -11.39 9.02
N PRO C 485 -4.72 -11.73 10.30
CA PRO C 485 -6.05 -11.77 10.91
C PRO C 485 -6.63 -10.38 11.16
N GLN C 486 -7.77 -10.32 11.83
CA GLN C 486 -8.37 -9.05 12.23
C GLN C 486 -8.53 -9.01 13.74
N LEU C 487 -8.39 -7.82 14.32
CA LEU C 487 -8.56 -7.66 15.76
C LEU C 487 -9.54 -6.53 16.05
N LYS C 488 -10.66 -6.88 16.69
CA LYS C 488 -11.68 -5.89 17.03
C LYS C 488 -11.98 -5.93 18.53
N PHE C 489 -12.31 -4.76 19.09
CA PHE C 489 -12.68 -4.66 20.49
C PHE C 489 -14.19 -4.83 20.64
N LYS C 490 -14.60 -5.59 21.64
CA LYS C 490 -16.02 -5.89 21.85
C LYS C 490 -16.75 -4.76 22.58
N ARG C 491 -15.99 -3.88 23.21
CA ARG C 491 -16.59 -2.75 23.93
C ARG C 491 -15.62 -1.57 23.98
N LYS C 492 -16.16 -0.37 24.15
CA LYS C 492 -15.33 0.82 24.30
C LYS C 492 -15.18 1.17 25.76
N VAL C 493 -13.94 1.06 26.26
CA VAL C 493 -13.66 1.35 27.66
C VAL C 493 -13.55 2.85 27.89
N GLU C 494 -13.83 3.28 29.12
CA GLU C 494 -13.69 4.69 29.49
C GLU C 494 -12.23 5.02 29.78
N ASN C 495 -11.54 4.11 30.45
CA ASN C 495 -10.11 4.25 30.71
C ASN C 495 -9.34 3.09 30.11
N ILE C 496 -8.11 3.37 29.67
CA ILE C 496 -7.32 2.37 28.95
C ILE C 496 -6.92 1.18 29.83
N GLU C 497 -7.03 1.35 31.14
CA GLU C 497 -6.68 0.28 32.08
C GLU C 497 -7.79 -0.75 32.21
N ASP C 498 -8.96 -0.44 31.66
CA ASP C 498 -10.15 -1.26 31.85
C ASP C 498 -10.28 -2.39 30.83
N PHE C 499 -9.30 -2.51 29.95
CA PHE C 499 -9.32 -3.56 28.93
C PHE C 499 -9.15 -4.95 29.54
N LYS C 500 -9.96 -5.89 29.09
CA LYS C 500 -9.89 -7.28 29.53
C LYS C 500 -9.71 -8.19 28.32
N TRP C 501 -9.24 -9.41 28.57
CA TRP C 501 -8.96 -10.35 27.48
C TRP C 501 -10.22 -10.76 26.73
N GLU C 502 -11.34 -10.78 27.44
CA GLU C 502 -12.62 -11.17 26.85
C GLU C 502 -13.10 -10.13 25.84
N ASP C 503 -12.58 -8.91 25.97
CA ASP C 503 -12.99 -7.81 25.10
C ASP C 503 -12.39 -7.94 23.70
N ILE C 504 -11.39 -8.80 23.56
CA ILE C 504 -10.68 -8.94 22.29
C ILE C 504 -11.22 -10.06 21.43
N GLU C 505 -11.57 -9.72 20.19
CA GLU C 505 -12.05 -10.70 19.23
C GLU C 505 -11.06 -10.83 18.07
N LEU C 506 -10.40 -11.98 17.98
CA LEU C 506 -9.44 -12.22 16.92
C LEU C 506 -10.09 -12.96 15.75
N ILE C 507 -10.21 -12.28 14.61
CA ILE C 507 -11.01 -12.77 13.49
C ILE C 507 -10.17 -13.24 12.30
N GLY C 508 -10.32 -14.52 11.97
CA GLY C 508 -9.68 -15.07 10.78
C GLY C 508 -8.20 -15.35 10.93
N TYR C 509 -7.79 -15.83 12.10
CA TYR C 509 -6.40 -16.20 12.33
C TYR C 509 -6.20 -17.69 12.08
N TYR C 510 -5.47 -18.02 11.01
CA TYR C 510 -5.23 -19.41 10.64
C TYR C 510 -3.75 -19.65 10.39
N PRO C 511 -2.95 -19.70 11.46
CA PRO C 511 -1.50 -19.81 11.30
C PRO C 511 -1.02 -21.22 11.04
N TYR C 512 0.29 -21.36 10.84
CA TYR C 512 0.94 -22.65 10.79
C TYR C 512 1.12 -23.14 12.23
N PRO C 513 1.40 -24.44 12.41
CA PRO C 513 1.57 -24.97 13.78
C PRO C 513 2.63 -24.23 14.58
N THR C 514 2.39 -24.08 15.89
CA THR C 514 3.28 -23.35 16.76
C THR C 514 4.68 -23.96 16.80
N ILE C 515 5.69 -23.10 16.87
CA ILE C 515 7.08 -23.55 16.89
C ILE C 515 7.72 -23.24 18.24
N LYS C 516 8.20 -24.29 18.91
CA LYS C 516 8.78 -24.14 20.25
C LYS C 516 10.21 -23.65 20.20
N MET C 517 10.49 -22.57 20.93
CA MET C 517 11.84 -22.01 21.00
C MET C 517 12.18 -21.60 22.44
N ASP C 518 13.31 -22.07 22.93
CA ASP C 518 13.72 -21.84 24.31
C ASP C 518 14.35 -20.46 24.49
N MET C 519 13.86 -19.72 25.49
CA MET C 519 14.36 -18.38 25.79
C MET C 519 15.71 -18.42 26.48
N ALA C 520 16.64 -17.59 26.00
CA ALA C 520 17.94 -17.46 26.62
C ALA C 520 17.85 -16.52 27.82
N VAL C 521 18.19 -17.03 29.01
CA VAL C 521 18.06 -16.26 30.24
C VAL C 521 19.34 -15.52 30.59
N GLU D 3 28.71 -5.27 -35.28
CA GLU D 3 28.28 -4.21 -34.37
C GLU D 3 28.40 -4.64 -32.92
N LYS D 4 29.45 -4.17 -32.25
CA LYS D 4 29.67 -4.49 -30.85
C LYS D 4 29.75 -3.22 -30.01
N ASN D 5 29.94 -3.38 -28.70
CA ASN D 5 29.85 -2.26 -27.77
C ASN D 5 31.15 -1.48 -27.61
N VAL D 6 31.03 -0.16 -27.60
CA VAL D 6 32.17 0.74 -27.43
C VAL D 6 32.00 1.62 -26.21
N SER D 7 32.90 1.46 -25.24
CA SER D 7 32.78 2.17 -23.96
C SER D 7 33.99 3.05 -23.67
N ILE D 8 33.73 4.24 -23.12
CA ILE D 8 34.80 5.12 -22.65
C ILE D 8 35.09 4.85 -21.18
N VAL D 9 36.36 4.58 -20.88
CA VAL D 9 36.79 4.40 -19.50
C VAL D 9 37.75 5.52 -19.12
N VAL D 10 37.35 6.34 -18.14
CA VAL D 10 38.14 7.51 -17.79
C VAL D 10 38.02 7.86 -16.31
N ALA D 11 39.11 8.40 -15.74
CA ALA D 11 39.10 8.93 -14.39
C ALA D 11 39.46 10.41 -14.42
N ALA D 12 38.50 11.26 -14.06
CA ALA D 12 38.71 12.70 -14.11
C ALA D 12 38.39 13.36 -12.77
N SER D 13 38.93 14.55 -12.55
CA SER D 13 38.64 15.32 -11.34
C SER D 13 37.17 15.69 -11.30
N VAL D 14 36.64 15.86 -10.10
CA VAL D 14 35.20 16.05 -9.90
C VAL D 14 34.66 17.32 -10.55
N LEU D 15 35.44 18.39 -10.52
CA LEU D 15 34.98 19.68 -11.02
C LEU D 15 35.54 20.04 -12.40
N SER D 16 36.85 20.20 -12.49
CA SER D 16 37.48 20.65 -13.73
C SER D 16 37.70 19.50 -14.72
N SER D 17 37.42 18.28 -14.28
CA SER D 17 37.50 17.09 -15.13
C SER D 17 38.89 16.84 -15.70
N GLY D 18 39.92 17.32 -14.99
CA GLY D 18 41.30 17.08 -15.40
C GLY D 18 41.69 15.62 -15.26
N ILE D 19 42.14 15.01 -16.35
CA ILE D 19 42.56 13.61 -16.31
C ILE D 19 44.06 13.35 -16.21
N GLY D 20 44.88 14.41 -16.27
CA GLY D 20 46.31 14.21 -16.29
C GLY D 20 47.19 15.45 -16.23
N ILE D 21 48.43 15.26 -15.80
CA ILE D 21 49.41 16.34 -15.75
C ILE D 21 50.81 15.85 -16.12
N ASN D 22 51.48 16.58 -17.01
CA ASN D 22 52.88 16.33 -17.39
C ASN D 22 53.18 14.89 -17.81
N GLY D 23 52.32 14.34 -18.67
CA GLY D 23 52.54 13.01 -19.21
C GLY D 23 52.34 11.89 -18.20
N GLN D 24 51.54 12.17 -17.17
CA GLN D 24 51.22 11.16 -16.16
C GLN D 24 49.94 11.54 -15.41
N LEU D 25 49.58 10.72 -14.42
CA LEU D 25 48.37 10.96 -13.64
C LEU D 25 48.64 11.88 -12.46
N PRO D 26 47.70 12.82 -12.20
CA PRO D 26 47.77 13.75 -11.08
C PRO D 26 47.59 13.05 -9.74
N TRP D 27 47.11 11.82 -9.77
CA TRP D 27 46.89 11.02 -8.57
C TRP D 27 47.43 9.60 -8.73
N SER D 28 47.67 8.93 -7.61
CA SER D 28 47.94 7.49 -7.65
C SER D 28 46.90 6.77 -6.80
N ILE D 29 46.01 6.04 -7.47
CA ILE D 29 44.97 5.28 -6.76
C ILE D 29 44.98 3.84 -7.22
N SER D 30 45.35 2.94 -6.31
CA SER D 30 45.54 1.54 -6.65
C SER D 30 44.23 0.86 -7.05
N GLU D 31 43.17 1.16 -6.32
CA GLU D 31 41.87 0.54 -6.56
C GLU D 31 41.31 0.90 -7.93
N ASP D 32 41.59 2.11 -8.38
CA ASP D 32 41.06 2.58 -9.66
C ASP D 32 41.73 1.89 -10.84
N LEU D 33 43.02 1.62 -10.71
CA LEU D 33 43.75 0.89 -11.75
C LEU D 33 43.24 -0.54 -11.84
N LYS D 34 42.92 -1.12 -10.68
CA LYS D 34 42.35 -2.46 -10.64
C LYS D 34 40.93 -2.45 -11.20
N PHE D 35 40.25 -1.32 -11.04
CA PHE D 35 38.92 -1.15 -11.63
C PHE D 35 39.05 -1.11 -13.15
N PHE D 36 40.01 -0.34 -13.64
CA PHE D 36 40.30 -0.28 -15.06
C PHE D 36 40.64 -1.65 -15.59
N SER D 37 41.40 -2.41 -14.81
CA SER D 37 41.83 -3.75 -15.21
C SER D 37 40.66 -4.71 -15.35
N LYS D 38 39.77 -4.69 -14.37
CA LYS D 38 38.66 -5.64 -14.34
C LYS D 38 37.55 -5.26 -15.32
N ILE D 39 37.36 -3.96 -15.53
CA ILE D 39 36.29 -3.50 -16.40
C ILE D 39 36.66 -3.68 -17.87
N THR D 40 37.95 -3.62 -18.17
CA THR D 40 38.42 -3.81 -19.54
C THR D 40 38.75 -5.26 -19.85
N ASN D 41 38.83 -6.09 -18.82
CA ASN D 41 39.06 -7.52 -18.99
C ASN D 41 37.75 -8.30 -18.98
N ASN D 42 36.64 -7.57 -18.89
CA ASN D 42 35.33 -8.20 -18.80
C ASN D 42 34.89 -8.70 -20.18
N LYS D 43 34.69 -10.01 -20.28
CA LYS D 43 34.34 -10.63 -21.55
C LYS D 43 33.42 -11.84 -21.37
N CYS D 44 32.46 -11.98 -22.27
CA CYS D 44 31.55 -13.12 -22.25
C CYS D 44 32.21 -14.35 -22.86
N ASP D 45 32.93 -14.15 -23.95
CA ASP D 45 33.59 -15.24 -24.66
C ASP D 45 35.05 -15.38 -24.24
N SER D 46 35.46 -16.61 -23.95
CA SER D 46 36.83 -16.88 -23.50
C SER D 46 37.81 -16.86 -24.67
N ASN D 47 37.31 -17.08 -25.88
CA ASN D 47 38.15 -17.13 -27.07
C ASN D 47 38.33 -15.75 -27.71
N LYS D 48 37.79 -14.72 -27.06
CA LYS D 48 37.89 -13.36 -27.60
C LYS D 48 38.67 -12.45 -26.66
N LYS D 49 39.23 -11.37 -27.22
CA LYS D 49 39.95 -10.37 -26.45
C LYS D 49 39.27 -9.02 -26.59
N ASN D 50 39.52 -8.13 -25.64
CA ASN D 50 38.96 -6.78 -25.70
C ASN D 50 39.99 -5.76 -26.19
N ALA D 51 39.60 -4.97 -27.19
CA ALA D 51 40.47 -3.97 -27.76
C ALA D 51 40.43 -2.67 -26.97
N LEU D 52 41.60 -2.12 -26.68
CA LEU D 52 41.69 -0.87 -25.95
C LEU D 52 42.34 0.23 -26.79
N ILE D 53 41.56 1.24 -27.15
CA ILE D 53 42.05 2.34 -27.98
C ILE D 53 42.61 3.46 -27.09
N MET D 54 43.81 3.92 -27.41
CA MET D 54 44.44 4.99 -26.65
C MET D 54 45.37 5.82 -27.53
N GLY D 55 45.52 7.10 -27.19
CA GLY D 55 46.43 7.99 -27.91
C GLY D 55 47.88 7.59 -27.74
N ARG D 56 48.76 8.17 -28.55
CA ARG D 56 50.18 7.85 -28.49
C ARG D 56 50.79 8.24 -27.15
N LYS D 57 50.45 9.44 -26.69
CA LYS D 57 50.99 9.96 -25.44
C LYS D 57 50.54 9.12 -24.25
N THR D 58 49.33 8.58 -24.34
CA THR D 58 48.81 7.67 -23.32
C THR D 58 49.57 6.35 -23.39
N TRP D 59 49.81 5.89 -24.61
CA TRP D 59 50.60 4.68 -24.86
C TRP D 59 52.01 4.85 -24.32
N ASP D 60 52.50 6.08 -24.33
CA ASP D 60 53.80 6.39 -23.74
C ASP D 60 53.72 6.35 -22.22
N SER D 61 52.59 6.82 -21.68
CA SER D 61 52.42 6.94 -20.23
C SER D 61 52.41 5.59 -19.51
N ILE D 62 52.01 4.54 -20.22
CA ILE D 62 51.97 3.20 -19.62
C ILE D 62 53.30 2.47 -19.82
N GLY D 63 54.26 3.18 -20.41
CA GLY D 63 55.61 2.64 -20.57
C GLY D 63 55.78 1.82 -21.83
N ARG D 64 54.84 1.97 -22.76
CA ARG D 64 54.85 1.25 -24.03
C ARG D 64 54.98 -0.26 -23.84
N ARG D 65 54.14 -0.81 -22.97
CA ARG D 65 54.11 -2.25 -22.74
C ARG D 65 52.67 -2.76 -22.82
N PRO D 66 52.48 -3.96 -23.38
CA PRO D 66 51.14 -4.50 -23.60
C PRO D 66 50.41 -4.82 -22.31
N LEU D 67 49.09 -4.73 -22.34
CA LEU D 67 48.26 -5.12 -21.21
C LEU D 67 47.81 -6.58 -21.38
N LYS D 68 47.92 -7.35 -20.31
CA LYS D 68 47.65 -8.78 -20.36
C LYS D 68 46.22 -9.10 -20.79
N ASN D 69 46.10 -10.10 -21.66
CA ASN D 69 44.80 -10.60 -22.12
C ASN D 69 43.97 -9.54 -22.84
N ARG D 70 44.64 -8.53 -23.39
CA ARG D 70 43.98 -7.46 -24.11
C ARG D 70 44.83 -6.97 -25.27
N ILE D 71 44.17 -6.50 -26.33
CA ILE D 71 44.85 -5.97 -27.48
C ILE D 71 44.82 -4.44 -27.47
N ILE D 72 45.98 -3.83 -27.28
CA ILE D 72 46.08 -2.38 -27.24
C ILE D 72 46.12 -1.80 -28.64
N VAL D 73 45.24 -0.82 -28.89
CA VAL D 73 45.23 -0.12 -30.17
C VAL D 73 45.73 1.31 -29.99
N VAL D 74 46.89 1.61 -30.55
CA VAL D 74 47.49 2.93 -30.41
C VAL D 74 47.19 3.80 -31.62
N ILE D 75 46.72 5.01 -31.38
CA ILE D 75 46.45 5.95 -32.46
C ILE D 75 47.61 6.92 -32.62
N SER D 76 48.30 6.82 -33.75
CA SER D 76 49.42 7.71 -34.05
C SER D 76 49.62 7.90 -35.54
N SER D 77 50.04 9.09 -35.94
CA SER D 77 50.39 9.38 -37.33
C SER D 77 51.89 9.23 -37.54
N SER D 78 52.60 8.95 -36.46
CA SER D 78 54.06 8.82 -36.47
C SER D 78 54.49 7.37 -36.34
N LEU D 79 54.13 6.75 -35.21
CA LEU D 79 54.53 5.38 -34.90
C LEU D 79 54.28 4.40 -36.04
N PRO D 80 55.30 3.60 -36.36
CA PRO D 80 55.19 2.57 -37.40
C PRO D 80 54.15 1.53 -37.04
N GLN D 81 53.57 0.89 -38.04
CA GLN D 81 52.58 -0.15 -37.78
C GLN D 81 53.33 -1.47 -37.68
N ASP D 82 53.38 -2.00 -36.46
CA ASP D 82 54.28 -3.10 -36.17
C ASP D 82 53.55 -4.44 -36.09
N GLU D 83 53.99 -5.38 -36.91
CA GLU D 83 53.41 -6.71 -36.94
C GLU D 83 54.17 -7.64 -35.99
N ALA D 84 55.11 -7.06 -35.25
CA ALA D 84 55.92 -7.83 -34.31
C ALA D 84 55.11 -8.24 -33.09
N ASP D 85 54.69 -7.25 -32.30
CA ASP D 85 53.87 -7.52 -31.11
C ASP D 85 52.42 -7.73 -31.53
N PRO D 86 51.91 -8.96 -31.32
CA PRO D 86 50.54 -9.32 -31.71
C PRO D 86 49.48 -8.67 -30.82
N ASN D 87 49.87 -8.21 -29.64
CA ASN D 87 48.92 -7.62 -28.71
C ASN D 87 48.86 -6.10 -28.82
N VAL D 88 49.65 -5.53 -29.73
CA VAL D 88 49.64 -4.09 -29.97
C VAL D 88 49.56 -3.80 -31.47
N VAL D 89 48.67 -2.87 -31.84
CA VAL D 89 48.51 -2.50 -33.24
C VAL D 89 48.33 -0.99 -33.35
N VAL D 90 48.84 -0.41 -34.43
CA VAL D 90 48.77 1.04 -34.63
C VAL D 90 47.92 1.41 -35.85
N PHE D 91 47.02 2.37 -35.66
CA PHE D 91 46.19 2.88 -36.75
C PHE D 91 46.45 4.37 -36.97
N ARG D 92 46.24 4.83 -38.19
CA ARG D 92 46.56 6.21 -38.56
C ARG D 92 45.49 7.20 -38.07
N ASN D 93 44.26 6.74 -37.98
CA ASN D 93 43.17 7.59 -37.49
C ASN D 93 42.19 6.80 -36.62
N LEU D 94 41.36 7.52 -35.88
CA LEU D 94 40.44 6.89 -34.95
C LEU D 94 39.36 6.07 -35.64
N GLU D 95 38.78 6.61 -36.70
CA GLU D 95 37.66 5.94 -37.37
C GLU D 95 38.08 4.63 -38.04
N ASP D 96 39.28 4.61 -38.60
CA ASP D 96 39.80 3.38 -39.23
C ASP D 96 40.06 2.31 -38.17
N SER D 97 40.28 2.73 -36.93
CA SER D 97 40.51 1.81 -35.83
C SER D 97 39.20 1.22 -35.32
N ILE D 98 38.09 1.72 -35.85
CA ILE D 98 36.76 1.22 -35.50
C ILE D 98 36.42 0.07 -36.45
N GLU D 99 37.39 -0.32 -37.27
CA GLU D 99 37.28 -1.51 -38.11
C GLU D 99 36.95 -2.76 -37.28
N ASN D 100 37.27 -2.71 -35.98
CA ASN D 100 36.96 -3.79 -35.05
C ASN D 100 35.48 -4.18 -35.06
N LEU D 101 34.62 -3.26 -35.48
CA LEU D 101 33.20 -3.54 -35.64
C LEU D 101 32.96 -4.41 -36.88
N MET D 102 33.27 -3.85 -38.05
CA MET D 102 32.98 -4.47 -39.34
C MET D 102 33.58 -5.86 -39.50
N ASN D 103 34.78 -6.06 -38.96
CA ASN D 103 35.45 -7.35 -39.05
C ASN D 103 36.15 -7.70 -37.74
N ASP D 104 36.97 -8.74 -37.78
CA ASP D 104 37.73 -9.18 -36.60
C ASP D 104 36.79 -9.58 -35.48
N ASP D 105 36.14 -10.72 -35.64
CA ASP D 105 35.14 -11.20 -34.69
C ASP D 105 35.82 -11.82 -33.48
N SER D 106 37.15 -11.84 -33.49
CA SER D 106 37.92 -12.28 -32.33
C SER D 106 37.93 -11.20 -31.26
N ILE D 107 37.41 -10.02 -31.61
CA ILE D 107 37.26 -8.93 -30.65
C ILE D 107 35.79 -8.84 -30.22
N GLU D 108 35.56 -8.97 -28.91
CA GLU D 108 34.20 -8.94 -28.38
C GLU D 108 33.74 -7.51 -28.08
N ASN D 109 34.43 -6.86 -27.15
CA ASN D 109 34.08 -5.50 -26.77
C ASN D 109 35.21 -4.51 -27.04
N ILE D 110 34.85 -3.24 -27.19
CA ILE D 110 35.83 -2.19 -27.44
C ILE D 110 35.78 -1.13 -26.35
N PHE D 111 36.94 -0.74 -25.84
CA PHE D 111 37.02 0.32 -24.85
C PHE D 111 37.91 1.45 -25.37
N VAL D 112 37.52 2.68 -25.08
CA VAL D 112 38.37 3.82 -25.39
C VAL D 112 39.05 4.32 -24.11
N CYS D 113 40.35 4.04 -24.00
CA CYS D 113 41.13 4.47 -22.84
C CYS D 113 41.59 5.90 -23.03
N GLY D 114 41.57 6.34 -24.29
CA GLY D 114 41.61 7.75 -24.62
C GLY D 114 42.84 8.59 -24.34
N GLY D 115 42.62 9.64 -23.55
CA GLY D 115 43.45 10.82 -23.53
C GLY D 115 42.58 11.89 -24.17
N GLU D 116 42.83 13.15 -23.85
CA GLU D 116 41.92 14.23 -24.24
C GLU D 116 41.65 14.30 -25.74
N SER D 117 42.71 14.20 -26.54
CA SER D 117 42.59 14.28 -27.98
C SER D 117 41.71 13.15 -28.53
N ILE D 118 41.83 11.97 -27.95
CA ILE D 118 41.05 10.82 -28.39
C ILE D 118 39.61 10.90 -27.88
N TYR D 119 39.45 11.20 -26.59
CA TYR D 119 38.13 11.33 -25.98
C TYR D 119 37.23 12.32 -26.72
N ARG D 120 37.80 13.48 -27.03
CA ARG D 120 37.03 14.59 -27.57
C ARG D 120 36.37 14.27 -28.91
N ASP D 121 37.13 13.70 -29.83
CA ASP D 121 36.59 13.39 -31.15
C ASP D 121 36.07 11.95 -31.24
N ALA D 122 36.14 11.22 -30.14
CA ALA D 122 35.45 9.94 -30.04
C ALA D 122 33.98 10.19 -29.73
N LEU D 123 33.75 11.22 -28.92
CA LEU D 123 32.39 11.67 -28.60
C LEU D 123 31.84 12.53 -29.73
N LYS D 124 32.70 13.38 -30.29
CA LYS D 124 32.33 14.30 -31.36
C LYS D 124 31.86 13.56 -32.61
N ASP D 125 32.54 12.47 -32.95
CA ASP D 125 32.14 11.66 -34.09
C ASP D 125 31.16 10.57 -33.66
N ASN D 126 30.82 10.59 -32.37
CA ASN D 126 29.80 9.72 -31.79
C ASN D 126 30.03 8.23 -32.04
N PHE D 127 31.16 7.71 -31.56
CA PHE D 127 31.42 6.27 -31.59
C PHE D 127 31.12 5.62 -30.24
N VAL D 128 30.74 6.42 -29.25
CA VAL D 128 30.71 5.98 -27.87
C VAL D 128 29.32 5.62 -27.36
N ASP D 129 29.12 4.35 -27.04
CA ASP D 129 27.86 3.87 -26.48
C ASP D 129 27.77 4.12 -24.97
N ARG D 130 28.86 3.87 -24.26
CA ARG D 130 28.86 3.92 -22.80
C ARG D 130 30.07 4.66 -22.25
N ILE D 131 29.91 5.25 -21.07
CA ILE D 131 31.00 5.97 -20.42
C ILE D 131 31.20 5.50 -18.97
N TYR D 132 32.39 5.00 -18.67
CA TYR D 132 32.74 4.67 -17.29
C TYR D 132 33.59 5.80 -16.71
N LEU D 133 33.01 6.55 -15.79
CA LEU D 133 33.69 7.71 -15.22
C LEU D 133 34.04 7.51 -13.75
N THR D 134 35.32 7.66 -13.42
CA THR D 134 35.73 7.66 -12.03
C THR D 134 36.00 9.09 -11.60
N ARG D 135 35.11 9.63 -10.77
CA ARG D 135 35.26 11.01 -10.29
C ARG D 135 36.20 11.07 -9.11
N VAL D 136 37.21 11.92 -9.18
CA VAL D 136 38.19 12.06 -8.11
C VAL D 136 38.05 13.41 -7.42
N ALA D 137 38.34 13.45 -6.12
CA ALA D 137 38.09 14.64 -5.30
C ALA D 137 39.25 15.63 -5.30
N LEU D 138 40.27 15.38 -6.10
CA LEU D 138 41.38 16.32 -6.20
C LEU D 138 41.07 17.45 -7.19
N GLU D 139 41.21 18.69 -6.73
CA GLU D 139 40.90 19.85 -7.58
C GLU D 139 42.01 20.90 -7.63
N ASP D 140 42.35 21.46 -6.47
CA ASP D 140 43.23 22.62 -6.39
C ASP D 140 44.61 22.40 -7.02
N ILE D 141 44.92 21.14 -7.36
CA ILE D 141 46.16 20.83 -8.06
C ILE D 141 46.11 21.26 -9.53
N GLU D 142 47.17 20.94 -10.28
CA GLU D 142 47.31 21.43 -11.64
C GLU D 142 47.09 20.36 -12.72
N PHE D 143 46.34 20.71 -13.75
CA PHE D 143 46.06 19.80 -14.86
C PHE D 143 46.42 20.40 -16.22
N ASP D 144 47.18 19.67 -17.03
CA ASP D 144 47.40 20.09 -18.41
C ASP D 144 46.50 19.33 -19.40
N THR D 145 45.70 18.40 -18.89
CA THR D 145 44.86 17.55 -19.74
C THR D 145 43.51 17.27 -19.09
N TYR D 146 42.44 17.38 -19.87
CA TYR D 146 41.08 17.28 -19.34
C TYR D 146 40.20 16.31 -20.11
N PHE D 147 39.08 15.92 -19.48
CA PHE D 147 38.09 15.07 -20.13
C PHE D 147 36.95 15.95 -20.66
N PRO D 148 36.66 15.83 -21.96
CA PRO D 148 35.64 16.66 -22.62
C PRO D 148 34.28 16.55 -21.95
N GLU D 149 33.53 17.64 -21.93
CA GLU D 149 32.21 17.66 -21.30
C GLU D 149 31.29 16.66 -21.98
N ILE D 150 30.68 15.80 -21.16
CA ILE D 150 29.82 14.74 -21.67
C ILE D 150 28.60 15.30 -22.37
N PRO D 151 28.40 14.94 -23.65
CA PRO D 151 27.25 15.40 -24.45
C PRO D 151 25.92 15.01 -23.81
N GLU D 152 24.88 15.79 -24.10
CA GLU D 152 23.58 15.60 -23.46
C GLU D 152 22.90 14.30 -23.88
N THR D 153 23.45 13.64 -24.90
CA THR D 153 22.91 12.38 -25.36
C THR D 153 23.08 11.28 -24.31
N PHE D 154 23.99 11.51 -23.37
CA PHE D 154 24.26 10.56 -22.30
C PHE D 154 23.49 10.90 -21.02
N LEU D 155 23.03 9.86 -20.33
CA LEU D 155 22.45 10.02 -19.01
C LEU D 155 23.07 9.02 -18.04
N PRO D 156 23.33 9.44 -16.80
CA PRO D 156 23.91 8.50 -15.83
C PRO D 156 22.91 7.42 -15.44
N VAL D 157 23.31 6.15 -15.52
CA VAL D 157 22.48 5.08 -14.98
C VAL D 157 22.97 4.58 -13.62
N TYR D 158 24.14 5.04 -13.19
CA TYR D 158 24.73 4.56 -11.95
C TYR D 158 25.67 5.56 -11.28
N MET D 159 25.61 5.62 -9.95
CA MET D 159 26.61 6.35 -9.16
C MET D 159 26.97 5.55 -7.91
N SER D 160 28.23 5.18 -7.78
CA SER D 160 28.65 4.32 -6.67
C SER D 160 28.77 5.09 -5.36
N GLN D 161 29.09 4.37 -4.29
CA GLN D 161 29.35 4.99 -3.00
C GLN D 161 30.71 5.66 -3.03
N THR D 162 30.94 6.59 -2.11
CA THR D 162 32.24 7.26 -2.03
C THR D 162 33.30 6.34 -1.40
N PHE D 163 34.45 6.24 -2.05
CA PHE D 163 35.55 5.42 -1.55
C PHE D 163 36.75 6.27 -1.17
N CYS D 164 37.58 5.78 -0.26
CA CYS D 164 38.74 6.54 0.21
C CYS D 164 40.05 5.79 0.01
N THR D 165 40.97 6.42 -0.72
CA THR D 165 42.32 5.90 -0.87
C THR D 165 43.33 7.00 -0.63
N LYS D 166 44.17 6.84 0.39
CA LYS D 166 45.14 7.85 0.80
C LYS D 166 44.44 9.19 1.06
N ASN D 167 43.33 9.12 1.79
CA ASN D 167 42.52 10.29 2.11
C ASN D 167 41.96 11.00 0.88
N ILE D 168 41.80 10.27 -0.22
CA ILE D 168 41.21 10.83 -1.42
C ILE D 168 39.88 10.16 -1.73
N SER D 169 38.83 10.97 -1.87
CA SER D 169 37.49 10.46 -2.15
C SER D 169 37.26 10.26 -3.64
N TYR D 170 36.58 9.18 -4.01
CA TYR D 170 36.22 8.97 -5.40
C TYR D 170 34.97 8.11 -5.59
N ASP D 171 34.27 8.33 -6.70
CA ASP D 171 33.08 7.58 -7.06
C ASP D 171 33.28 6.76 -8.33
N PHE D 172 32.24 6.01 -8.70
CA PHE D 172 32.21 5.31 -9.97
C PHE D 172 30.86 5.52 -10.65
N MET D 173 30.85 6.17 -11.81
CA MET D 173 29.62 6.44 -12.51
C MET D 173 29.56 5.78 -13.87
N ILE D 174 28.35 5.43 -14.31
CA ILE D 174 28.14 4.87 -15.64
C ILE D 174 27.15 5.72 -16.42
N PHE D 175 27.60 6.26 -17.54
CA PHE D 175 26.72 7.01 -18.43
C PHE D 175 26.38 6.17 -19.65
N GLU D 176 25.13 6.23 -20.09
CA GLU D 176 24.73 5.51 -21.30
C GLU D 176 24.05 6.45 -22.29
N LYS D 177 24.12 6.10 -23.57
CA LYS D 177 23.55 6.92 -24.61
C LYS D 177 22.12 6.45 -24.87
N GLN D 178 21.16 7.30 -24.52
CA GLN D 178 19.76 6.89 -24.50
C GLN D 178 18.88 7.77 -25.39
N GLU D 179 18.13 7.13 -26.28
CA GLU D 179 17.27 7.82 -27.23
C GLU D 179 15.84 7.32 -27.19
N LYS D 180 15.66 6.03 -27.49
CA LYS D 180 14.35 5.44 -27.71
C LYS D 180 13.54 5.37 -26.40
N LYS D 181 12.30 4.90 -26.50
CA LYS D 181 11.35 4.88 -25.38
C LYS D 181 11.18 6.26 -24.77
N LEU D 193 8.18 -7.81 -15.40
CA LEU D 193 7.04 -8.36 -16.12
C LEU D 193 5.83 -7.44 -16.00
N LYS D 194 5.13 -7.25 -17.11
CA LYS D 194 4.05 -6.29 -17.20
C LYS D 194 2.84 -6.67 -16.34
N SER D 195 2.74 -7.96 -16.00
CA SER D 195 1.59 -8.46 -15.25
C SER D 195 1.53 -7.90 -13.83
N ILE D 196 2.67 -7.88 -13.15
CA ILE D 196 2.72 -7.39 -11.78
C ILE D 196 2.46 -5.88 -11.71
N ASP D 197 3.06 -5.14 -12.65
CA ASP D 197 2.91 -3.70 -12.70
C ASP D 197 1.44 -3.29 -12.85
N ASP D 198 0.70 -4.06 -13.65
CA ASP D 198 -0.71 -3.77 -13.89
C ASP D 198 -1.57 -4.11 -12.68
N THR D 199 -1.38 -5.30 -12.13
CA THR D 199 -2.19 -5.79 -11.01
C THR D 199 -2.12 -4.87 -9.80
N VAL D 200 -0.91 -4.41 -9.47
CA VAL D 200 -0.71 -3.49 -8.35
C VAL D 200 -1.41 -2.16 -8.63
N ASP D 201 -1.32 -1.68 -9.87
CA ASP D 201 -1.97 -0.44 -10.26
C ASP D 201 -3.49 -0.55 -10.14
N LEU D 202 -4.03 -1.70 -10.52
CA LEU D 202 -5.47 -1.93 -10.46
C LEU D 202 -5.96 -1.97 -9.02
N LEU D 203 -5.21 -2.65 -8.16
CA LEU D 203 -5.53 -2.69 -6.74
C LEU D 203 -5.47 -1.28 -6.16
N GLY D 204 -4.55 -0.47 -6.68
CA GLY D 204 -4.42 0.92 -6.26
C GLY D 204 -5.60 1.77 -6.70
N GLU D 205 -6.26 1.36 -7.78
CA GLU D 205 -7.46 2.04 -8.23
C GLU D 205 -8.67 1.65 -7.39
N ILE D 206 -8.83 0.35 -7.18
CA ILE D 206 -9.92 -0.19 -6.37
C ILE D 206 -9.86 0.35 -4.94
N PHE D 207 -8.82 -0.03 -4.22
CA PHE D 207 -8.62 0.47 -2.88
C PHE D 207 -8.06 1.89 -2.92
N GLY D 208 -8.48 2.70 -1.97
CA GLY D 208 -8.04 4.08 -1.86
C GLY D 208 -6.77 4.09 -1.05
N ILE D 209 -6.61 5.12 -0.23
CA ILE D 209 -5.51 5.19 0.72
C ILE D 209 -5.49 3.98 1.65
N ARG D 210 -6.57 3.18 1.61
CA ARG D 210 -6.61 1.87 2.26
C ARG D 210 -5.37 1.04 1.93
N LYS D 211 -5.04 0.95 0.65
CA LYS D 211 -3.83 0.27 0.23
C LYS D 211 -2.63 1.11 0.64
N MET D 212 -1.74 0.51 1.43
CA MET D 212 -0.61 1.24 2.00
C MET D 212 0.37 1.69 0.91
N GLY D 213 0.39 0.95 -0.20
CA GLY D 213 1.21 1.31 -1.34
C GLY D 213 0.85 2.68 -1.90
N ASN D 214 -0.40 3.10 -1.70
CA ASN D 214 -0.84 4.42 -2.13
C ASN D 214 -0.49 5.51 -1.12
N ARG D 215 -0.26 5.13 0.13
CA ARG D 215 0.10 6.10 1.17
C ARG D 215 1.56 6.51 1.02
N HIS D 216 2.39 5.57 0.58
CA HIS D 216 3.75 5.90 0.18
C HIS D 216 3.87 5.79 -1.33
N LYS D 217 3.91 6.92 -2.02
CA LYS D 217 3.96 6.91 -3.47
C LYS D 217 5.36 7.22 -3.96
N PHE D 218 5.77 6.56 -5.03
CA PHE D 218 7.06 6.82 -5.63
C PHE D 218 7.06 8.22 -6.21
N PRO D 219 8.06 9.04 -5.83
CA PRO D 219 8.16 10.44 -6.22
C PRO D 219 8.12 10.63 -7.74
N LYS D 220 7.42 11.66 -8.18
CA LYS D 220 7.35 12.01 -9.59
C LYS D 220 8.74 12.42 -10.08
N GLU D 221 8.98 12.22 -11.38
CA GLU D 221 10.28 12.51 -11.97
C GLU D 221 10.75 13.94 -11.72
N GLU D 222 9.79 14.85 -11.65
CA GLU D 222 10.09 16.27 -11.46
C GLU D 222 10.82 16.54 -10.14
N ILE D 223 10.36 15.90 -9.07
CA ILE D 223 10.97 16.10 -7.75
C ILE D 223 11.99 15.02 -7.39
N TYR D 224 12.27 14.11 -8.33
CA TYR D 224 13.23 13.04 -8.10
C TYR D 224 14.63 13.46 -8.57
N ASN D 225 15.59 13.47 -7.66
CA ASN D 225 16.94 13.93 -7.97
C ASN D 225 17.70 12.97 -8.89
N THR D 226 18.21 13.51 -10.00
CA THR D 226 18.90 12.73 -11.03
C THR D 226 18.07 11.51 -11.41
N PRO D 227 16.93 11.74 -12.09
CA PRO D 227 15.94 10.68 -12.39
C PRO D 227 16.50 9.56 -13.24
N SER D 228 17.50 9.87 -14.07
CA SER D 228 18.08 8.89 -14.98
C SER D 228 18.72 7.73 -14.24
N ILE D 229 19.12 7.95 -12.99
CA ILE D 229 19.69 6.89 -12.18
C ILE D 229 18.58 6.21 -11.39
N ARG D 230 18.27 4.98 -11.76
CA ARG D 230 17.13 4.28 -11.18
C ARG D 230 17.57 3.17 -10.26
N PHE D 231 18.09 2.10 -10.83
CA PHE D 231 18.55 0.95 -10.07
C PHE D 231 19.99 1.17 -9.61
N GLY D 232 20.56 2.27 -10.06
CA GLY D 232 21.97 2.53 -9.84
C GLY D 232 22.33 3.55 -8.77
N ARG D 233 21.45 3.78 -7.80
CA ARG D 233 21.81 4.73 -6.76
C ARG D 233 22.45 3.99 -5.61
N GLU D 234 23.78 4.01 -5.58
CA GLU D 234 24.56 3.52 -4.45
C GLU D 234 24.84 4.63 -3.45
N HIS D 235 25.16 5.81 -3.98
CA HIS D 235 25.62 6.94 -3.18
C HIS D 235 24.64 7.26 -2.06
N TYR D 236 25.17 7.43 -0.86
CA TYR D 236 24.33 7.53 0.33
C TYR D 236 23.82 8.94 0.58
N GLU D 237 24.18 9.88 -0.29
CA GLU D 237 23.57 11.20 -0.24
C GLU D 237 22.17 11.09 -0.82
N PHE D 238 21.97 10.07 -1.65
CA PHE D 238 20.64 9.77 -2.18
C PHE D 238 19.68 9.34 -1.07
N GLN D 239 20.24 8.78 0.00
CA GLN D 239 19.44 8.40 1.15
C GLN D 239 18.71 9.61 1.73
N TYR D 240 19.39 10.75 1.69
CA TYR D 240 18.79 12.01 2.12
C TYR D 240 17.92 12.62 1.01
N LEU D 241 18.43 12.60 -0.21
CA LEU D 241 17.76 13.27 -1.33
C LEU D 241 16.47 12.57 -1.75
N ASP D 242 16.41 11.26 -1.56
CA ASP D 242 15.21 10.50 -1.90
C ASP D 242 14.15 10.68 -0.80
N LEU D 243 14.61 10.82 0.44
CA LEU D 243 13.71 11.14 1.54
C LEU D 243 13.13 12.53 1.33
N LEU D 244 13.96 13.42 0.83
CA LEU D 244 13.52 14.76 0.46
C LEU D 244 12.40 14.68 -0.56
N SER D 245 12.54 13.78 -1.53
CA SER D 245 11.57 13.61 -2.59
C SER D 245 10.27 12.97 -2.10
N ARG D 246 10.40 11.99 -1.21
CA ARG D 246 9.23 11.29 -0.67
C ARG D 246 8.33 12.23 0.13
N VAL D 247 8.95 13.20 0.80
CA VAL D 247 8.20 14.19 1.57
C VAL D 247 7.50 15.16 0.63
N LEU D 248 8.18 15.54 -0.45
CA LEU D 248 7.58 16.42 -1.44
C LEU D 248 6.41 15.75 -2.15
N GLU D 249 6.38 14.43 -2.13
CA GLU D 249 5.33 13.67 -2.78
C GLU D 249 4.17 13.38 -1.84
N ASN D 250 4.45 12.61 -0.78
CA ASN D 250 3.40 12.13 0.12
C ASN D 250 3.15 13.03 1.32
N GLY D 251 3.88 14.14 1.41
CA GLY D 251 3.81 15.00 2.58
C GLY D 251 2.45 15.62 2.81
N ALA D 252 1.90 15.39 4.00
CA ALA D 252 0.61 15.97 4.37
C ALA D 252 0.81 17.37 4.93
N TYR D 253 0.05 18.33 4.42
CA TYR D 253 0.15 19.70 4.89
C TYR D 253 -0.39 19.78 6.31
N ARG D 254 0.45 20.22 7.25
CA ARG D 254 0.10 20.18 8.67
C ARG D 254 0.58 21.40 9.43
N GLU D 255 -0.28 21.91 10.30
CA GLU D 255 0.08 23.00 11.19
C GLU D 255 0.94 22.49 12.34
N ASN D 256 1.72 23.38 12.94
CA ASN D 256 2.52 23.02 14.10
C ASN D 256 2.65 24.20 15.05
N ARG D 257 3.50 24.06 16.07
CA ARG D 257 3.65 25.10 17.08
C ARG D 257 4.14 26.42 16.47
N THR D 258 4.94 26.32 15.41
CA THR D 258 5.38 27.50 14.68
C THR D 258 4.29 27.95 13.70
N GLY D 259 4.32 29.23 13.35
CA GLY D 259 3.36 29.77 12.39
C GLY D 259 3.55 29.21 11.00
N ILE D 260 4.71 28.57 10.77
CA ILE D 260 5.03 27.99 9.47
C ILE D 260 4.64 26.53 9.41
N SER D 261 3.66 26.22 8.56
CA SER D 261 3.19 24.84 8.40
C SER D 261 4.20 24.01 7.61
N THR D 262 4.12 22.69 7.77
CA THR D 262 5.05 21.79 7.10
C THR D 262 4.33 20.77 6.22
N TYR D 263 5.11 19.93 5.55
CA TYR D 263 4.59 18.77 4.85
C TYR D 263 5.22 17.54 5.48
N SER D 264 4.42 16.73 6.17
CA SER D 264 4.96 15.71 7.05
C SER D 264 4.59 14.27 6.67
N ILE D 265 5.58 13.38 6.78
CA ILE D 265 5.34 11.94 6.68
C ILE D 265 5.97 11.26 7.90
N PHE D 266 5.55 10.02 8.15
CA PHE D 266 5.95 9.32 9.38
C PHE D 266 6.76 8.06 9.07
N GLY D 267 7.67 7.70 9.97
CA GLY D 267 8.41 6.45 9.85
C GLY D 267 9.40 6.33 8.71
N GLN D 268 10.40 7.21 8.68
CA GLN D 268 11.43 7.15 7.63
C GLN D 268 12.83 6.92 8.20
N MET D 269 13.74 6.43 7.37
CA MET D 269 15.11 6.17 7.80
C MET D 269 16.16 6.48 6.73
N MET D 270 17.41 6.61 7.16
CA MET D 270 18.53 6.87 6.26
C MET D 270 19.77 6.10 6.69
N ARG D 271 20.47 5.49 5.74
CA ARG D 271 21.70 4.76 6.03
C ARG D 271 22.92 5.54 5.53
N PHE D 272 24.04 5.41 6.24
CA PHE D 272 25.26 6.10 5.85
C PHE D 272 26.51 5.29 6.14
N ASP D 273 27.48 5.37 5.23
CA ASP D 273 28.77 4.70 5.40
C ASP D 273 29.82 5.68 5.87
N MET D 274 30.33 5.47 7.08
CA MET D 274 31.40 6.31 7.62
C MET D 274 32.77 5.67 7.46
N ARG D 275 32.82 4.46 6.93
CA ARG D 275 34.10 3.76 6.77
C ARG D 275 34.96 4.38 5.68
N GLU D 276 34.41 4.49 4.47
CA GLU D 276 35.17 5.00 3.33
C GLU D 276 34.92 6.48 3.05
N SER D 277 34.07 7.13 3.84
CA SER D 277 33.76 8.53 3.61
C SER D 277 33.10 9.21 4.81
N PHE D 278 32.84 10.51 4.66
CA PHE D 278 32.13 11.28 5.68
C PHE D 278 30.81 11.81 5.12
N PRO D 279 29.69 11.38 5.71
CA PRO D 279 28.35 11.75 5.22
C PRO D 279 28.03 13.24 5.38
N LEU D 280 28.70 14.08 4.60
CA LEU D 280 28.41 15.51 4.58
C LEU D 280 27.84 15.89 3.21
N LEU D 281 26.66 16.50 3.21
CA LEU D 281 25.94 16.79 1.97
C LEU D 281 26.73 17.69 1.02
N THR D 282 26.88 17.24 -0.21
CA THR D 282 27.60 18.00 -1.23
C THR D 282 26.66 18.78 -2.17
N THR D 283 25.35 18.59 -2.01
CA THR D 283 24.39 19.30 -2.86
C THR D 283 24.12 20.69 -2.30
N LYS D 284 24.60 20.92 -1.08
CA LYS D 284 24.49 22.21 -0.42
C LYS D 284 25.74 22.40 0.42
N LYS D 285 26.26 23.62 0.49
CA LYS D 285 27.42 23.85 1.33
C LYS D 285 26.96 23.91 2.77
N VAL D 286 27.42 22.97 3.57
CA VAL D 286 27.02 22.86 4.96
C VAL D 286 28.07 23.53 5.84
N ALA D 287 27.64 24.17 6.92
CA ALA D 287 28.62 24.78 7.80
C ALA D 287 29.03 23.73 8.81
N ILE D 288 30.25 23.26 8.65
CA ILE D 288 30.75 22.15 9.44
C ILE D 288 31.24 22.64 10.80
N ARG D 289 31.77 23.86 10.82
CA ARG D 289 32.27 24.46 12.05
C ARG D 289 31.10 24.68 13.02
N SER D 290 29.97 25.12 12.47
CA SER D 290 28.76 25.32 13.26
C SER D 290 28.28 24.01 13.85
N ILE D 291 28.42 22.94 13.08
CA ILE D 291 28.01 21.60 13.51
C ILE D 291 28.89 21.08 14.62
N PHE D 292 30.21 21.12 14.40
CA PHE D 292 31.18 20.65 15.38
C PHE D 292 31.06 21.38 16.70
N GLU D 293 31.08 22.71 16.63
CA GLU D 293 31.06 23.54 17.82
C GLU D 293 29.80 23.32 18.64
N GLU D 294 28.75 22.83 17.99
CA GLU D 294 27.52 22.44 18.67
C GLU D 294 27.67 21.08 19.34
N LEU D 295 28.42 20.19 18.69
CA LEU D 295 28.60 18.84 19.21
C LEU D 295 29.52 18.83 20.41
N ILE D 296 30.64 19.55 20.32
CA ILE D 296 31.57 19.64 21.44
C ILE D 296 30.91 20.41 22.58
N TRP D 297 29.92 21.23 22.22
CA TRP D 297 29.11 21.94 23.18
C TRP D 297 28.26 20.96 23.98
N PHE D 298 27.70 19.97 23.28
CA PHE D 298 26.95 18.89 23.90
C PHE D 298 27.85 18.06 24.81
N ILE D 299 29.00 17.66 24.25
CA ILE D 299 29.93 16.78 24.95
C ILE D 299 30.39 17.40 26.27
N LYS D 300 30.67 18.69 26.26
CA LYS D 300 31.10 19.39 27.46
C LYS D 300 29.96 19.53 28.48
N GLY D 301 28.73 19.29 28.03
CA GLY D 301 27.57 19.37 28.90
C GLY D 301 27.06 20.79 29.07
N ASP D 302 27.53 21.68 28.20
CA ASP D 302 27.22 23.10 28.29
C ASP D 302 25.80 23.41 27.81
N THR D 303 25.02 24.03 28.69
CA THR D 303 23.67 24.47 28.35
C THR D 303 23.62 25.95 27.99
N ASN D 304 24.77 26.62 28.06
CA ASN D 304 24.82 28.06 27.81
C ASN D 304 24.78 28.37 26.32
N GLY D 305 23.75 29.11 25.91
CA GLY D 305 23.57 29.44 24.51
C GLY D 305 24.51 30.51 24.01
N ASN D 306 25.03 31.32 24.94
CA ASN D 306 25.93 32.41 24.58
C ASN D 306 27.30 31.89 24.15
N HIS D 307 27.70 30.76 24.71
CA HIS D 307 29.01 30.17 24.40
C HIS D 307 29.08 29.76 22.93
N LEU D 308 27.93 29.47 22.33
CA LEU D 308 27.86 29.18 20.91
C LEU D 308 27.93 30.47 20.09
N ILE D 309 27.26 31.50 20.59
CA ILE D 309 27.19 32.78 19.90
C ILE D 309 28.55 33.49 19.90
N GLU D 310 29.29 33.33 20.99
CA GLU D 310 30.63 33.91 21.10
C GLU D 310 31.55 33.31 20.05
N LYS D 311 31.28 32.06 19.69
CA LYS D 311 32.03 31.34 18.67
C LYS D 311 31.40 31.55 17.30
N LYS D 312 30.41 32.44 17.26
CA LYS D 312 29.70 32.80 16.04
C LYS D 312 28.92 31.62 15.44
N VAL D 313 28.23 30.88 16.30
CA VAL D 313 27.28 29.88 15.85
C VAL D 313 25.90 30.25 16.39
N TYR D 314 25.03 30.68 15.47
CA TYR D 314 23.76 31.30 15.85
C TYR D 314 22.56 30.36 15.78
N ILE D 315 22.79 29.08 15.51
CA ILE D 315 21.70 28.14 15.27
C ILE D 315 20.70 28.05 16.44
N TRP D 316 21.17 28.23 17.66
CA TRP D 316 20.31 28.15 18.83
C TRP D 316 19.81 29.52 19.30
N SER D 317 20.14 30.58 18.57
CA SER D 317 19.72 31.92 18.92
C SER D 317 18.20 32.08 18.89
N GLY D 318 17.57 31.43 17.91
CA GLY D 318 16.13 31.52 17.74
C GLY D 318 15.37 31.00 18.94
N ASN D 319 15.77 29.84 19.43
CA ASN D 319 15.15 29.27 20.63
C ASN D 319 15.83 29.79 21.89
N GLY D 320 16.86 30.61 21.70
CA GLY D 320 17.60 31.17 22.80
C GLY D 320 17.35 32.65 23.04
N SER D 321 16.25 33.17 22.51
CA SER D 321 15.96 34.58 22.67
C SER D 321 15.16 34.84 23.94
N LYS D 322 14.90 36.12 24.22
CA LYS D 322 14.13 36.49 25.39
C LYS D 322 12.64 36.36 25.10
N GLU D 323 12.24 36.74 23.89
CA GLU D 323 10.84 36.75 23.49
C GLU D 323 10.29 35.34 23.38
N TYR D 324 11.12 34.41 22.91
CA TYR D 324 10.70 33.02 22.77
C TYR D 324 10.53 32.34 24.12
N LEU D 325 11.43 32.65 25.05
CA LEU D 325 11.39 32.05 26.39
C LEU D 325 10.17 32.51 27.17
N GLU D 326 9.85 33.81 27.07
CA GLU D 326 8.69 34.35 27.75
C GLU D 326 7.40 33.78 27.17
N ARG D 327 7.46 33.40 25.90
CA ARG D 327 6.30 32.88 25.19
C ARG D 327 5.95 31.47 25.65
N ILE D 328 6.97 30.67 25.97
CA ILE D 328 6.75 29.30 26.41
C ILE D 328 6.69 29.18 27.93
N GLY D 329 6.73 30.32 28.62
CA GLY D 329 6.58 30.34 30.07
C GLY D 329 7.91 30.25 30.81
N LEU D 330 9.00 30.35 30.07
CA LEU D 330 10.34 30.30 30.63
C LEU D 330 10.90 31.70 30.92
N GLY D 331 10.06 32.72 30.79
CA GLY D 331 10.47 34.11 30.90
C GLY D 331 11.36 34.46 32.08
N HIS D 332 11.19 33.72 33.19
CA HIS D 332 12.05 33.88 34.35
C HIS D 332 13.53 33.65 34.03
N ARG D 333 13.77 32.83 33.01
CA ARG D 333 15.12 32.42 32.65
C ARG D 333 15.94 33.54 32.01
N GLU D 334 17.26 33.42 32.09
CA GLU D 334 18.16 34.36 31.43
C GLU D 334 18.04 34.18 29.93
N GLU D 335 18.48 35.19 29.18
CA GLU D 335 18.27 35.26 27.72
C GLU D 335 18.54 33.95 26.99
N ASN D 336 19.80 33.52 26.97
CA ASN D 336 20.18 32.34 26.19
C ASN D 336 20.23 31.04 26.99
N ASP D 337 19.82 31.06 28.25
CA ASP D 337 19.84 29.84 29.04
C ASP D 337 18.72 28.90 28.57
N LEU D 338 19.11 27.73 28.09
CA LEU D 338 18.19 26.83 27.41
C LEU D 338 17.63 25.71 28.30
N GLY D 339 18.10 25.62 29.53
CA GLY D 339 17.65 24.57 30.43
C GLY D 339 18.32 23.23 30.17
N PRO D 340 17.82 22.18 30.82
CA PRO D 340 18.38 20.82 30.74
C PRO D 340 18.22 20.18 29.36
N ILE D 341 18.86 20.77 28.36
CA ILE D 341 18.81 20.27 26.99
C ILE D 341 19.94 19.29 26.71
N TYR D 342 20.18 19.01 25.42
CA TYR D 342 21.22 18.07 25.01
C TYR D 342 22.55 18.38 25.68
N GLY D 343 23.20 17.34 26.16
CA GLY D 343 24.50 17.46 26.78
C GLY D 343 24.39 17.68 28.27
N PHE D 344 23.28 18.25 28.72
CA PHE D 344 23.01 18.26 30.15
C PHE D 344 22.61 16.84 30.50
N GLN D 345 21.63 16.32 29.76
CA GLN D 345 21.14 14.97 29.97
C GLN D 345 22.19 13.92 29.63
N TRP D 346 23.14 14.29 28.77
CA TRP D 346 24.26 13.41 28.45
C TRP D 346 25.18 13.26 29.66
N ARG D 347 25.65 14.41 30.15
CA ARG D 347 26.61 14.45 31.25
C ARG D 347 25.95 14.33 32.62
N HIS D 348 24.79 14.95 32.79
CA HIS D 348 24.07 14.83 34.06
C HIS D 348 22.61 14.45 33.84
N TYR D 349 22.23 13.23 34.20
CA TYR D 349 20.87 12.79 33.98
C TYR D 349 20.06 12.87 35.27
N ASN D 350 18.85 13.40 35.16
CA ASN D 350 17.97 13.65 36.29
C ASN D 350 18.60 14.60 37.30
N GLY D 351 19.55 15.40 36.85
CA GLY D 351 20.13 16.43 37.68
C GLY D 351 19.17 17.60 37.82
N GLU D 352 19.02 18.11 39.03
CA GLU D 352 18.14 19.25 39.25
C GLU D 352 18.76 20.49 38.61
N TYR D 353 18.03 21.12 37.70
CA TYR D 353 18.56 22.25 36.96
C TYR D 353 18.21 23.58 37.64
N LYS D 354 19.24 24.37 37.91
CA LYS D 354 19.06 25.70 38.48
C LYS D 354 19.21 26.76 37.40
N THR D 355 20.45 27.01 37.00
CA THR D 355 20.74 27.91 35.88
C THR D 355 21.89 27.33 35.06
N MET D 356 22.31 28.06 34.04
CA MET D 356 23.42 27.61 33.20
C MET D 356 24.77 27.90 33.86
N HIS D 357 24.77 28.82 34.81
CA HIS D 357 26.00 29.25 35.46
C HIS D 357 26.45 28.33 36.59
N ASP D 358 25.52 27.54 37.13
CA ASP D 358 25.83 26.68 38.27
C ASP D 358 26.78 25.55 37.89
N ASP D 359 27.48 25.02 38.88
CA ASP D 359 28.42 23.92 38.65
C ASP D 359 27.75 22.59 38.91
N TYR D 360 27.52 21.83 37.84
CA TYR D 360 26.78 20.58 37.90
C TYR D 360 27.67 19.35 38.00
N THR D 361 28.98 19.56 38.12
CA THR D 361 29.90 18.45 38.26
C THR D 361 29.57 17.62 39.50
N GLY D 362 29.37 16.33 39.30
CA GLY D 362 29.07 15.41 40.40
C GLY D 362 27.59 15.06 40.53
N VAL D 363 26.73 15.88 39.97
CA VAL D 363 25.29 15.63 40.06
C VAL D 363 24.77 14.95 38.79
N GLY D 364 23.80 14.07 38.96
CA GLY D 364 23.17 13.40 37.84
C GLY D 364 23.98 12.25 37.30
N VAL D 365 23.34 11.43 36.46
CA VAL D 365 24.00 10.29 35.85
C VAL D 365 24.76 10.72 34.59
N ASP D 366 26.01 10.33 34.48
CA ASP D 366 26.79 10.64 33.29
C ASP D 366 26.69 9.48 32.31
N GLN D 367 25.95 9.70 31.23
CA GLN D 367 25.75 8.66 30.23
C GLN D 367 26.96 8.54 29.31
N LEU D 368 27.44 9.69 28.84
CA LEU D 368 28.57 9.73 27.91
C LEU D 368 29.81 9.07 28.51
N ALA D 369 30.01 9.26 29.81
CA ALA D 369 31.13 8.63 30.49
C ALA D 369 30.92 7.12 30.55
N LYS D 370 29.75 6.70 31.02
CA LYS D 370 29.45 5.28 31.13
C LYS D 370 29.34 4.64 29.76
N LEU D 371 29.01 5.44 28.75
CA LEU D 371 28.95 4.95 27.37
C LEU D 371 30.34 4.55 26.89
N ILE D 372 31.29 5.47 27.01
CA ILE D 372 32.67 5.23 26.61
C ILE D 372 33.27 4.09 27.43
N GLU D 373 32.98 4.09 28.72
CA GLU D 373 33.49 3.06 29.62
C GLU D 373 32.97 1.68 29.23
N THR D 374 31.72 1.64 28.78
CA THR D 374 31.10 0.38 28.40
C THR D 374 31.61 -0.12 27.05
N LEU D 375 31.88 0.81 26.14
CA LEU D 375 32.28 0.47 24.79
C LEU D 375 33.59 -0.34 24.74
N LYS D 376 34.62 0.15 25.42
CA LYS D 376 35.90 -0.55 25.42
C LYS D 376 35.97 -1.73 26.38
N ASN D 377 35.23 -1.65 27.49
CA ASN D 377 35.23 -2.73 28.47
C ASN D 377 34.34 -3.90 28.08
N ASN D 378 33.16 -3.61 27.56
CA ASN D 378 32.25 -4.65 27.11
C ASN D 378 31.66 -4.30 25.75
N PRO D 379 32.43 -4.53 24.68
CA PRO D 379 32.09 -4.12 23.31
C PRO D 379 30.84 -4.81 22.77
N LYS D 380 30.67 -6.09 23.04
CA LYS D 380 29.59 -6.86 22.46
C LYS D 380 28.29 -6.69 23.24
N ASP D 381 28.34 -5.86 24.28
CA ASP D 381 27.14 -5.47 25.02
C ASP D 381 26.16 -4.78 24.06
N ARG D 382 24.88 -5.07 24.23
CA ARG D 382 23.85 -4.51 23.37
C ARG D 382 23.22 -3.27 24.00
N ARG D 383 23.73 -2.90 25.17
CA ARG D 383 23.15 -1.84 25.97
C ARG D 383 23.75 -0.45 25.81
N HIS D 384 24.66 -0.25 24.86
CA HIS D 384 25.27 1.07 24.74
C HIS D 384 24.21 2.01 24.20
N ILE D 385 23.86 3.01 25.00
CA ILE D 385 22.73 3.88 24.67
C ILE D 385 22.91 5.28 25.26
N LEU D 386 22.52 6.29 24.49
CA LEU D 386 22.55 7.67 24.96
C LEU D 386 21.20 8.32 24.70
N THR D 387 20.48 8.65 25.77
CA THR D 387 19.15 9.23 25.65
C THR D 387 19.07 10.66 26.19
N ALA D 388 18.48 11.55 25.40
CA ALA D 388 18.28 12.93 25.83
C ALA D 388 16.88 13.19 26.37
N TRP D 389 15.99 12.19 26.30
CA TRP D 389 14.59 12.42 26.61
C TRP D 389 14.26 12.13 28.07
N ASN D 390 14.04 13.19 28.83
CA ASN D 390 13.65 13.07 30.23
C ASN D 390 12.29 13.73 30.47
N PRO D 391 11.25 12.93 30.72
CA PRO D 391 9.89 13.41 30.99
C PRO D 391 9.83 14.46 32.11
N SER D 392 10.68 14.31 33.12
CA SER D 392 10.70 15.22 34.26
C SER D 392 11.24 16.59 33.89
N ALA D 393 12.29 16.61 33.07
CA ALA D 393 12.98 17.84 32.73
C ALA D 393 12.45 18.48 31.45
N LEU D 394 11.48 17.84 30.81
CA LEU D 394 10.95 18.33 29.54
C LEU D 394 10.40 19.75 29.62
N SER D 395 9.66 20.04 30.69
CA SER D 395 9.02 21.34 30.85
C SER D 395 10.05 22.46 31.07
N GLN D 396 11.22 22.10 31.58
CA GLN D 396 12.26 23.08 31.85
C GLN D 396 13.06 23.46 30.61
N MET D 397 13.01 22.61 29.59
CA MET D 397 13.84 22.79 28.40
C MET D 397 13.32 23.88 27.47
N ALA D 398 14.23 24.53 26.76
CA ALA D 398 13.86 25.56 25.79
C ALA D 398 13.22 24.91 24.57
N LEU D 399 13.41 23.60 24.47
CA LEU D 399 12.85 22.78 23.40
C LEU D 399 13.21 21.34 23.68
N PRO D 400 12.23 20.43 23.54
CA PRO D 400 12.46 19.01 23.81
C PRO D 400 13.38 18.38 22.77
N PRO D 401 14.07 17.30 23.15
CA PRO D 401 15.06 16.66 22.28
C PRO D 401 14.48 16.23 20.93
N CYS D 402 15.16 16.62 19.86
CA CYS D 402 14.79 16.22 18.51
C CYS D 402 15.45 14.89 18.21
N HIS D 403 16.78 14.83 18.32
CA HIS D 403 17.42 13.54 18.26
C HIS D 403 17.39 13.01 19.67
N VAL D 404 16.50 12.04 19.88
CA VAL D 404 16.11 11.59 21.20
C VAL D 404 17.05 10.58 21.83
N LEU D 405 17.40 9.56 21.06
CA LEU D 405 18.13 8.43 21.61
C LEU D 405 19.06 7.82 20.56
N SER D 406 20.24 7.40 21.00
CA SER D 406 21.21 6.80 20.10
C SER D 406 21.80 5.53 20.71
N GLN D 407 21.95 4.50 19.88
CA GLN D 407 22.56 3.24 20.30
C GLN D 407 23.83 2.98 19.50
N TYR D 408 24.83 2.42 20.17
CA TYR D 408 26.13 2.20 19.53
C TYR D 408 26.54 0.73 19.55
N TYR D 409 27.26 0.33 18.50
CA TYR D 409 27.48 -1.08 18.21
C TYR D 409 28.93 -1.35 17.83
N VAL D 410 29.56 -2.31 18.50
CA VAL D 410 30.92 -2.67 18.17
C VAL D 410 30.93 -3.93 17.29
N THR D 411 31.36 -3.75 16.05
CA THR D 411 31.44 -4.85 15.10
C THR D 411 32.64 -5.74 15.40
N ASN D 412 32.61 -6.97 14.92
CA ASN D 412 33.67 -7.94 15.18
C ASN D 412 35.02 -7.53 14.59
N ASP D 413 35.00 -6.66 13.60
CA ASP D 413 36.21 -6.15 12.98
C ASP D 413 36.65 -4.85 13.66
N ASN D 414 35.99 -4.55 14.79
CA ASN D 414 36.26 -3.37 15.62
C ASN D 414 35.97 -2.05 14.92
N CYS D 415 34.77 -1.96 14.35
CA CYS D 415 34.24 -0.69 13.89
C CYS D 415 33.08 -0.28 14.79
N LEU D 416 32.86 1.02 14.92
CA LEU D 416 31.80 1.54 15.79
C LEU D 416 30.64 2.10 14.97
N SER D 417 29.50 1.44 15.04
CA SER D 417 28.32 1.86 14.28
C SER D 417 27.29 2.54 15.16
N CYS D 418 26.56 3.49 14.59
CA CYS D 418 25.64 4.30 15.37
C CYS D 418 24.22 4.33 14.80
N ASN D 419 23.25 4.07 15.67
CA ASN D 419 21.84 4.24 15.34
C ASN D 419 21.28 5.44 16.07
N LEU D 420 20.49 6.25 15.37
CA LEU D 420 19.88 7.42 15.98
C LEU D 420 18.40 7.54 15.66
N TYR D 421 17.56 7.58 16.69
CA TYR D 421 16.15 7.87 16.48
C TYR D 421 15.89 9.37 16.67
N GLN D 422 15.16 9.95 15.73
CA GLN D 422 14.88 11.37 15.75
C GLN D 422 13.37 11.60 15.64
N ARG D 423 12.77 12.15 16.70
CA ARG D 423 11.32 12.30 16.76
C ARG D 423 10.80 13.32 15.76
N SER D 424 11.54 14.41 15.57
CA SER D 424 11.14 15.46 14.66
C SER D 424 12.36 15.93 13.87
N CYS D 425 12.20 16.04 12.56
CA CYS D 425 13.32 16.31 11.68
C CYS D 425 13.03 17.39 10.64
N ASP D 426 13.83 18.45 10.66
CA ASP D 426 13.77 19.48 9.64
C ASP D 426 14.75 19.11 8.54
N LEU D 427 14.22 18.76 7.36
CA LEU D 427 15.04 18.26 6.27
C LEU D 427 15.90 19.36 5.66
N GLY D 428 15.45 20.60 5.79
CA GLY D 428 16.17 21.73 5.25
C GLY D 428 17.38 22.14 6.10
N LEU D 429 17.19 22.14 7.42
CA LEU D 429 18.20 22.66 8.32
C LEU D 429 18.73 21.62 9.29
N GLY D 430 17.85 21.12 10.16
CA GLY D 430 18.25 20.18 11.20
C GLY D 430 18.89 18.89 10.71
N SER D 431 18.30 18.29 9.67
CA SER D 431 18.77 17.01 9.18
C SER D 431 20.21 17.02 8.61
N PRO D 432 20.55 18.02 7.78
CA PRO D 432 21.96 18.07 7.34
C PRO D 432 22.92 18.17 8.52
N PHE D 433 22.51 18.85 9.58
CA PHE D 433 23.31 18.97 10.78
C PHE D 433 23.37 17.64 11.53
N ASN D 434 22.20 17.04 11.76
CA ASN D 434 22.11 15.80 12.52
C ASN D 434 22.88 14.65 11.89
N ILE D 435 22.88 14.59 10.57
CA ILE D 435 23.60 13.54 9.85
C ILE D 435 25.09 13.64 10.11
N ALA D 436 25.62 14.86 9.99
CA ALA D 436 27.05 15.09 10.17
C ALA D 436 27.46 15.09 11.64
N SER D 437 26.59 15.60 12.50
CA SER D 437 26.90 15.74 13.92
C SER D 437 27.10 14.39 14.60
N TYR D 438 26.18 13.45 14.35
CA TYR D 438 26.29 12.12 14.94
C TYR D 438 27.32 11.28 14.20
N ALA D 439 27.70 11.73 13.01
CA ALA D 439 28.79 11.09 12.28
C ALA D 439 30.12 11.45 12.93
N ILE D 440 30.24 12.70 13.36
CA ILE D 440 31.43 13.17 14.05
C ILE D 440 31.53 12.52 15.43
N LEU D 441 30.41 12.49 16.14
CA LEU D 441 30.38 11.93 17.49
C LEU D 441 30.79 10.47 17.49
N THR D 442 30.36 9.73 16.48
CA THR D 442 30.73 8.31 16.37
C THR D 442 32.23 8.17 16.13
N MET D 443 32.77 9.04 15.28
CA MET D 443 34.20 9.05 14.99
C MET D 443 35.00 9.43 16.23
N MET D 444 34.46 10.32 17.04
CA MET D 444 35.09 10.71 18.29
C MET D 444 35.06 9.57 19.29
N LEU D 445 33.88 8.96 19.46
CA LEU D 445 33.73 7.83 20.35
C LEU D 445 34.58 6.65 19.90
N ALA D 446 34.86 6.59 18.61
CA ALA D 446 35.66 5.51 18.05
C ALA D 446 37.13 5.66 18.42
N GLN D 447 37.65 6.88 18.33
CA GLN D 447 39.06 7.13 18.63
C GLN D 447 39.37 6.95 20.11
N VAL D 448 38.47 7.44 20.97
CA VAL D 448 38.65 7.33 22.41
C VAL D 448 38.63 5.86 22.85
N CYS D 449 37.81 5.06 22.18
CA CYS D 449 37.70 3.64 22.51
C CYS D 449 38.60 2.77 21.63
N GLY D 450 39.31 3.41 20.71
CA GLY D 450 40.23 2.69 19.84
C GLY D 450 39.55 1.87 18.78
N TYR D 451 38.56 2.45 18.12
CA TYR D 451 37.84 1.78 17.05
C TYR D 451 37.87 2.57 15.76
N GLU D 452 37.56 1.89 14.65
CA GLU D 452 37.35 2.56 13.37
C GLU D 452 35.88 2.93 13.23
N PRO D 453 35.56 3.92 12.38
CA PRO D 453 34.16 4.30 12.20
C PRO D 453 33.34 3.21 11.51
N GLY D 454 32.11 3.01 11.97
CA GLY D 454 31.20 2.03 11.39
C GLY D 454 30.17 2.66 10.46
N GLU D 455 28.97 2.09 10.46
CA GLU D 455 27.86 2.63 9.67
C GLU D 455 26.96 3.52 10.52
N LEU D 456 26.42 4.58 9.92
CA LEU D 456 25.47 5.45 10.59
C LEU D 456 24.06 5.29 10.04
N ALA D 457 23.12 4.95 10.93
CA ALA D 457 21.72 4.81 10.55
C ALA D 457 20.84 5.76 11.36
N ILE D 458 20.01 6.54 10.66
CA ILE D 458 19.14 7.51 11.31
C ILE D 458 17.68 7.17 11.10
N PHE D 459 16.93 7.08 12.19
CA PHE D 459 15.50 6.77 12.13
C PHE D 459 14.66 7.99 12.50
N ILE D 460 13.77 8.39 11.59
CA ILE D 460 13.03 9.63 11.75
C ILE D 460 11.54 9.42 11.94
N GLY D 461 11.02 9.86 13.09
CA GLY D 461 9.59 9.78 13.32
C GLY D 461 8.83 10.74 12.43
N ASP D 462 9.07 12.03 12.56
CA ASP D 462 8.35 13.02 11.77
C ASP D 462 9.30 13.71 10.79
N ALA D 463 9.16 13.37 9.52
CA ALA D 463 10.01 13.94 8.48
C ALA D 463 9.23 15.00 7.72
N HIS D 464 9.62 16.25 7.90
CA HIS D 464 8.83 17.35 7.35
C HIS D 464 9.68 18.41 6.65
N ILE D 465 9.02 19.16 5.79
CA ILE D 465 9.63 20.29 5.09
C ILE D 465 8.79 21.54 5.30
N TYR D 466 9.35 22.54 5.95
CA TYR D 466 8.65 23.81 6.15
C TYR D 466 8.37 24.46 4.79
N GLU D 467 7.20 25.08 4.68
CA GLU D 467 6.73 25.57 3.38
C GLU D 467 7.58 26.71 2.82
N ASN D 468 8.40 27.32 3.66
CA ASN D 468 9.29 28.39 3.20
C ASN D 468 10.59 27.85 2.61
N HIS D 469 10.83 26.55 2.79
CA HIS D 469 12.02 25.90 2.27
C HIS D 469 11.78 25.21 0.93
N LEU D 470 10.56 25.33 0.42
CA LEU D 470 10.16 24.62 -0.79
C LEU D 470 10.97 25.04 -2.01
N THR D 471 11.10 26.34 -2.21
CA THR D 471 11.84 26.85 -3.35
C THR D 471 13.32 26.47 -3.25
N GLN D 472 13.84 26.46 -2.03
CA GLN D 472 15.24 26.14 -1.78
C GLN D 472 15.54 24.66 -1.96
N LEU D 473 14.69 23.80 -1.39
CA LEU D 473 14.93 22.36 -1.43
C LEU D 473 14.68 21.76 -2.81
N LYS D 474 13.86 22.44 -3.60
CA LYS D 474 13.66 22.02 -5.00
C LYS D 474 14.89 22.38 -5.82
N GLU D 475 15.54 23.47 -5.41
CA GLU D 475 16.80 23.87 -6.03
C GLU D 475 17.89 22.87 -5.70
N GLN D 476 17.96 22.46 -4.44
CA GLN D 476 18.96 21.49 -4.00
C GLN D 476 18.79 20.15 -4.69
N LEU D 477 17.56 19.82 -5.05
CA LEU D 477 17.26 18.56 -5.70
C LEU D 477 17.70 18.55 -7.17
N SER D 478 17.97 19.73 -7.71
CA SER D 478 18.35 19.85 -9.12
C SER D 478 19.85 19.60 -9.31
N ARG D 479 20.55 19.33 -8.21
CA ARG D 479 22.00 19.19 -8.24
C ARG D 479 22.45 17.74 -8.10
N THR D 480 23.15 17.24 -9.11
CA THR D 480 23.68 15.88 -9.09
C THR D 480 24.82 15.79 -8.06
N PRO D 481 24.70 14.84 -7.12
CA PRO D 481 25.62 14.68 -5.99
C PRO D 481 27.08 14.47 -6.39
N ARG D 482 27.97 14.95 -5.54
CA ARG D 482 29.40 14.75 -5.70
C ARG D 482 29.88 13.89 -4.54
N PRO D 483 30.98 13.15 -4.73
CA PRO D 483 31.48 12.22 -3.70
C PRO D 483 31.70 12.86 -2.34
N PHE D 484 31.36 12.13 -1.28
CA PHE D 484 31.52 12.60 0.09
C PHE D 484 32.96 12.94 0.40
N PRO D 485 33.17 13.96 1.24
CA PRO D 485 34.54 14.34 1.67
C PRO D 485 35.14 13.33 2.64
N GLN D 486 36.31 13.67 3.18
CA GLN D 486 36.93 12.85 4.23
C GLN D 486 37.14 13.70 5.48
N LEU D 487 37.04 13.07 6.64
CA LEU D 487 37.28 13.77 7.89
C LEU D 487 38.27 13.01 8.75
N LYS D 488 39.41 13.64 9.03
CA LYS D 488 40.45 13.04 9.84
C LYS D 488 40.81 13.93 11.02
N PHE D 489 41.17 13.29 12.14
CA PHE D 489 41.60 14.02 13.33
C PHE D 489 43.11 14.23 13.30
N LYS D 490 43.55 15.44 13.65
CA LYS D 490 44.97 15.77 13.59
C LYS D 490 45.73 15.27 14.82
N ARG D 491 45.01 14.93 15.88
CA ARG D 491 45.64 14.42 17.10
C ARG D 491 44.69 13.51 17.86
N LYS D 492 45.26 12.62 18.68
CA LYS D 492 44.45 11.74 19.50
C LYS D 492 44.35 12.31 20.92
N VAL D 493 43.14 12.69 21.30
CA VAL D 493 42.90 13.27 22.62
C VAL D 493 42.82 12.19 23.68
N GLU D 494 43.16 12.55 24.92
CA GLU D 494 43.05 11.62 26.04
C GLU D 494 41.60 11.53 26.52
N ASN D 495 40.93 12.67 26.56
CA ASN D 495 39.52 12.71 26.91
C ASN D 495 38.70 13.32 25.77
N ILE D 496 37.46 12.86 25.63
CA ILE D 496 36.62 13.26 24.50
C ILE D 496 36.26 14.74 24.53
N GLU D 497 36.42 15.38 25.69
CA GLU D 497 36.08 16.79 25.85
C GLU D 497 37.18 17.70 25.31
N ASP D 498 38.34 17.10 25.01
CA ASP D 498 39.53 17.87 24.64
C ASP D 498 39.60 18.21 23.16
N PHE D 499 38.59 17.79 22.40
CA PHE D 499 38.56 18.06 20.97
C PHE D 499 38.39 19.55 20.67
N LYS D 500 39.18 20.04 19.71
CA LYS D 500 39.10 21.43 19.27
C LYS D 500 38.86 21.48 17.77
N TRP D 501 38.39 22.62 17.27
CA TRP D 501 38.06 22.76 15.86
C TRP D 501 39.29 22.64 14.96
N GLU D 502 40.43 23.05 15.49
CA GLU D 502 41.68 23.02 14.73
C GLU D 502 42.14 21.58 14.50
N ASP D 503 41.64 20.67 15.32
CA ASP D 503 42.03 19.27 15.25
C ASP D 503 41.38 18.56 14.05
N ILE D 504 40.36 19.20 13.48
CA ILE D 504 39.60 18.57 12.40
C ILE D 504 40.08 18.99 11.01
N GLU D 505 40.40 17.99 10.19
CA GLU D 505 40.84 18.22 8.82
C GLU D 505 39.81 17.67 7.84
N LEU D 506 39.13 18.55 7.12
CA LEU D 506 38.13 18.15 6.15
C LEU D 506 38.74 18.06 4.75
N ILE D 507 38.81 16.84 4.23
CA ILE D 507 39.56 16.59 3.00
C ILE D 507 38.68 16.30 1.79
N GLY D 508 38.79 17.14 0.77
CA GLY D 508 38.11 16.91 -0.49
C GLY D 508 36.62 17.24 -0.48
N TYR D 509 36.26 18.32 0.20
CA TYR D 509 34.87 18.77 0.23
C TYR D 509 34.65 19.84 -0.83
N TYR D 510 33.88 19.49 -1.86
CA TYR D 510 33.60 20.41 -2.95
C TYR D 510 32.11 20.47 -3.26
N PRO D 511 31.35 21.14 -2.38
CA PRO D 511 29.89 21.15 -2.51
C PRO D 511 29.38 22.15 -3.53
N TYR D 512 28.07 22.17 -3.72
CA TYR D 512 27.40 23.20 -4.50
C TYR D 512 27.27 24.43 -3.60
N PRO D 513 26.99 25.61 -4.19
CA PRO D 513 26.85 26.83 -3.38
C PRO D 513 25.83 26.70 -2.25
N THR D 514 26.12 27.34 -1.12
CA THR D 514 25.27 27.26 0.05
C THR D 514 23.87 27.79 -0.22
N ILE D 515 22.87 27.15 0.37
CA ILE D 515 21.48 27.54 0.18
C ILE D 515 20.88 28.08 1.48
N LYS D 516 20.42 29.33 1.44
CA LYS D 516 19.90 29.98 2.64
C LYS D 516 18.46 29.57 2.94
N MET D 517 18.23 29.12 4.16
CA MET D 517 16.89 28.72 4.60
C MET D 517 16.62 29.22 6.01
N ASP D 518 15.49 29.91 6.18
CA ASP D 518 15.13 30.52 7.45
C ASP D 518 14.52 29.51 8.43
N MET D 519 15.06 29.49 9.66
CA MET D 519 14.59 28.57 10.69
C MET D 519 13.26 29.02 11.28
N ALA D 520 12.33 28.07 11.40
CA ALA D 520 11.05 28.34 12.04
C ALA D 520 11.20 28.27 13.56
N VAL D 521 10.89 29.37 14.23
CA VAL D 521 11.08 29.46 15.67
C VAL D 521 9.82 29.07 16.44
N GLU E 3 49.36 -40.57 1.86
CA GLU E 3 50.35 -39.71 2.49
C GLU E 3 50.50 -38.39 1.73
N LYS E 4 49.90 -37.33 2.28
CA LYS E 4 49.97 -36.01 1.66
C LYS E 4 50.54 -34.99 2.65
N ASN E 5 50.68 -33.76 2.20
CA ASN E 5 51.40 -32.74 2.96
C ASN E 5 50.54 -32.02 4.00
N VAL E 6 51.12 -31.83 5.20
CA VAL E 6 50.43 -31.15 6.28
C VAL E 6 51.21 -29.92 6.74
N SER E 7 50.62 -28.74 6.57
CA SER E 7 51.31 -27.50 6.86
C SER E 7 50.61 -26.66 7.93
N ILE E 8 51.40 -26.04 8.81
CA ILE E 8 50.86 -25.10 9.79
C ILE E 8 50.90 -23.69 9.23
N VAL E 9 49.75 -23.02 9.24
CA VAL E 9 49.68 -21.62 8.83
C VAL E 9 49.31 -20.76 10.04
N VAL E 10 50.20 -19.85 10.41
CA VAL E 10 49.98 -19.06 11.63
C VAL E 10 50.62 -17.67 11.53
N ALA E 11 49.97 -16.70 12.17
CA ALA E 11 50.53 -15.37 12.30
C ALA E 11 50.71 -15.03 13.78
N ALA E 12 51.96 -14.88 14.21
CA ALA E 12 52.26 -14.61 15.61
C ALA E 12 53.13 -13.37 15.77
N SER E 13 53.11 -12.80 16.98
CA SER E 13 53.95 -11.65 17.28
C SER E 13 55.42 -12.05 17.21
N VAL E 14 56.29 -11.09 16.91
CA VAL E 14 57.70 -11.37 16.63
C VAL E 14 58.44 -11.95 17.85
N LEU E 15 58.11 -11.48 19.04
CA LEU E 15 58.83 -11.88 20.24
C LEU E 15 58.08 -12.92 21.08
N SER E 16 56.93 -12.52 21.62
CA SER E 16 56.17 -13.38 22.53
C SER E 16 55.31 -14.40 21.80
N SER E 17 55.27 -14.30 20.47
CA SER E 17 54.57 -15.25 19.61
C SER E 17 53.07 -15.34 19.91
N GLY E 18 52.50 -14.26 20.44
CA GLY E 18 51.07 -14.21 20.70
C GLY E 18 50.26 -14.17 19.43
N ILE E 19 49.34 -15.13 19.27
CA ILE E 19 48.51 -15.18 18.08
C ILE E 19 47.09 -14.62 18.22
N GLY E 20 46.70 -14.23 19.43
CA GLY E 20 45.34 -13.78 19.64
C GLY E 20 44.99 -13.24 21.02
N ILE E 21 43.92 -12.44 21.06
CA ILE E 21 43.42 -11.88 22.32
C ILE E 21 41.88 -11.82 22.34
N ASN E 22 41.30 -12.29 23.44
CA ASN E 22 39.86 -12.21 23.67
C ASN E 22 38.98 -12.74 22.54
N GLY E 23 39.32 -13.92 22.02
CA GLY E 23 38.52 -14.56 20.99
C GLY E 23 38.61 -13.88 19.64
N GLN E 24 39.69 -13.16 19.41
CA GLN E 24 39.92 -12.50 18.12
C GLN E 24 41.40 -12.18 17.93
N LEU E 25 41.71 -11.52 16.82
CA LEU E 25 43.08 -11.17 16.50
C LEU E 25 43.48 -9.83 17.13
N PRO E 26 44.71 -9.76 17.65
CA PRO E 26 45.28 -8.55 18.24
C PRO E 26 45.57 -7.48 17.19
N TRP E 27 45.56 -7.88 15.92
CA TRP E 27 45.81 -6.97 14.82
C TRP E 27 44.80 -7.17 13.69
N SER E 28 44.67 -6.16 12.83
CA SER E 28 43.93 -6.33 11.59
C SER E 28 44.84 -6.03 10.41
N ILE E 29 45.21 -7.07 9.67
CA ILE E 29 46.07 -6.90 8.50
C ILE E 29 45.44 -7.56 7.29
N SER E 30 45.05 -6.73 6.32
CA SER E 30 44.31 -7.22 5.16
C SER E 30 45.15 -8.15 4.30
N GLU E 31 46.41 -7.77 4.08
CA GLU E 31 47.30 -8.54 3.22
C GLU E 31 47.56 -9.95 3.76
N ASP E 32 47.60 -10.07 5.08
CA ASP E 32 47.88 -11.36 5.71
C ASP E 32 46.72 -12.33 5.55
N LEU E 33 45.50 -11.82 5.62
CA LEU E 33 44.32 -12.65 5.42
C LEU E 33 44.27 -13.15 3.99
N LYS E 34 44.67 -12.29 3.06
CA LYS E 34 44.74 -12.64 1.65
C LYS E 34 45.86 -13.65 1.42
N PHE E 35 46.92 -13.56 2.23
CA PHE E 35 48.00 -14.52 2.20
C PHE E 35 47.49 -15.88 2.66
N PHE E 36 46.76 -15.87 3.77
CA PHE E 36 46.13 -17.09 4.29
C PHE E 36 45.21 -17.69 3.24
N SER E 37 44.47 -16.82 2.54
CA SER E 37 43.52 -17.27 1.53
C SER E 37 44.21 -17.95 0.36
N LYS E 38 45.29 -17.35 -0.13
CA LYS E 38 45.96 -17.86 -1.32
C LYS E 38 46.83 -19.08 -1.01
N ILE E 39 47.39 -19.12 0.19
CA ILE E 39 48.28 -20.22 0.57
C ILE E 39 47.48 -21.48 0.89
N THR E 40 46.24 -21.31 1.37
CA THR E 40 45.40 -22.45 1.69
C THR E 40 44.52 -22.87 0.51
N ASN E 41 44.44 -22.01 -0.50
CA ASN E 41 43.70 -22.34 -1.72
C ASN E 41 44.63 -22.89 -2.79
N ASN E 42 45.89 -23.07 -2.45
CA ASN E 42 46.87 -23.54 -3.41
C ASN E 42 46.73 -25.05 -3.63
N LYS E 43 46.44 -25.43 -4.87
CA LYS E 43 46.19 -26.83 -5.20
C LYS E 43 46.65 -27.16 -6.61
N CYS E 44 47.22 -28.36 -6.77
CA CYS E 44 47.66 -28.83 -8.08
C CYS E 44 46.48 -29.38 -8.88
N ASP E 45 45.60 -30.10 -8.20
CA ASP E 45 44.45 -30.72 -8.85
C ASP E 45 43.21 -29.85 -8.70
N SER E 46 42.49 -29.64 -9.80
CA SER E 46 41.29 -28.80 -9.79
C SER E 46 40.09 -29.54 -9.19
N ASN E 47 40.14 -30.86 -9.21
CA ASN E 47 39.05 -31.69 -8.71
C ASN E 47 39.17 -32.00 -7.23
N LYS E 48 40.18 -31.42 -6.58
CA LYS E 48 40.42 -31.65 -5.17
C LYS E 48 40.28 -30.37 -4.36
N LYS E 49 40.01 -30.53 -3.06
CA LYS E 49 39.90 -29.40 -2.14
C LYS E 49 40.94 -29.54 -1.03
N ASN E 50 41.28 -28.42 -0.39
CA ASN E 50 42.22 -28.45 0.72
C ASN E 50 41.51 -28.40 2.06
N ALA E 51 41.86 -29.33 2.95
CA ALA E 51 41.26 -29.39 4.27
C ALA E 51 41.96 -28.46 5.25
N LEU E 52 41.18 -27.71 6.01
CA LEU E 52 41.72 -26.78 7.00
C LEU E 52 41.28 -27.17 8.40
N ILE E 53 42.23 -27.60 9.23
CA ILE E 53 41.94 -28.00 10.59
C ILE E 53 42.05 -26.82 11.55
N MET E 54 41.06 -26.63 12.39
CA MET E 54 41.05 -25.53 13.36
C MET E 54 40.26 -25.90 14.61
N GLY E 55 40.65 -25.31 15.74
CA GLY E 55 39.95 -25.54 16.99
C GLY E 55 38.56 -24.94 16.98
N ARG E 56 37.75 -25.30 17.97
CA ARG E 56 36.37 -24.81 18.04
C ARG E 56 36.32 -23.30 18.22
N LYS E 57 37.15 -22.78 19.11
CA LYS E 57 37.18 -21.35 19.40
C LYS E 57 37.63 -20.55 18.19
N THR E 58 38.51 -21.14 17.39
CA THR E 58 38.94 -20.51 16.14
C THR E 58 37.79 -20.54 15.14
N TRP E 59 37.08 -21.67 15.10
CA TRP E 59 35.89 -21.82 14.26
C TRP E 59 34.82 -20.81 14.66
N ASP E 60 34.79 -20.45 15.94
CA ASP E 60 33.90 -19.41 16.42
C ASP E 60 34.37 -18.04 15.95
N SER E 61 35.69 -17.84 15.93
CA SER E 61 36.28 -16.54 15.61
C SER E 61 36.03 -16.11 14.17
N ILE E 62 35.84 -17.06 13.28
CA ILE E 62 35.58 -16.74 11.88
C ILE E 62 34.08 -16.59 11.62
N GLY E 63 33.30 -16.70 12.69
CA GLY E 63 31.86 -16.47 12.59
C GLY E 63 31.08 -17.72 12.22
N ARG E 64 31.73 -18.88 12.35
CA ARG E 64 31.12 -20.16 12.03
C ARG E 64 30.55 -20.19 10.61
N ARG E 65 31.34 -19.76 9.64
CA ARG E 65 30.95 -19.80 8.24
C ARG E 65 32.04 -20.44 7.40
N PRO E 66 31.64 -21.23 6.39
CA PRO E 66 32.60 -21.98 5.58
C PRO E 66 33.51 -21.08 4.74
N LEU E 67 34.73 -21.56 4.47
CA LEU E 67 35.64 -20.86 3.58
C LEU E 67 35.49 -21.40 2.17
N LYS E 68 35.43 -20.50 1.20
CA LYS E 68 35.15 -20.87 -0.19
C LYS E 68 36.22 -21.80 -0.76
N ASN E 69 35.77 -22.82 -1.49
CA ASN E 69 36.63 -23.78 -2.18
C ASN E 69 37.55 -24.55 -1.23
N ARG E 70 37.13 -24.66 0.02
CA ARG E 70 37.91 -25.37 1.04
C ARG E 70 37.00 -26.09 2.02
N ILE E 71 37.47 -27.21 2.55
CA ILE E 71 36.71 -27.96 3.54
C ILE E 71 37.27 -27.71 4.94
N ILE E 72 36.49 -27.03 5.77
CA ILE E 72 36.90 -26.72 7.13
C ILE E 72 36.69 -27.91 8.05
N VAL E 73 37.75 -28.29 8.78
CA VAL E 73 37.65 -29.36 9.76
C VAL E 73 37.74 -28.78 11.18
N VAL E 74 36.64 -28.86 11.91
CA VAL E 74 36.59 -28.31 13.26
C VAL E 74 36.82 -29.39 14.31
N ILE E 75 37.73 -29.12 15.23
CA ILE E 75 38.00 -30.06 16.32
C ILE E 75 37.24 -29.66 17.57
N SER E 76 36.27 -30.49 17.96
CA SER E 76 35.50 -30.22 19.17
C SER E 76 34.98 -31.52 19.79
N SER E 77 34.90 -31.54 21.12
CA SER E 77 34.31 -32.66 21.85
C SER E 77 32.84 -32.37 22.17
N SER E 78 32.41 -31.17 21.81
CA SER E 78 31.04 -30.71 22.10
C SER E 78 30.19 -30.68 20.84
N LEU E 79 30.62 -29.87 19.87
CA LEU E 79 29.88 -29.66 18.63
C LEU E 79 29.45 -30.96 17.97
N PRO E 80 28.17 -31.04 17.57
CA PRO E 80 27.63 -32.20 16.87
C PRO E 80 28.32 -32.39 15.53
N GLN E 81 28.35 -33.63 15.04
CA GLN E 81 28.95 -33.89 13.75
C GLN E 81 27.86 -33.76 12.71
N ASP E 82 27.96 -32.71 11.90
CA ASP E 82 26.85 -32.30 11.04
C ASP E 82 27.08 -32.70 9.59
N GLU E 83 26.14 -33.47 9.06
CA GLU E 83 26.19 -33.90 7.67
C GLU E 83 25.45 -32.93 6.77
N ALA E 84 25.00 -31.82 7.36
CA ALA E 84 24.27 -30.80 6.63
C ALA E 84 25.19 -30.02 5.70
N ASP E 85 26.12 -29.26 6.30
CA ASP E 85 27.09 -28.49 5.52
C ASP E 85 28.21 -29.41 5.03
N PRO E 86 28.30 -29.60 3.71
CA PRO E 86 29.31 -30.47 3.10
C PRO E 86 30.72 -29.91 3.18
N ASN E 87 30.85 -28.61 3.40
CA ASN E 87 32.16 -27.97 3.44
C ASN E 87 32.70 -27.84 4.86
N VAL E 88 31.94 -28.34 5.84
CA VAL E 88 32.37 -28.32 7.23
C VAL E 88 32.14 -29.68 7.88
N VAL E 89 33.15 -30.18 8.59
CA VAL E 89 33.05 -31.47 9.26
C VAL E 89 33.69 -31.38 10.64
N VAL E 90 33.14 -32.12 11.61
CA VAL E 90 33.65 -32.08 12.98
C VAL E 90 34.21 -33.44 13.42
N PHE E 91 35.40 -33.42 14.00
CA PHE E 91 36.01 -34.63 14.54
C PHE E 91 36.24 -34.49 16.05
N ARG E 92 36.25 -35.63 16.74
CA ARG E 92 36.34 -35.62 18.20
C ARG E 92 37.76 -35.38 18.70
N ASN E 93 38.74 -35.78 17.91
CA ASN E 93 40.14 -35.57 18.27
C ASN E 93 40.99 -35.23 17.05
N LEU E 94 42.19 -34.71 17.29
CA LEU E 94 43.06 -34.25 16.20
C LEU E 94 43.56 -35.41 15.33
N GLU E 95 43.97 -36.50 15.96
CA GLU E 95 44.57 -37.61 15.23
C GLU E 95 43.56 -38.29 14.30
N ASP E 96 42.32 -38.42 14.75
CA ASP E 96 41.26 -39.01 13.92
C ASP E 96 40.95 -38.12 12.72
N SER E 97 41.24 -36.84 12.85
CA SER E 97 41.01 -35.88 11.76
C SER E 97 42.13 -35.97 10.72
N ILE E 98 43.16 -36.74 11.03
CA ILE E 98 44.27 -36.96 10.11
C ILE E 98 43.93 -38.15 9.20
N GLU E 99 42.70 -38.63 9.33
CA GLU E 99 42.17 -39.64 8.42
C GLU E 99 42.26 -39.19 6.95
N ASN E 100 42.35 -37.88 6.74
CA ASN E 100 42.51 -37.30 5.41
C ASN E 100 43.71 -37.87 4.64
N LEU E 101 44.67 -38.41 5.38
CA LEU E 101 45.81 -39.09 4.78
C LEU E 101 45.40 -40.46 4.24
N MET E 102 44.99 -41.34 5.15
CA MET E 102 44.69 -42.74 4.84
C MET E 102 43.63 -42.91 3.75
N ASN E 103 42.63 -42.03 3.75
CA ASN E 103 41.56 -42.10 2.76
C ASN E 103 41.17 -40.71 2.28
N ASP E 104 40.06 -40.63 1.56
CA ASP E 104 39.55 -39.36 1.05
C ASP E 104 40.57 -38.70 0.12
N ASP E 105 40.72 -39.26 -1.06
CA ASP E 105 41.71 -38.80 -2.03
C ASP E 105 41.22 -37.55 -2.75
N SER E 106 40.01 -37.12 -2.41
CA SER E 106 39.48 -35.85 -2.90
C SER E 106 40.14 -34.68 -2.19
N ILE E 107 40.90 -34.98 -1.14
CA ILE E 107 41.68 -33.97 -0.43
C ILE E 107 43.14 -34.06 -0.86
N GLU E 108 43.67 -32.95 -1.39
CA GLU E 108 45.04 -32.92 -1.87
C GLU E 108 46.01 -32.56 -0.74
N ASN E 109 45.88 -31.36 -0.21
CA ASN E 109 46.77 -30.91 0.87
C ASN E 109 46.02 -30.60 2.15
N ILE E 110 46.73 -30.66 3.27
CA ILE E 110 46.14 -30.38 4.57
C ILE E 110 46.85 -29.22 5.25
N PHE E 111 46.07 -28.29 5.79
CA PHE E 111 46.62 -27.17 6.55
C PHE E 111 46.07 -27.15 7.96
N VAL E 112 46.92 -26.81 8.92
CA VAL E 112 46.47 -26.62 10.29
C VAL E 112 46.37 -25.13 10.59
N CYS E 113 45.13 -24.64 10.66
CA CYS E 113 44.89 -23.22 10.95
C CYS E 113 44.92 -23.01 12.46
N GLY E 114 44.73 -24.10 13.19
CA GLY E 114 45.08 -24.17 14.59
C GLY E 114 44.35 -23.35 15.63
N GLY E 115 45.13 -22.53 16.33
CA GLY E 115 44.78 -22.03 17.66
C GLY E 115 45.76 -22.73 18.57
N GLU E 116 46.05 -22.15 19.73
CA GLU E 116 47.13 -22.64 20.58
C GLU E 116 46.99 -24.11 20.96
N SER E 117 45.78 -24.50 21.36
CA SER E 117 45.53 -25.87 21.78
C SER E 117 45.79 -26.86 20.66
N ILE E 118 45.43 -26.47 19.44
CA ILE E 118 45.63 -27.33 18.28
C ILE E 118 47.10 -27.35 17.83
N TYR E 119 47.69 -26.17 17.72
CA TYR E 119 49.08 -26.03 17.32
C TYR E 119 50.02 -26.84 18.19
N ARG E 120 49.83 -26.75 19.50
CA ARG E 120 50.76 -27.34 20.45
C ARG E 120 50.87 -28.85 20.34
N ASP E 121 49.74 -29.55 20.26
CA ASP E 121 49.77 -31.01 20.18
C ASP E 121 49.71 -31.50 18.72
N ALA E 122 49.70 -30.57 17.77
CA ALA E 122 49.91 -30.93 16.37
C ALA E 122 51.40 -31.10 16.13
N LEU E 123 52.19 -30.25 16.80
CA LEU E 123 53.65 -30.35 16.77
C LEU E 123 54.14 -31.44 17.72
N LYS E 124 53.49 -31.53 18.89
CA LYS E 124 53.85 -32.50 19.92
C LYS E 124 53.69 -33.93 19.44
N ASP E 125 52.61 -34.19 18.70
CA ASP E 125 52.37 -35.52 18.15
C ASP E 125 53.01 -35.63 16.76
N ASN E 126 53.67 -34.56 16.34
CA ASN E 126 54.44 -34.51 15.11
C ASN E 126 53.66 -34.91 13.85
N PHE E 127 52.61 -34.16 13.55
CA PHE E 127 51.87 -34.33 12.30
C PHE E 127 52.28 -33.30 11.26
N VAL E 128 53.17 -32.38 11.64
CA VAL E 128 53.41 -31.18 10.85
C VAL E 128 54.69 -31.25 10.02
N ASP E 129 54.52 -31.24 8.69
CA ASP E 129 55.64 -31.21 7.76
C ASP E 129 56.22 -29.81 7.57
N ARG E 130 55.33 -28.82 7.45
CA ARG E 130 55.76 -27.46 7.11
C ARG E 130 55.06 -26.42 7.98
N ILE E 131 55.74 -25.28 8.17
CA ILE E 131 55.17 -24.19 8.94
C ILE E 131 55.23 -22.86 8.19
N TYR E 132 54.07 -22.25 7.98
CA TYR E 132 54.01 -20.92 7.40
C TYR E 132 53.79 -19.91 8.52
N LEU E 133 54.83 -19.12 8.81
CA LEU E 133 54.76 -18.17 9.91
C LEU E 133 54.78 -16.73 9.44
N THR E 134 53.77 -15.97 9.84
CA THR E 134 53.77 -14.53 9.59
C THR E 134 54.14 -13.81 10.88
N ARG E 135 55.34 -13.25 10.92
CA ARG E 135 55.81 -12.54 12.09
C ARG E 135 55.31 -11.11 12.10
N VAL E 136 54.67 -10.70 13.18
CA VAL E 136 54.13 -9.34 13.28
C VAL E 136 54.90 -8.53 14.32
N ALA E 137 55.01 -7.23 14.09
CA ALA E 137 55.86 -6.36 14.90
C ALA E 137 55.16 -5.79 16.13
N LEU E 138 53.93 -6.24 16.40
CA LEU E 138 53.23 -5.80 17.60
C LEU E 138 53.62 -6.63 18.82
N GLU E 139 54.04 -5.96 19.89
CA GLU E 139 54.50 -6.65 21.09
C GLU E 139 53.85 -6.15 22.38
N ASP E 140 54.05 -4.88 22.68
CA ASP E 140 53.66 -4.31 23.98
C ASP E 140 52.17 -4.45 24.30
N ILE E 141 51.38 -4.87 23.33
CA ILE E 141 49.96 -5.14 23.56
C ILE E 141 49.76 -6.44 24.33
N GLU E 142 48.50 -6.83 24.52
CA GLU E 142 48.16 -7.97 25.37
C GLU E 142 47.71 -9.20 24.60
N PHE E 143 48.22 -10.36 25.00
CA PHE E 143 47.85 -11.63 24.37
C PHE E 143 47.38 -12.67 25.38
N ASP E 144 46.23 -13.28 25.13
CA ASP E 144 45.78 -14.42 25.93
C ASP E 144 46.07 -15.76 25.26
N THR E 145 46.61 -15.72 24.05
CA THR E 145 46.84 -16.93 23.26
C THR E 145 48.14 -16.83 22.46
N TYR E 146 48.93 -17.92 22.48
CA TYR E 146 50.26 -17.89 21.88
C TYR E 146 50.52 -19.07 20.93
N PHE E 147 51.55 -18.93 20.11
CA PHE E 147 51.99 -20.01 19.23
C PHE E 147 53.15 -20.75 19.87
N PRO E 148 53.04 -22.07 20.02
CA PRO E 148 54.05 -22.89 20.68
C PRO E 148 55.42 -22.76 20.04
N GLU E 149 56.47 -22.81 20.84
CA GLU E 149 57.84 -22.67 20.34
C GLU E 149 58.15 -23.78 19.34
N ILE E 150 58.62 -23.38 18.16
CA ILE E 150 58.90 -24.32 17.08
C ILE E 150 60.00 -25.29 17.46
N PRO E 151 59.70 -26.60 17.41
CA PRO E 151 60.66 -27.65 17.73
C PRO E 151 61.92 -27.58 16.85
N GLU E 152 63.04 -28.07 17.36
CA GLU E 152 64.32 -27.97 16.66
C GLU E 152 64.38 -28.80 15.38
N THR E 153 63.38 -29.66 15.19
CA THR E 153 63.30 -30.48 13.99
C THR E 153 63.06 -29.63 12.75
N PHE E 154 62.57 -28.41 12.96
CA PHE E 154 62.30 -27.48 11.86
C PHE E 154 63.46 -26.51 11.64
N LEU E 155 63.70 -26.19 10.37
CA LEU E 155 64.64 -25.14 10.01
C LEU E 155 64.00 -24.20 8.99
N PRO E 156 64.24 -22.89 9.13
CA PRO E 156 63.67 -21.95 8.16
C PRO E 156 64.31 -22.11 6.78
N VAL E 157 63.49 -22.25 5.74
CA VAL E 157 64.02 -22.22 4.38
C VAL E 157 63.76 -20.87 3.69
N TYR E 158 62.99 -20.00 4.33
CA TYR E 158 62.63 -18.72 3.70
C TYR E 158 62.31 -17.61 4.71
N MET E 159 62.74 -16.40 4.41
CA MET E 159 62.32 -15.21 5.15
C MET E 159 62.05 -14.07 4.17
N SER E 160 60.83 -13.58 4.12
CA SER E 160 60.46 -12.54 3.15
C SER E 160 60.97 -11.17 3.56
N GLN E 161 60.72 -10.18 2.69
CA GLN E 161 61.05 -8.80 2.99
C GLN E 161 60.04 -8.25 4.00
N THR E 162 60.40 -7.17 4.68
CA THR E 162 59.49 -6.54 5.62
C THR E 162 58.40 -5.75 4.90
N PHE E 163 57.15 -5.97 5.28
CA PHE E 163 56.02 -5.27 4.68
C PHE E 163 55.34 -4.36 5.71
N CYS E 164 54.67 -3.32 5.24
CA CYS E 164 54.01 -2.37 6.12
C CYS E 164 52.52 -2.22 5.84
N THR E 165 51.70 -2.47 6.87
CA THR E 165 50.27 -2.24 6.79
C THR E 165 49.80 -1.49 8.03
N LYS E 166 49.28 -0.29 7.83
CA LYS E 166 48.85 0.59 8.93
C LYS E 166 50.00 0.80 9.91
N ASN E 167 51.19 1.08 9.35
CA ASN E 167 52.41 1.30 10.11
C ASN E 167 52.83 0.08 10.95
N ILE E 168 52.41 -1.10 10.53
CA ILE E 168 52.81 -2.34 11.20
C ILE E 168 53.70 -3.18 10.30
N SER E 169 54.87 -3.54 10.81
CA SER E 169 55.83 -4.33 10.05
C SER E 169 55.56 -5.82 10.19
N TYR E 170 55.71 -6.57 9.10
CA TYR E 170 55.58 -8.02 9.18
C TYR E 170 56.36 -8.77 8.09
N ASP E 171 56.76 -9.99 8.40
CA ASP E 171 57.49 -10.86 7.48
C ASP E 171 56.67 -12.09 7.11
N PHE E 172 57.26 -12.91 6.24
CA PHE E 172 56.69 -14.22 5.91
C PHE E 172 57.80 -15.27 5.93
N MET E 173 57.70 -16.24 6.83
CA MET E 173 58.73 -17.27 6.93
C MET E 173 58.17 -18.65 6.65
N ILE E 174 59.03 -19.53 6.12
CA ILE E 174 58.67 -20.92 5.90
C ILE E 174 59.64 -21.84 6.62
N PHE E 175 59.11 -22.64 7.54
CA PHE E 175 59.92 -23.65 8.22
C PHE E 175 59.60 -25.02 7.67
N GLU E 176 60.63 -25.86 7.52
CA GLU E 176 60.43 -27.22 7.07
C GLU E 176 61.08 -28.22 8.01
N LYS E 177 60.54 -29.43 8.04
CA LYS E 177 61.06 -30.47 8.91
C LYS E 177 62.12 -31.27 8.17
N GLN E 178 63.37 -31.13 8.59
CA GLN E 178 64.49 -31.66 7.83
C GLN E 178 65.34 -32.63 8.65
N GLU E 179 65.56 -33.82 8.07
CA GLU E 179 66.31 -34.89 8.74
C GLU E 179 67.44 -35.42 7.88
N LYS E 180 67.07 -35.97 6.71
CA LYS E 180 68.00 -36.71 5.88
C LYS E 180 69.06 -35.78 5.25
N LYS E 181 69.98 -36.37 4.50
CA LYS E 181 71.13 -35.68 3.92
C LYS E 181 71.93 -34.95 5.00
N LEU E 193 72.36 -29.60 -11.31
CA LEU E 193 73.01 -30.76 -11.95
C LEU E 193 74.44 -30.90 -11.46
N LYS E 194 74.83 -32.14 -11.19
CA LYS E 194 76.12 -32.43 -10.56
C LYS E 194 77.30 -32.12 -11.47
N SER E 195 77.04 -32.05 -12.78
CA SER E 195 78.10 -31.83 -13.76
C SER E 195 78.74 -30.45 -13.63
N ILE E 196 77.91 -29.42 -13.48
CA ILE E 196 78.41 -28.05 -13.38
C ILE E 196 79.16 -27.82 -12.07
N ASP E 197 78.63 -28.37 -10.97
CA ASP E 197 79.25 -28.22 -9.67
C ASP E 197 80.66 -28.81 -9.64
N ASP E 198 80.85 -29.92 -10.34
CA ASP E 198 82.15 -30.58 -10.40
C ASP E 198 83.14 -29.81 -11.27
N THR E 199 82.71 -29.43 -12.46
CA THR E 199 83.57 -28.75 -13.43
C THR E 199 84.15 -27.45 -12.87
N VAL E 200 83.31 -26.66 -12.21
CA VAL E 200 83.75 -25.42 -11.60
C VAL E 200 84.75 -25.68 -10.48
N ASP E 201 84.50 -26.72 -9.69
CA ASP E 201 85.41 -27.12 -8.61
C ASP E 201 86.77 -27.52 -9.16
N LEU E 202 86.75 -28.27 -10.27
CA LEU E 202 87.99 -28.73 -10.89
C LEU E 202 88.81 -27.58 -11.45
N LEU E 203 88.14 -26.63 -12.10
CA LEU E 203 88.80 -25.43 -12.59
C LEU E 203 89.39 -24.64 -11.42
N GLY E 204 88.69 -24.68 -10.28
CA GLY E 204 89.16 -24.03 -9.09
C GLY E 204 90.40 -24.69 -8.50
N GLU E 205 90.56 -25.97 -8.77
CA GLU E 205 91.75 -26.70 -8.35
C GLU E 205 92.93 -26.38 -9.26
N ILE E 206 92.69 -26.47 -10.57
CA ILE E 206 93.70 -26.18 -11.58
C ILE E 206 94.22 -24.75 -11.42
N PHE E 207 93.35 -23.78 -11.70
CA PHE E 207 93.71 -22.40 -11.53
C PHE E 207 93.67 -22.02 -10.06
N GLY E 208 94.58 -21.15 -9.66
CA GLY E 208 94.69 -20.66 -8.31
C GLY E 208 93.77 -19.48 -8.16
N ILE E 209 94.21 -18.50 -7.38
CA ILE E 209 93.50 -17.23 -7.27
C ILE E 209 93.31 -16.56 -8.64
N ARG E 210 93.99 -17.10 -9.65
CA ARG E 210 93.77 -16.72 -11.05
C ARG E 210 92.28 -16.73 -11.39
N LYS E 211 91.61 -17.83 -11.05
CA LYS E 211 90.17 -17.92 -11.24
C LYS E 211 89.49 -16.99 -10.25
N MET E 212 88.69 -16.05 -10.76
CA MET E 212 88.08 -15.03 -9.93
C MET E 212 87.07 -15.63 -8.97
N GLY E 213 86.49 -16.76 -9.35
CA GLY E 213 85.57 -17.48 -8.49
C GLY E 213 86.21 -17.89 -7.18
N ASN E 214 87.52 -18.06 -7.18
CA ASN E 214 88.26 -18.39 -5.96
C ASN E 214 88.59 -17.16 -5.12
N ARG E 215 88.59 -15.99 -5.74
CA ARG E 215 88.88 -14.75 -5.03
C ARG E 215 87.67 -14.31 -4.21
N HIS E 216 86.48 -14.60 -4.74
CA HIS E 216 85.26 -14.44 -3.96
C HIS E 216 84.72 -15.82 -3.64
N LYS E 217 84.87 -16.25 -2.39
CA LYS E 217 84.43 -17.59 -2.00
C LYS E 217 83.13 -17.51 -1.20
N PHE E 218 82.26 -18.47 -1.43
CA PHE E 218 81.02 -18.55 -0.67
C PHE E 218 81.35 -18.85 0.79
N PRO E 219 80.83 -18.02 1.70
CA PRO E 219 81.10 -18.12 3.14
C PRO E 219 80.79 -19.50 3.70
N LYS E 220 81.66 -19.98 4.59
CA LYS E 220 81.46 -21.25 5.26
C LYS E 220 80.21 -21.18 6.14
N GLU E 221 79.58 -22.32 6.37
CA GLU E 221 78.34 -22.38 7.14
C GLU E 221 78.49 -21.75 8.53
N GLU E 222 79.68 -21.86 9.10
CA GLU E 222 79.95 -21.36 10.44
C GLU E 222 79.74 -19.84 10.54
N ILE E 223 80.22 -19.11 9.54
CA ILE E 223 80.09 -17.65 9.53
C ILE E 223 78.90 -17.14 8.73
N TYR E 224 78.09 -18.06 8.21
CA TYR E 224 76.91 -17.70 7.42
C TYR E 224 75.69 -17.60 8.31
N ASN E 225 75.06 -16.42 8.33
CA ASN E 225 73.92 -16.17 9.21
C ASN E 225 72.67 -16.92 8.77
N THR E 226 72.10 -17.68 9.70
CA THR E 226 70.92 -18.52 9.44
C THR E 226 71.15 -19.37 8.19
N PRO E 227 72.07 -20.36 8.27
CA PRO E 227 72.52 -21.13 7.11
C PRO E 227 71.39 -21.92 6.44
N SER E 228 70.38 -22.28 7.22
CA SER E 228 69.27 -23.09 6.72
C SER E 228 68.50 -22.38 5.61
N ILE E 229 68.56 -21.06 5.60
CA ILE E 229 67.90 -20.29 4.55
C ILE E 229 68.89 -20.03 3.42
N ARG E 230 68.65 -20.68 2.29
CA ARG E 230 69.58 -20.66 1.18
C ARG E 230 69.06 -19.83 0.02
N PHE E 231 68.07 -20.37 -0.67
CA PHE E 231 67.47 -19.69 -1.81
C PHE E 231 66.38 -18.74 -1.34
N GLY E 232 66.11 -18.78 -0.04
CA GLY E 232 65.00 -18.05 0.53
C GLY E 232 65.31 -16.77 1.28
N ARG E 233 66.45 -16.14 0.99
CA ARG E 233 66.73 -14.89 1.70
C ARG E 233 66.22 -13.72 0.88
N GLU E 234 65.03 -13.24 1.25
CA GLU E 234 64.47 -12.01 0.72
C GLU E 234 64.87 -10.81 1.55
N HIS E 235 64.84 -10.99 2.88
CA HIS E 235 65.03 -9.92 3.84
C HIS E 235 66.33 -9.17 3.57
N TYR E 236 66.23 -7.84 3.54
CA TYR E 236 67.34 -7.01 3.10
C TYR E 236 68.35 -6.72 4.21
N GLU E 237 68.10 -7.25 5.41
CA GLU E 237 69.12 -7.20 6.44
C GLU E 237 70.19 -8.23 6.10
N PHE E 238 69.81 -9.23 5.33
CA PHE E 238 70.74 -10.23 4.83
C PHE E 238 71.76 -9.60 3.89
N GLN E 239 71.36 -8.51 3.23
CA GLN E 239 72.26 -7.78 2.35
C GLN E 239 73.49 -7.30 3.13
N TYR E 240 73.26 -6.91 4.39
CA TYR E 240 74.35 -6.51 5.27
C TYR E 240 75.04 -7.73 5.89
N LEU E 241 74.24 -8.70 6.33
CA LEU E 241 74.76 -9.85 7.06
C LEU E 241 75.57 -10.80 6.18
N ASP E 242 75.23 -10.86 4.90
CA ASP E 242 75.97 -11.70 3.97
C ASP E 242 77.27 -11.02 3.56
N LEU E 243 77.23 -9.69 3.47
CA LEU E 243 78.45 -8.93 3.24
C LEU E 243 79.41 -9.09 4.41
N LEU E 244 78.82 -9.13 5.60
CA LEU E 244 79.57 -9.40 6.82
C LEU E 244 80.28 -10.74 6.71
N SER E 245 79.58 -11.73 6.17
CA SER E 245 80.11 -13.08 6.03
C SER E 245 81.19 -13.16 4.95
N ARG E 246 80.99 -12.47 3.84
CA ARG E 246 81.94 -12.48 2.75
C ARG E 246 83.29 -11.90 3.16
N VAL E 247 83.25 -10.89 4.04
CA VAL E 247 84.47 -10.28 4.55
C VAL E 247 85.18 -11.23 5.52
N LEU E 248 84.40 -11.95 6.33
CA LEU E 248 84.97 -12.92 7.25
C LEU E 248 85.61 -14.09 6.50
N GLU E 249 85.18 -14.29 5.26
CA GLU E 249 85.69 -15.38 4.44
C GLU E 249 86.90 -14.95 3.61
N ASN E 250 86.66 -14.00 2.69
CA ASN E 250 87.69 -13.60 1.73
C ASN E 250 88.55 -12.42 2.17
N GLY E 251 88.30 -11.91 3.37
CA GLY E 251 88.97 -10.72 3.84
C GLY E 251 90.47 -10.87 3.99
N ALA E 252 91.21 -9.99 3.31
CA ALA E 252 92.66 -9.99 3.40
C ALA E 252 93.11 -9.17 4.60
N TYR E 253 93.99 -9.75 5.41
CA TYR E 253 94.50 -9.05 6.60
C TYR E 253 95.39 -7.91 6.13
N ARG E 254 95.05 -6.69 6.53
CA ARG E 254 95.73 -5.50 6.02
C ARG E 254 95.93 -4.43 7.08
N GLU E 255 97.11 -3.82 7.08
CA GLU E 255 97.40 -2.70 7.97
C GLU E 255 96.77 -1.43 7.42
N ASN E 256 96.52 -0.47 8.29
CA ASN E 256 96.00 0.83 7.87
C ASN E 256 96.54 1.95 8.76
N ARG E 257 96.01 3.15 8.58
CA ARG E 257 96.50 4.31 9.31
C ARG E 257 96.35 4.13 10.83
N THR E 258 95.31 3.41 11.23
CA THR E 258 95.11 3.07 12.64
C THR E 258 95.98 1.87 13.02
N GLY E 259 96.30 1.76 14.30
CA GLY E 259 97.08 0.63 14.79
C GLY E 259 96.33 -0.68 14.70
N ILE E 260 95.02 -0.60 14.49
CA ILE E 260 94.18 -1.79 14.37
C ILE E 260 94.02 -2.22 12.93
N SER E 261 94.56 -3.39 12.60
CA SER E 261 94.47 -3.93 11.25
C SER E 261 93.06 -4.44 10.95
N THR E 262 92.72 -4.54 9.68
CA THR E 262 91.39 -4.99 9.27
C THR E 262 91.46 -6.22 8.37
N TYR E 263 90.29 -6.71 7.98
CA TYR E 263 90.16 -7.72 6.94
C TYR E 263 89.34 -7.13 5.81
N SER E 264 89.98 -6.90 4.67
CA SER E 264 89.38 -6.07 3.64
C SER E 264 89.12 -6.78 2.31
N ILE E 265 87.97 -6.49 1.71
CA ILE E 265 87.66 -6.89 0.35
C ILE E 265 87.19 -5.67 -0.44
N PHE E 266 87.21 -5.77 -1.76
CA PHE E 266 86.94 -4.63 -2.63
C PHE E 266 85.70 -4.84 -3.49
N GLY E 267 85.00 -3.76 -3.81
CA GLY E 267 83.88 -3.81 -4.74
C GLY E 267 82.63 -4.55 -4.28
N GLN E 268 82.03 -4.10 -3.18
CA GLN E 268 80.80 -4.72 -2.68
C GLN E 268 79.63 -3.75 -2.67
N MET E 269 78.41 -4.29 -2.65
CA MET E 269 77.20 -3.47 -2.64
C MET E 269 76.08 -4.05 -1.79
N MET E 270 75.11 -3.21 -1.44
CA MET E 270 73.95 -3.62 -0.66
C MET E 270 72.69 -2.91 -1.14
N ARG E 271 71.59 -3.66 -1.27
CA ARG E 271 70.31 -3.09 -1.68
C ARG E 271 69.34 -3.01 -0.51
N PHE E 272 68.49 -1.99 -0.51
CA PHE E 272 67.52 -1.82 0.57
C PHE E 272 66.19 -1.25 0.08
N ASP E 273 65.10 -1.76 0.66
CA ASP E 273 63.77 -1.27 0.34
C ASP E 273 63.27 -0.31 1.42
N MET E 274 63.08 0.95 1.05
CA MET E 274 62.55 1.94 1.97
C MET E 274 61.04 2.17 1.80
N ARG E 275 60.44 1.50 0.81
CA ARG E 275 59.01 1.66 0.56
C ARG E 275 58.15 1.06 1.67
N GLU E 276 58.36 -0.23 1.94
CA GLU E 276 57.54 -0.94 2.91
C GLU E 276 58.19 -1.05 4.29
N SER E 277 59.39 -0.50 4.44
CA SER E 277 60.08 -0.59 5.73
C SER E 277 61.23 0.41 5.86
N PHE E 278 61.88 0.39 7.02
CA PHE E 278 63.05 1.22 7.27
C PHE E 278 64.27 0.34 7.55
N PRO E 279 65.30 0.43 6.70
CA PRO E 279 66.49 -0.42 6.81
C PRO E 279 67.33 -0.14 8.05
N LEU E 280 66.80 -0.49 9.22
CA LEU E 280 67.55 -0.38 10.47
C LEU E 280 67.82 -1.77 11.03
N LEU E 281 69.09 -2.08 11.27
CA LEU E 281 69.51 -3.43 11.67
C LEU E 281 68.85 -3.89 12.98
N THR E 282 68.22 -5.06 12.92
CA THR E 282 67.56 -5.63 14.09
C THR E 282 68.42 -6.68 14.80
N THR E 283 69.56 -7.01 14.24
CA THR E 283 70.45 -8.01 14.86
C THR E 283 71.31 -7.35 15.92
N LYS E 284 71.29 -6.02 15.94
CA LYS E 284 72.00 -5.24 16.92
C LYS E 284 71.17 -4.00 17.22
N LYS E 285 71.15 -3.56 18.47
CA LYS E 285 70.41 -2.36 18.78
C LYS E 285 71.24 -1.17 18.33
N VAL E 286 70.72 -0.43 17.37
CA VAL E 286 71.43 0.71 16.80
C VAL E 286 70.94 1.99 17.47
N ALA E 287 71.83 2.94 17.66
CA ALA E 287 71.41 4.19 18.26
C ALA E 287 70.96 5.10 17.13
N ILE E 288 69.64 5.29 17.06
CA ILE E 288 69.03 6.01 15.96
C ILE E 288 69.13 7.51 16.19
N ARG E 289 69.08 7.91 17.47
CA ARG E 289 69.18 9.32 17.83
C ARG E 289 70.55 9.85 17.45
N SER E 290 71.57 9.04 17.70
CA SER E 290 72.94 9.39 17.35
C SER E 290 73.09 9.55 15.84
N ILE E 291 72.39 8.70 15.10
CA ILE E 291 72.42 8.75 13.64
C ILE E 291 71.74 10.00 13.10
N PHE E 292 70.52 10.25 13.55
CA PHE E 292 69.74 11.40 13.12
C PHE E 292 70.46 12.70 13.42
N GLU E 293 70.89 12.86 14.67
CA GLU E 293 71.52 14.10 15.13
C GLU E 293 72.80 14.39 14.35
N GLU E 294 73.40 13.34 13.78
CA GLU E 294 74.56 13.50 12.92
C GLU E 294 74.13 13.94 11.52
N LEU E 295 72.97 13.45 11.07
CA LEU E 295 72.48 13.77 9.73
C LEU E 295 71.98 15.21 9.66
N ILE E 296 71.20 15.62 10.65
CA ILE E 296 70.70 16.99 10.70
C ILE E 296 71.87 17.94 10.93
N TRP E 297 72.93 17.41 11.51
CA TRP E 297 74.18 18.14 11.69
C TRP E 297 74.82 18.42 10.34
N PHE E 298 74.79 17.42 9.47
CA PHE E 298 75.27 17.57 8.10
C PHE E 298 74.42 18.56 7.33
N ILE E 299 73.10 18.38 7.41
CA ILE E 299 72.15 19.20 6.68
C ILE E 299 72.29 20.68 7.02
N LYS E 300 72.49 20.98 8.30
CA LYS E 300 72.67 22.36 8.74
C LYS E 300 74.02 22.93 8.30
N GLY E 301 74.92 22.06 7.87
CA GLY E 301 76.23 22.49 7.39
C GLY E 301 77.21 22.69 8.52
N ASP E 302 76.87 22.20 9.70
CA ASP E 302 77.65 22.41 10.91
C ASP E 302 78.90 21.54 10.93
N THR E 303 80.06 22.18 11.06
CA THR E 303 81.33 21.48 11.18
C THR E 303 81.79 21.37 12.64
N ASN E 304 81.00 21.93 13.56
CA ASN E 304 81.37 21.96 14.96
C ASN E 304 81.11 20.62 15.63
N GLY E 305 82.18 20.00 16.15
CA GLY E 305 82.08 18.70 16.77
C GLY E 305 81.45 18.75 18.16
N ASN E 306 81.53 19.90 18.80
CA ASN E 306 80.98 20.06 20.15
C ASN E 306 79.46 20.04 20.15
N HIS E 307 78.86 20.52 19.07
CA HIS E 307 77.41 20.58 18.95
C HIS E 307 76.79 19.18 18.99
N LEU E 308 77.57 18.18 18.57
CA LEU E 308 77.14 16.79 18.65
C LEU E 308 77.32 16.26 20.07
N ILE E 309 78.40 16.67 20.72
CA ILE E 309 78.71 16.21 22.07
C ILE E 309 77.73 16.79 23.08
N GLU E 310 77.31 18.04 22.86
CA GLU E 310 76.33 18.69 23.73
C GLU E 310 75.00 17.94 23.70
N LYS E 311 74.72 17.31 22.56
CA LYS E 311 73.52 16.51 22.37
C LYS E 311 73.79 15.05 22.75
N LYS E 312 74.98 14.83 23.32
CA LYS E 312 75.41 13.51 23.79
C LYS E 312 75.55 12.50 22.65
N VAL E 313 76.14 12.94 21.55
CA VAL E 313 76.54 12.03 20.48
C VAL E 313 78.05 12.12 20.31
N TYR E 314 78.74 11.05 20.71
CA TYR E 314 80.18 11.05 20.84
C TYR E 314 80.93 10.42 19.66
N ILE E 315 80.21 10.03 18.61
CA ILE E 315 80.82 9.29 17.50
C ILE E 315 81.99 10.02 16.84
N TRP E 316 81.96 11.34 16.82
CA TRP E 316 83.04 12.12 16.21
C TRP E 316 84.08 12.62 17.21
N SER E 317 83.94 12.21 18.46
CA SER E 317 84.88 12.62 19.51
C SER E 317 86.28 12.10 19.25
N GLY E 318 86.36 10.87 18.74
CA GLY E 318 87.64 10.24 18.47
C GLY E 318 88.48 11.00 17.46
N ASN E 319 87.86 11.41 16.36
CA ASN E 319 88.54 12.21 15.36
C ASN E 319 88.45 13.69 15.69
N GLY E 320 87.75 13.99 16.77
CA GLY E 320 87.57 15.37 17.20
C GLY E 320 88.36 15.74 18.44
N SER E 321 89.39 14.97 18.78
CA SER E 321 90.18 15.25 19.96
C SER E 321 91.34 16.19 19.64
N LYS E 322 92.07 16.57 20.67
CA LYS E 322 93.23 17.45 20.50
C LYS E 322 94.44 16.65 20.05
N GLU E 323 94.59 15.46 20.63
CA GLU E 323 95.75 14.61 20.36
C GLU E 323 95.74 14.08 18.93
N TYR E 324 94.54 13.79 18.42
CA TYR E 324 94.41 13.28 17.06
C TYR E 324 94.70 14.36 16.02
N LEU E 325 94.24 15.59 16.31
CA LEU E 325 94.44 16.70 15.39
C LEU E 325 95.90 17.09 15.28
N GLU E 326 96.61 17.11 16.41
CA GLU E 326 98.03 17.43 16.41
C GLU E 326 98.83 16.35 15.71
N ARG E 327 98.31 15.13 15.70
CA ARG E 327 98.98 14.00 15.09
C ARG E 327 98.93 14.07 13.56
N ILE E 328 97.84 14.58 13.02
CA ILE E 328 97.68 14.70 11.57
C ILE E 328 98.11 16.06 11.05
N GLY E 329 98.65 16.89 11.93
CA GLY E 329 99.18 18.20 11.52
C GLY E 329 98.16 19.32 11.61
N LEU E 330 97.01 19.02 12.19
CA LEU E 330 95.94 20.00 12.36
C LEU E 330 95.99 20.67 13.73
N GLY E 331 97.07 20.44 14.47
CA GLY E 331 97.19 20.91 15.85
C GLY E 331 96.84 22.37 16.10
N HIS E 332 97.03 23.20 15.09
CA HIS E 332 96.63 24.61 15.15
C HIS E 332 95.14 24.76 15.43
N ARG E 333 94.36 23.78 15.01
CA ARG E 333 92.90 23.83 15.08
C ARG E 333 92.39 23.71 16.51
N GLU E 334 91.18 24.23 16.74
CA GLU E 334 90.51 24.08 18.03
C GLU E 334 90.15 22.60 18.23
N GLU E 335 89.89 22.22 19.49
CA GLU E 335 89.70 20.83 19.87
C GLU E 335 88.81 20.02 18.92
N ASN E 336 87.53 20.37 18.88
CA ASN E 336 86.57 19.59 18.10
C ASN E 336 86.29 20.11 16.69
N ASP E 337 87.02 21.14 16.27
CA ASP E 337 86.79 21.68 14.93
C ASP E 337 87.35 20.71 13.89
N LEU E 338 86.47 20.21 13.03
CA LEU E 338 86.82 19.12 12.13
C LEU E 338 87.17 19.56 10.71
N GLY E 339 87.06 20.86 10.43
CA GLY E 339 87.34 21.36 9.10
C GLY E 339 86.21 21.13 8.11
N PRO E 340 86.48 21.38 6.81
CA PRO E 340 85.49 21.28 5.74
C PRO E 340 85.04 19.85 5.47
N ILE E 341 84.39 19.24 6.45
CA ILE E 341 83.89 17.87 6.34
C ILE E 341 82.46 17.83 5.81
N TYR E 342 81.82 16.68 5.96
CA TYR E 342 80.44 16.49 5.49
C TYR E 342 79.53 17.62 5.96
N GLY E 343 78.72 18.11 5.04
CA GLY E 343 77.76 19.15 5.35
C GLY E 343 78.34 20.53 5.12
N PHE E 344 79.65 20.66 5.23
CA PHE E 344 80.30 21.88 4.79
C PHE E 344 80.27 21.84 3.28
N GLN E 345 80.77 20.74 2.72
CA GLN E 345 80.81 20.55 1.28
C GLN E 345 79.40 20.42 0.68
N TRP E 346 78.44 20.01 1.51
CA TRP E 346 77.05 19.95 1.08
C TRP E 346 76.50 21.36 0.88
N ARG E 347 76.60 22.16 1.94
CA ARG E 347 76.05 23.52 1.94
C ARG E 347 76.97 24.54 1.29
N HIS E 348 78.27 24.41 1.50
CA HIS E 348 79.23 25.31 0.86
C HIS E 348 80.35 24.54 0.17
N TYR E 349 80.37 24.55 -1.16
CA TYR E 349 81.39 23.80 -1.87
C TYR E 349 82.50 24.74 -2.36
N ASN E 350 83.74 24.30 -2.18
CA ASN E 350 84.92 25.10 -2.48
C ASN E 350 84.96 26.40 -1.69
N GLY E 351 84.25 26.44 -0.56
CA GLY E 351 84.30 27.58 0.33
C GLY E 351 85.59 27.57 1.10
N GLU E 352 86.25 28.72 1.21
CA GLU E 352 87.48 28.81 1.98
C GLU E 352 87.18 28.64 3.46
N TYR E 353 87.81 27.65 4.08
CA TYR E 353 87.52 27.33 5.48
C TYR E 353 88.45 28.06 6.43
N LYS E 354 87.87 28.79 7.37
CA LYS E 354 88.65 29.47 8.39
C LYS E 354 88.59 28.70 9.71
N THR E 355 87.45 28.79 10.39
CA THR E 355 87.18 28.01 11.59
C THR E 355 85.74 27.54 11.57
N MET E 356 85.32 26.87 12.64
CA MET E 356 83.94 26.39 12.74
C MET E 356 83.00 27.51 13.21
N HIS E 357 83.58 28.55 13.80
CA HIS E 357 82.80 29.64 14.37
C HIS E 357 82.38 30.68 13.34
N ASP E 358 83.09 30.74 12.22
CA ASP E 358 82.83 31.76 11.20
C ASP E 358 81.49 31.54 10.51
N ASP E 359 80.94 32.62 9.95
CA ASP E 359 79.66 32.54 9.25
C ASP E 359 79.89 32.32 7.76
N TYR E 360 79.55 31.13 7.29
CA TYR E 360 79.80 30.74 5.91
C TYR E 360 78.60 30.93 4.99
N THR E 361 77.53 31.52 5.50
CA THR E 361 76.36 31.79 4.68
C THR E 361 76.71 32.69 3.51
N GLY E 362 76.39 32.22 2.30
CA GLY E 362 76.65 32.98 1.09
C GLY E 362 77.89 32.54 0.32
N VAL E 363 78.81 31.87 1.00
CA VAL E 363 80.03 31.41 0.35
C VAL E 363 79.92 29.96 -0.08
N GLY E 364 80.55 29.63 -1.21
CA GLY E 364 80.57 28.26 -1.69
C GLY E 364 79.30 27.85 -2.41
N VAL E 365 79.37 26.73 -3.12
CA VAL E 365 78.22 26.19 -3.83
C VAL E 365 77.35 25.36 -2.88
N ASP E 366 76.06 25.63 -2.88
CA ASP E 366 75.14 24.84 -2.06
C ASP E 366 74.57 23.71 -2.91
N GLN E 367 75.02 22.49 -2.63
CA GLN E 367 74.56 21.33 -3.38
C GLN E 367 73.19 20.87 -2.91
N LEU E 368 73.01 20.79 -1.60
CA LEU E 368 71.77 20.33 -1.00
C LEU E 368 70.59 21.19 -1.45
N ALA E 369 70.82 22.49 -1.55
CA ALA E 369 69.79 23.41 -2.01
C ALA E 369 69.47 23.14 -3.48
N LYS E 370 70.51 23.11 -4.30
CA LYS E 370 70.34 22.87 -5.74
C LYS E 370 69.84 21.46 -5.99
N LEU E 371 70.13 20.54 -5.08
CA LEU E 371 69.64 19.16 -5.18
C LEU E 371 68.12 19.14 -5.05
N ILE E 372 67.62 19.72 -3.96
CA ILE E 372 66.19 19.78 -3.71
C ILE E 372 65.47 20.55 -4.82
N GLU E 373 66.09 21.65 -5.24
CA GLU E 373 65.52 22.49 -6.29
C GLU E 373 65.41 21.73 -7.60
N THR E 374 66.40 20.88 -7.87
CA THR E 374 66.44 20.10 -9.10
C THR E 374 65.44 18.94 -9.08
N LEU E 375 65.26 18.36 -7.89
CA LEU E 375 64.41 17.17 -7.74
C LEU E 375 62.95 17.44 -8.11
N LYS E 376 62.37 18.51 -7.58
CA LYS E 376 60.97 18.82 -7.87
C LYS E 376 60.77 19.55 -9.20
N ASN E 377 61.76 20.33 -9.61
CA ASN E 377 61.66 21.07 -10.88
C ASN E 377 61.95 20.21 -12.10
N ASN E 378 62.99 19.38 -12.01
CA ASN E 378 63.33 18.48 -13.10
C ASN E 378 63.60 17.07 -12.57
N PRO E 379 62.54 16.32 -12.30
CA PRO E 379 62.63 15.00 -11.65
C PRO E 379 63.37 13.95 -12.48
N LYS E 380 63.15 13.94 -13.79
CA LYS E 380 63.70 12.90 -14.64
C LYS E 380 65.15 13.20 -15.04
N ASP E 381 65.67 14.32 -14.53
CA ASP E 381 67.07 14.65 -14.69
C ASP E 381 67.93 13.56 -14.07
N ARG E 382 69.03 13.23 -14.73
CA ARG E 382 69.91 12.17 -14.27
C ARG E 382 71.07 12.74 -13.45
N ARG E 383 71.05 14.06 -13.27
CA ARG E 383 72.16 14.78 -12.67
C ARG E 383 72.05 15.06 -11.18
N HIS E 384 71.04 14.52 -10.49
CA HIS E 384 70.92 14.84 -9.08
C HIS E 384 72.05 14.14 -8.35
N ILE E 385 72.93 14.92 -7.74
CA ILE E 385 74.14 14.36 -7.14
C ILE E 385 74.61 15.20 -5.96
N LEU E 386 75.10 14.52 -4.92
CA LEU E 386 75.68 15.18 -3.77
C LEU E 386 77.05 14.60 -3.47
N THR E 387 78.10 15.40 -3.63
CA THR E 387 79.46 14.91 -3.42
C THR E 387 80.16 15.63 -2.26
N ALA E 388 80.78 14.85 -1.40
CA ALA E 388 81.55 15.40 -0.29
C ALA E 388 83.05 15.46 -0.58
N TRP E 389 83.48 14.94 -1.72
CA TRP E 389 84.90 14.78 -1.96
C TRP E 389 85.50 15.98 -2.72
N ASN E 390 86.27 16.78 -2.00
CA ASN E 390 86.97 17.92 -2.57
C ASN E 390 88.48 17.79 -2.39
N PRO E 391 89.21 17.53 -3.50
CA PRO E 391 90.67 17.39 -3.48
C PRO E 391 91.39 18.59 -2.84
N SER E 392 90.84 19.78 -3.00
CA SER E 392 91.44 20.99 -2.46
C SER E 392 91.32 21.06 -0.95
N ALA E 393 90.16 20.64 -0.42
CA ALA E 393 89.88 20.78 0.99
C ALA E 393 90.22 19.53 1.78
N LEU E 394 90.70 18.50 1.10
CA LEU E 394 91.00 17.21 1.74
C LEU E 394 92.01 17.34 2.88
N SER E 395 93.06 18.12 2.66
CA SER E 395 94.12 18.27 3.65
C SER E 395 93.64 19.01 4.91
N GLN E 396 92.60 19.81 4.76
CA GLN E 396 92.07 20.59 5.88
C GLN E 396 91.14 19.77 6.78
N MET E 397 90.63 18.66 6.24
CA MET E 397 89.62 17.88 6.95
C MET E 397 90.22 17.02 8.06
N ALA E 398 89.43 16.80 9.10
CA ALA E 398 89.84 15.93 10.21
C ALA E 398 89.86 14.48 9.76
N LEU E 399 89.22 14.23 8.62
CA LEU E 399 89.15 12.92 8.00
C LEU E 399 88.41 13.07 6.69
N PRO E 400 88.94 12.45 5.61
CA PRO E 400 88.32 12.54 4.29
C PRO E 400 87.00 11.80 4.23
N PRO E 401 86.11 12.20 3.32
CA PRO E 401 84.76 11.62 3.22
C PRO E 401 84.77 10.11 3.03
N CYS E 402 84.01 9.42 3.86
CA CYS E 402 83.83 7.98 3.75
C CYS E 402 82.69 7.71 2.77
N HIS E 403 81.52 8.25 3.05
CA HIS E 403 80.47 8.20 2.05
C HIS E 403 80.70 9.42 1.17
N VAL E 404 81.23 9.14 -0.02
CA VAL E 404 81.80 10.15 -0.90
C VAL E 404 80.77 10.90 -1.73
N LEU E 405 79.89 10.15 -2.39
CA LEU E 405 79.00 10.71 -3.38
C LEU E 405 77.67 9.96 -3.41
N SER E 406 76.58 10.70 -3.58
CA SER E 406 75.26 10.10 -3.65
C SER E 406 74.46 10.66 -4.82
N GLN E 407 73.75 9.77 -5.51
CA GLN E 407 72.90 10.16 -6.62
C GLN E 407 71.44 9.82 -6.32
N TYR E 408 70.52 10.68 -6.74
CA TYR E 408 69.11 10.50 -6.42
C TYR E 408 68.25 10.41 -7.67
N TYR E 409 67.18 9.62 -7.57
CA TYR E 409 66.42 9.20 -8.74
C TYR E 409 64.92 9.30 -8.48
N VAL E 410 64.22 9.98 -9.38
CA VAL E 410 62.76 10.07 -9.27
C VAL E 410 62.09 9.05 -10.19
N THR E 411 61.43 8.08 -9.59
CA THR E 411 60.73 7.04 -10.33
C THR E 411 59.42 7.59 -10.91
N ASN E 412 58.89 6.92 -11.94
CA ASN E 412 57.68 7.37 -12.61
C ASN E 412 56.45 7.37 -11.70
N ASP E 413 56.49 6.58 -10.64
CA ASP E 413 55.40 6.51 -9.67
C ASP E 413 55.64 7.50 -8.53
N ASN E 414 56.65 8.37 -8.74
CA ASN E 414 57.02 9.42 -7.79
C ASN E 414 57.56 8.89 -6.46
N CYS E 415 58.51 7.98 -6.55
CA CYS E 415 59.30 7.57 -5.40
C CYS E 415 60.73 8.07 -5.57
N LEU E 416 61.40 8.34 -4.46
CA LEU E 416 62.77 8.86 -4.50
C LEU E 416 63.79 7.80 -4.08
N SER E 417 64.60 7.37 -5.02
CA SER E 417 65.59 6.32 -4.76
C SER E 417 67.00 6.90 -4.64
N CYS E 418 67.83 6.29 -3.81
CA CYS E 418 69.14 6.82 -3.51
C CYS E 418 70.27 5.82 -3.73
N ASN E 419 71.30 6.24 -4.46
CA ASN E 419 72.54 5.49 -4.60
C ASN E 419 73.65 6.16 -3.81
N LEU E 420 74.45 5.38 -3.10
CA LEU E 420 75.56 5.93 -2.34
C LEU E 420 76.84 5.14 -2.56
N TYR E 421 77.89 5.82 -3.01
CA TYR E 421 79.21 5.19 -3.08
C TYR E 421 80.00 5.53 -1.81
N GLN E 422 80.59 4.50 -1.21
CA GLN E 422 81.35 4.65 0.01
C GLN E 422 82.75 4.09 -0.15
N ARG E 423 83.76 4.95 -0.09
CA ARG E 423 85.14 4.53 -0.36
C ARG E 423 85.67 3.59 0.71
N SER E 424 85.33 3.85 1.97
CA SER E 424 85.80 3.05 3.07
C SER E 424 84.66 2.81 4.04
N CYS E 425 84.49 1.55 4.44
CA CYS E 425 83.33 1.18 5.23
C CYS E 425 83.68 0.29 6.42
N ASP E 426 83.32 0.76 7.62
CA ASP E 426 83.45 -0.04 8.82
C ASP E 426 82.15 -0.79 9.04
N LEU E 427 82.19 -2.10 8.89
CA LEU E 427 80.98 -2.91 8.94
C LEU E 427 80.41 -3.03 10.35
N GLY E 428 81.29 -2.85 11.35
CA GLY E 428 80.87 -2.91 12.73
C GLY E 428 80.16 -1.65 13.20
N LEU E 429 80.69 -0.50 12.81
CA LEU E 429 80.20 0.77 13.33
C LEU E 429 79.62 1.69 12.24
N GLY E 430 80.48 2.11 11.32
CA GLY E 430 80.08 3.05 10.28
C GLY E 430 78.94 2.60 9.39
N SER E 431 78.98 1.35 8.95
CA SER E 431 77.98 0.83 8.02
C SER E 431 76.54 0.81 8.57
N PRO E 432 76.35 0.30 9.82
CA PRO E 432 74.99 0.39 10.36
C PRO E 432 74.46 1.83 10.40
N PHE E 433 75.36 2.78 10.64
CA PHE E 433 75.00 4.18 10.64
C PHE E 433 74.70 4.69 9.23
N ASN E 434 75.61 4.40 8.31
CA ASN E 434 75.48 4.87 6.93
C ASN E 434 74.22 4.36 6.23
N ILE E 435 73.84 3.11 6.53
CA ILE E 435 72.64 2.53 5.94
C ILE E 435 71.39 3.30 6.38
N ALA E 436 71.30 3.57 7.67
CA ALA E 436 70.14 4.26 8.24
C ALA E 436 70.18 5.76 7.95
N SER E 437 71.37 6.34 7.97
CA SER E 437 71.52 7.80 7.81
C SER E 437 71.07 8.27 6.42
N TYR E 438 71.51 7.57 5.38
CA TYR E 438 71.11 7.94 4.02
C TYR E 438 69.70 7.46 3.72
N ALA E 439 69.19 6.56 4.55
CA ALA E 439 67.80 6.15 4.45
C ALA E 439 66.89 7.26 4.97
N ILE E 440 67.33 7.91 6.05
CA ILE E 440 66.60 9.03 6.61
C ILE E 440 66.66 10.24 5.68
N LEU E 441 67.85 10.52 5.17
CA LEU E 441 68.06 11.65 4.28
C LEU E 441 67.19 11.56 3.04
N THR E 442 67.04 10.35 2.51
CA THR E 442 66.21 10.14 1.33
C THR E 442 64.75 10.41 1.67
N MET E 443 64.33 9.94 2.84
CA MET E 443 62.96 10.17 3.31
C MET E 443 62.70 11.66 3.56
N MET E 444 63.73 12.37 4.01
CA MET E 444 63.63 13.80 4.22
C MET E 444 63.54 14.54 2.89
N LEU E 445 64.43 14.19 1.97
CA LEU E 445 64.43 14.77 0.64
C LEU E 445 63.13 14.46 -0.11
N ALA E 446 62.50 13.34 0.26
CA ALA E 446 61.26 12.93 -0.38
C ALA E 446 60.09 13.80 0.06
N GLN E 447 60.02 14.09 1.36
CA GLN E 447 58.92 14.89 1.90
C GLN E 447 58.98 16.33 1.42
N VAL E 448 60.19 16.90 1.39
CA VAL E 448 60.38 18.27 0.96
C VAL E 448 60.01 18.45 -0.51
N CYS E 449 60.30 17.42 -1.31
CA CYS E 449 60.00 17.45 -2.73
C CYS E 449 58.66 16.80 -3.06
N GLY E 450 57.99 16.28 -2.03
CA GLY E 450 56.67 15.69 -2.21
C GLY E 450 56.72 14.32 -2.88
N TYR E 451 57.64 13.47 -2.44
CA TYR E 451 57.75 12.13 -2.98
C TYR E 451 57.66 11.07 -1.88
N GLU E 452 57.40 9.83 -2.30
CA GLU E 452 57.46 8.69 -1.41
C GLU E 452 58.89 8.12 -1.42
N PRO E 453 59.27 7.38 -0.37
CA PRO E 453 60.62 6.80 -0.36
C PRO E 453 60.80 5.70 -1.41
N GLY E 454 61.96 5.67 -2.05
CA GLY E 454 62.29 4.67 -3.04
C GLY E 454 63.18 3.56 -2.50
N GLU E 455 64.06 3.05 -3.34
CA GLU E 455 65.03 2.04 -2.95
C GLU E 455 66.37 2.66 -2.58
N LEU E 456 67.05 2.09 -1.60
CA LEU E 456 68.39 2.54 -1.22
C LEU E 456 69.46 1.51 -1.62
N ALA E 457 70.43 1.97 -2.42
CA ALA E 457 71.53 1.10 -2.82
C ALA E 457 72.87 1.71 -2.41
N ILE E 458 73.69 0.92 -1.73
CA ILE E 458 74.99 1.38 -1.23
C ILE E 458 76.13 0.62 -1.88
N PHE E 459 77.07 1.36 -2.46
CA PHE E 459 78.23 0.77 -3.12
C PHE E 459 79.50 1.02 -2.32
N ILE E 460 80.19 -0.05 -1.95
CA ILE E 460 81.33 0.05 -1.04
C ILE E 460 82.65 -0.32 -1.69
N GLY E 461 83.58 0.64 -1.73
CA GLY E 461 84.90 0.35 -2.25
C GLY E 461 85.67 -0.59 -1.34
N ASP E 462 85.92 -0.16 -0.11
CA ASP E 462 86.69 -0.98 0.82
C ASP E 462 85.81 -1.45 1.97
N ALA E 463 85.47 -2.73 1.95
CA ALA E 463 84.63 -3.31 2.99
C ALA E 463 85.48 -4.10 3.95
N HIS E 464 85.62 -3.60 5.17
CA HIS E 464 86.54 -4.20 6.12
C HIS E 464 85.96 -4.37 7.51
N ILE E 465 86.57 -5.28 8.27
CA ILE E 465 86.21 -5.53 9.66
C ILE E 465 87.46 -5.43 10.52
N TYR E 466 87.47 -4.46 11.44
CA TYR E 466 88.59 -4.31 12.37
C TYR E 466 88.70 -5.55 13.24
N GLU E 467 89.93 -5.96 13.54
CA GLU E 467 90.17 -7.24 14.21
C GLU E 467 89.64 -7.29 15.64
N ASN E 468 89.34 -6.13 16.21
CA ASN E 468 88.79 -6.07 17.56
C ASN E 468 87.26 -6.27 17.57
N HIS E 469 86.66 -6.22 16.38
CA HIS E 469 85.22 -6.40 16.23
C HIS E 469 84.84 -7.84 15.90
N LEU E 470 85.84 -8.71 15.80
CA LEU E 470 85.62 -10.08 15.36
C LEU E 470 84.71 -10.88 16.29
N THR E 471 84.98 -10.80 17.58
CA THR E 471 84.18 -11.51 18.57
C THR E 471 82.74 -10.98 18.59
N GLN E 472 82.60 -9.67 18.40
CA GLN E 472 81.30 -9.01 18.41
C GLN E 472 80.48 -9.32 17.16
N LEU E 473 81.11 -9.22 16.00
CA LEU E 473 80.39 -9.41 14.74
C LEU E 473 80.04 -10.87 14.48
N LYS E 474 80.79 -11.79 15.09
CA LYS E 474 80.45 -13.21 15.02
C LYS E 474 79.25 -13.48 15.91
N GLU E 475 79.13 -12.72 16.99
CA GLU E 475 77.98 -12.78 17.87
C GLU E 475 76.73 -12.28 17.15
N GLN E 476 76.88 -11.15 16.44
CA GLN E 476 75.78 -10.55 15.71
C GLN E 476 75.27 -11.48 14.61
N LEU E 477 76.18 -12.28 14.05
CA LEU E 477 75.83 -13.20 12.98
C LEU E 477 75.05 -14.42 13.48
N SER E 478 75.05 -14.63 14.79
CA SER E 478 74.36 -15.77 15.38
C SER E 478 72.88 -15.49 15.60
N ARG E 479 72.46 -14.27 15.25
CA ARG E 479 71.09 -13.82 15.53
C ARG E 479 70.23 -13.78 14.27
N THR E 480 69.15 -14.56 14.27
CA THR E 480 68.22 -14.58 13.15
C THR E 480 67.45 -13.26 13.09
N PRO E 481 67.49 -12.58 11.92
CA PRO E 481 66.91 -11.25 11.74
C PRO E 481 65.42 -11.15 12.04
N ARG E 482 65.01 -9.98 12.51
CA ARG E 482 63.61 -9.68 12.75
C ARG E 482 63.20 -8.57 11.78
N PRO E 483 61.89 -8.49 11.44
CA PRO E 483 61.41 -7.53 10.45
C PRO E 483 61.81 -6.09 10.74
N PHE E 484 62.16 -5.36 9.70
CA PHE E 484 62.55 -3.95 9.80
C PHE E 484 61.44 -3.12 10.44
N PRO E 485 61.83 -2.09 11.21
CA PRO E 485 60.85 -1.17 11.81
C PRO E 485 60.23 -0.23 10.79
N GLN E 486 59.44 0.73 11.28
CA GLN E 486 58.89 1.77 10.43
C GLN E 486 59.32 3.13 10.93
N LEU E 487 59.51 4.07 10.01
CA LEU E 487 59.88 5.43 10.39
C LEU E 487 58.96 6.44 9.73
N LYS E 488 58.23 7.19 10.55
CA LYS E 488 57.30 8.19 10.06
C LYS E 488 57.60 9.56 10.67
N PHE E 489 57.37 10.62 9.88
CA PHE E 489 57.56 11.98 10.36
C PHE E 489 56.26 12.50 10.97
N LYS E 490 56.37 13.18 12.11
CA LYS E 490 55.19 13.66 12.82
C LYS E 490 54.66 14.98 12.25
N ARG E 491 55.48 15.66 11.46
CA ARG E 491 55.07 16.91 10.83
C ARG E 491 55.81 17.15 9.52
N LYS E 492 55.23 17.94 8.64
CA LYS E 492 55.89 18.30 7.40
C LYS E 492 56.55 19.66 7.51
N VAL E 493 57.88 19.66 7.45
CA VAL E 493 58.65 20.90 7.57
C VAL E 493 58.63 21.68 6.25
N GLU E 494 58.78 23.00 6.36
CA GLU E 494 58.88 23.84 5.17
C GLU E 494 60.28 23.78 4.57
N ASN E 495 61.28 23.78 5.44
CA ASN E 495 62.66 23.63 5.00
C ASN E 495 63.30 22.40 5.64
N ILE E 496 64.21 21.76 4.91
CA ILE E 496 64.80 20.50 5.35
C ILE E 496 65.65 20.65 6.62
N GLU E 497 66.04 21.88 6.94
CA GLU E 497 66.86 22.14 8.11
C GLU E 497 66.03 22.17 9.40
N ASP E 498 64.71 22.18 9.25
CA ASP E 498 63.80 22.38 10.37
C ASP E 498 63.46 21.08 11.10
N PHE E 499 64.01 19.97 10.64
CA PHE E 499 63.75 18.67 11.26
C PHE E 499 64.32 18.58 12.66
N LYS E 500 63.52 18.05 13.59
CA LYS E 500 63.94 17.84 14.96
C LYS E 500 63.76 16.38 15.35
N TRP E 501 64.45 15.95 16.41
CA TRP E 501 64.41 14.55 16.82
C TRP E 501 63.02 14.12 17.28
N GLU E 502 62.27 15.06 17.83
CA GLU E 502 60.93 14.79 18.34
C GLU E 502 59.97 14.49 17.20
N ASP E 503 60.33 14.94 16.00
CA ASP E 503 59.47 14.76 14.82
C ASP E 503 59.49 13.33 14.32
N ILE E 504 60.47 12.54 14.77
CA ILE E 504 60.65 11.18 14.28
C ILE E 504 59.98 10.14 15.16
N GLU E 505 59.13 9.32 14.54
CA GLU E 505 58.45 8.25 15.24
C GLU E 505 58.91 6.89 14.70
N LEU E 506 59.63 6.14 15.53
CA LEU E 506 60.14 4.83 15.14
C LEU E 506 59.19 3.74 15.59
N ILE E 507 58.56 3.07 14.63
CA ILE E 507 57.46 2.15 14.91
C ILE E 507 57.82 0.68 14.73
N GLY E 508 57.72 -0.09 15.81
CA GLY E 508 57.93 -1.53 15.74
C GLY E 508 59.38 -1.97 15.64
N TYR E 509 60.25 -1.29 16.36
CA TYR E 509 61.66 -1.66 16.39
C TYR E 509 61.95 -2.55 17.60
N TYR E 510 62.24 -3.82 17.34
CA TYR E 510 62.51 -4.77 18.40
C TYR E 510 63.78 -5.55 18.14
N PRO E 511 64.94 -4.90 18.32
CA PRO E 511 66.22 -5.51 17.97
C PRO E 511 66.75 -6.47 19.03
N TYR E 512 67.88 -7.09 18.73
CA TYR E 512 68.62 -7.86 19.70
C TYR E 512 69.41 -6.88 20.58
N PRO E 513 69.90 -7.32 21.75
CA PRO E 513 70.66 -6.43 22.62
C PRO E 513 71.84 -5.75 21.93
N THR E 514 72.10 -4.49 22.30
CA THR E 514 73.16 -3.71 21.68
C THR E 514 74.53 -4.36 21.88
N ILE E 515 75.37 -4.26 20.85
CA ILE E 515 76.70 -4.84 20.88
C ILE E 515 77.77 -3.75 20.87
N LYS E 516 78.60 -3.75 21.91
CA LYS E 516 79.63 -2.71 22.07
C LYS E 516 80.86 -2.99 21.21
N MET E 517 81.25 -2.01 20.40
CA MET E 517 82.43 -2.12 19.56
C MET E 517 83.24 -0.83 19.57
N ASP E 518 84.53 -0.95 19.86
CA ASP E 518 85.40 0.21 19.99
C ASP E 518 85.87 0.75 18.64
N MET E 519 85.71 2.05 18.44
CA MET E 519 86.11 2.70 17.19
C MET E 519 87.62 2.87 17.08
N ALA E 520 88.15 2.50 15.92
CA ALA E 520 89.57 2.70 15.65
C ALA E 520 89.83 4.15 15.23
N VAL E 521 90.66 4.85 15.99
CA VAL E 521 90.92 6.27 15.74
C VAL E 521 92.13 6.48 14.84
#